data_3EY5
# 
_entry.id   3EY5 
# 
_audit_conform.dict_name       mmcif_pdbx.dic 
_audit_conform.dict_version    5.399 
_audit_conform.dict_location   http://mmcif.pdb.org/dictionaries/ascii/mmcif_pdbx.dic 
# 
loop_
_database_2.database_id 
_database_2.database_code 
_database_2.pdbx_database_accession 
_database_2.pdbx_DOI 
PDB   3EY5         pdb_00003ey5 10.2210/pdb3ey5/pdb 
RCSB  RCSB049913   ?            ?                   
WWPDB D_1000049913 ?            ?                   
# 
loop_
_pdbx_audit_revision_history.ordinal 
_pdbx_audit_revision_history.data_content_type 
_pdbx_audit_revision_history.major_revision 
_pdbx_audit_revision_history.minor_revision 
_pdbx_audit_revision_history.revision_date 
1 'Structure model' 1 0 2008-11-18 
2 'Structure model' 1 1 2011-07-13 
3 'Structure model' 1 2 2023-12-27 
4 'Structure model' 1 3 2024-11-20 
# 
_pdbx_audit_revision_details.ordinal             1 
_pdbx_audit_revision_details.revision_ordinal    1 
_pdbx_audit_revision_details.data_content_type   'Structure model' 
_pdbx_audit_revision_details.provider            repository 
_pdbx_audit_revision_details.type                'Initial release' 
_pdbx_audit_revision_details.description         ? 
_pdbx_audit_revision_details.details             ? 
# 
loop_
_pdbx_audit_revision_group.ordinal 
_pdbx_audit_revision_group.revision_ordinal 
_pdbx_audit_revision_group.data_content_type 
_pdbx_audit_revision_group.group 
1 2 'Structure model' Advisory                    
2 2 'Structure model' 'Version format compliance' 
3 3 'Structure model' 'Data collection'           
4 3 'Structure model' 'Database references'       
5 3 'Structure model' 'Derived calculations'      
6 4 'Structure model' 'Structure summary'         
# 
loop_
_pdbx_audit_revision_category.ordinal 
_pdbx_audit_revision_category.revision_ordinal 
_pdbx_audit_revision_category.data_content_type 
_pdbx_audit_revision_category.category 
1 3 'Structure model' chem_comp_atom            
2 3 'Structure model' chem_comp_bond            
3 3 'Structure model' database_2                
4 3 'Structure model' struct_conn               
5 3 'Structure model' struct_site               
6 4 'Structure model' pdbx_entry_details        
7 4 'Structure model' pdbx_modification_feature 
# 
loop_
_pdbx_audit_revision_item.ordinal 
_pdbx_audit_revision_item.revision_ordinal 
_pdbx_audit_revision_item.data_content_type 
_pdbx_audit_revision_item.item 
1 3 'Structure model' '_database_2.pdbx_DOI'                
2 3 'Structure model' '_database_2.pdbx_database_accession' 
3 3 'Structure model' '_struct_conn.pdbx_leaving_atom_flag' 
4 3 'Structure model' '_struct_site.pdbx_auth_asym_id'      
5 3 'Structure model' '_struct_site.pdbx_auth_comp_id'      
6 3 'Structure model' '_struct_site.pdbx_auth_seq_id'       
# 
_pdbx_database_status.entry_id                        3EY5 
_pdbx_database_status.deposit_site                    RCSB 
_pdbx_database_status.process_site                    RCSB 
_pdbx_database_status.recvd_initial_deposition_date   2008-10-17 
_pdbx_database_status.status_code                     REL 
_pdbx_database_status.status_code_sf                  REL 
_pdbx_database_status.status_code_mr                  ? 
_pdbx_database_status.SG_entry                        Y 
_pdbx_database_status.pdb_format_compatible           Y 
_pdbx_database_status.status_code_cs                  ? 
_pdbx_database_status.status_code_nmr_data            ? 
_pdbx_database_status.methods_development_category    ? 
# 
_pdbx_database_related.db_name        TargetDB 
_pdbx_database_related.db_id          APC60148 
_pdbx_database_related.details        . 
_pdbx_database_related.content_type   unspecified 
# 
loop_
_audit_author.name 
_audit_author.pdbx_ordinal 
'Osipiuk, J.'                                   1 
'Bigelow, L.'                                   2 
'Clancy, S.'                                    3 
'Joachimiak, A.'                                4 
'Midwest Center for Structural Genomics (MCSG)' 5 
# 
_citation.id                        primary 
_citation.title                     
'X-ray crystal structure of putative acetyltransferase from GNAT family from Bacteroides thetaiotaomicron.' 
_citation.journal_abbrev            'To be Published' 
_citation.journal_volume            ? 
_citation.page_first                ? 
_citation.page_last                 ? 
_citation.year                      ? 
_citation.journal_id_ASTM           ? 
_citation.country                   ? 
_citation.journal_id_ISSN           ? 
_citation.journal_id_CSD            0353 
_citation.book_publisher            ? 
_citation.pdbx_database_id_PubMed   ? 
_citation.pdbx_database_id_DOI      ? 
# 
loop_
_citation_author.citation_id 
_citation_author.name 
_citation_author.ordinal 
_citation_author.identifier_ORCID 
primary 'Osipiuk, J.'    1 ? 
primary 'Bigelow, L.'    2 ? 
primary 'Clancy, S.'     3 ? 
primary 'Joachimiak, A.' 4 ? 
# 
loop_
_entity.id 
_entity.type 
_entity.src_method 
_entity.pdbx_description 
_entity.formula_weight 
_entity.pdbx_number_of_molecules 
_entity.pdbx_ec 
_entity.pdbx_mutation 
_entity.pdbx_fragment 
_entity.details 
1 polymer     man 'Acetyltransferase-like, GNAT family' 22193.189 1  ? ? ? ? 
2 non-polymer syn 'SULFATE ION'                         96.063    2  ? ? ? ? 
3 water       nat water                                 18.015    40 ? ? ? ? 
# 
_entity_poly.entity_id                      1 
_entity_poly.type                           'polypeptide(L)' 
_entity_poly.nstd_linkage                   no 
_entity_poly.nstd_monomer                   yes 
_entity_poly.pdbx_seq_one_letter_code       
;SNA(MSE)IRFQPITTSDVQHYKF(MSE)EELLVESFPPEEYRELEHLREYTDRIGNFHNNIIFDDDLPIGFITYWDFDE
FYYVEHFATNPALRNGGYGKRTLEHLCEFLKRPIVLEVERPVEE(MSE)AKRRINFYQRHGFTLWEKDYYQPPYKEGDDF
LP(MSE)YL(MSE)VHGNLDAEKDYEGIRHKLHTIVYGVKE
;
_entity_poly.pdbx_seq_one_letter_code_can   
;SNAMIRFQPITTSDVQHYKFMEELLVESFPPEEYRELEHLREYTDRIGNFHNNIIFDDDLPIGFITYWDFDEFYYVEHFA
TNPALRNGGYGKRTLEHLCEFLKRPIVLEVERPVEEMAKRRINFYQRHGFTLWEKDYYQPPYKEGDDFLPMYLMVHGNLD
AEKDYEGIRHKLHTIVYGVKE
;
_entity_poly.pdbx_strand_id                 A 
_entity_poly.pdbx_target_identifier         APC60148 
# 
loop_
_pdbx_entity_nonpoly.entity_id 
_pdbx_entity_nonpoly.name 
_pdbx_entity_nonpoly.comp_id 
2 'SULFATE ION' SO4 
3 water         HOH 
# 
loop_
_entity_poly_seq.entity_id 
_entity_poly_seq.num 
_entity_poly_seq.mon_id 
_entity_poly_seq.hetero 
1 1   SER n 
1 2   ASN n 
1 3   ALA n 
1 4   MSE n 
1 5   ILE n 
1 6   ARG n 
1 7   PHE n 
1 8   GLN n 
1 9   PRO n 
1 10  ILE n 
1 11  THR n 
1 12  THR n 
1 13  SER n 
1 14  ASP n 
1 15  VAL n 
1 16  GLN n 
1 17  HIS n 
1 18  TYR n 
1 19  LYS n 
1 20  PHE n 
1 21  MSE n 
1 22  GLU n 
1 23  GLU n 
1 24  LEU n 
1 25  LEU n 
1 26  VAL n 
1 27  GLU n 
1 28  SER n 
1 29  PHE n 
1 30  PRO n 
1 31  PRO n 
1 32  GLU n 
1 33  GLU n 
1 34  TYR n 
1 35  ARG n 
1 36  GLU n 
1 37  LEU n 
1 38  GLU n 
1 39  HIS n 
1 40  LEU n 
1 41  ARG n 
1 42  GLU n 
1 43  TYR n 
1 44  THR n 
1 45  ASP n 
1 46  ARG n 
1 47  ILE n 
1 48  GLY n 
1 49  ASN n 
1 50  PHE n 
1 51  HIS n 
1 52  ASN n 
1 53  ASN n 
1 54  ILE n 
1 55  ILE n 
1 56  PHE n 
1 57  ASP n 
1 58  ASP n 
1 59  ASP n 
1 60  LEU n 
1 61  PRO n 
1 62  ILE n 
1 63  GLY n 
1 64  PHE n 
1 65  ILE n 
1 66  THR n 
1 67  TYR n 
1 68  TRP n 
1 69  ASP n 
1 70  PHE n 
1 71  ASP n 
1 72  GLU n 
1 73  PHE n 
1 74  TYR n 
1 75  TYR n 
1 76  VAL n 
1 77  GLU n 
1 78  HIS n 
1 79  PHE n 
1 80  ALA n 
1 81  THR n 
1 82  ASN n 
1 83  PRO n 
1 84  ALA n 
1 85  LEU n 
1 86  ARG n 
1 87  ASN n 
1 88  GLY n 
1 89  GLY n 
1 90  TYR n 
1 91  GLY n 
1 92  LYS n 
1 93  ARG n 
1 94  THR n 
1 95  LEU n 
1 96  GLU n 
1 97  HIS n 
1 98  LEU n 
1 99  CYS n 
1 100 GLU n 
1 101 PHE n 
1 102 LEU n 
1 103 LYS n 
1 104 ARG n 
1 105 PRO n 
1 106 ILE n 
1 107 VAL n 
1 108 LEU n 
1 109 GLU n 
1 110 VAL n 
1 111 GLU n 
1 112 ARG n 
1 113 PRO n 
1 114 VAL n 
1 115 GLU n 
1 116 GLU n 
1 117 MSE n 
1 118 ALA n 
1 119 LYS n 
1 120 ARG n 
1 121 ARG n 
1 122 ILE n 
1 123 ASN n 
1 124 PHE n 
1 125 TYR n 
1 126 GLN n 
1 127 ARG n 
1 128 HIS n 
1 129 GLY n 
1 130 PHE n 
1 131 THR n 
1 132 LEU n 
1 133 TRP n 
1 134 GLU n 
1 135 LYS n 
1 136 ASP n 
1 137 TYR n 
1 138 TYR n 
1 139 GLN n 
1 140 PRO n 
1 141 PRO n 
1 142 TYR n 
1 143 LYS n 
1 144 GLU n 
1 145 GLY n 
1 146 ASP n 
1 147 ASP n 
1 148 PHE n 
1 149 LEU n 
1 150 PRO n 
1 151 MSE n 
1 152 TYR n 
1 153 LEU n 
1 154 MSE n 
1 155 VAL n 
1 156 HIS n 
1 157 GLY n 
1 158 ASN n 
1 159 LEU n 
1 160 ASP n 
1 161 ALA n 
1 162 GLU n 
1 163 LYS n 
1 164 ASP n 
1 165 TYR n 
1 166 GLU n 
1 167 GLY n 
1 168 ILE n 
1 169 ARG n 
1 170 HIS n 
1 171 LYS n 
1 172 LEU n 
1 173 HIS n 
1 174 THR n 
1 175 ILE n 
1 176 VAL n 
1 177 TYR n 
1 178 GLY n 
1 179 VAL n 
1 180 LYS n 
1 181 GLU n 
# 
_entity_src_gen.entity_id                          1 
_entity_src_gen.pdbx_src_id                        1 
_entity_src_gen.pdbx_alt_source_flag               sample 
_entity_src_gen.pdbx_seq_type                      ? 
_entity_src_gen.pdbx_beg_seq_num                   ? 
_entity_src_gen.pdbx_end_seq_num                   ? 
_entity_src_gen.gene_src_common_name               ? 
_entity_src_gen.gene_src_genus                     ? 
_entity_src_gen.pdbx_gene_src_gene                 BT_2051 
_entity_src_gen.gene_src_species                   ? 
_entity_src_gen.gene_src_strain                    VPI-5482 
_entity_src_gen.gene_src_tissue                    ? 
_entity_src_gen.gene_src_tissue_fraction           ? 
_entity_src_gen.gene_src_details                   ? 
_entity_src_gen.pdbx_gene_src_fragment             ? 
_entity_src_gen.pdbx_gene_src_scientific_name      'Bacteroides thetaiotaomicron' 
_entity_src_gen.pdbx_gene_src_ncbi_taxonomy_id     818 
_entity_src_gen.pdbx_gene_src_variant              ? 
_entity_src_gen.pdbx_gene_src_cell_line            ? 
_entity_src_gen.pdbx_gene_src_atcc                 ? 
_entity_src_gen.pdbx_gene_src_organ                ? 
_entity_src_gen.pdbx_gene_src_organelle            ? 
_entity_src_gen.pdbx_gene_src_cell                 ? 
_entity_src_gen.pdbx_gene_src_cellular_location    ? 
_entity_src_gen.host_org_common_name               ? 
_entity_src_gen.pdbx_host_org_scientific_name      'Escherichia coli' 
_entity_src_gen.pdbx_host_org_ncbi_taxonomy_id     562 
_entity_src_gen.host_org_genus                     ? 
_entity_src_gen.pdbx_host_org_gene                 ? 
_entity_src_gen.pdbx_host_org_organ                ? 
_entity_src_gen.host_org_species                   ? 
_entity_src_gen.pdbx_host_org_tissue               ? 
_entity_src_gen.pdbx_host_org_tissue_fraction      ? 
_entity_src_gen.pdbx_host_org_strain               'BL21(DE3)' 
_entity_src_gen.pdbx_host_org_variant              ? 
_entity_src_gen.pdbx_host_org_cell_line            ? 
_entity_src_gen.pdbx_host_org_atcc                 ? 
_entity_src_gen.pdbx_host_org_culture_collection   ? 
_entity_src_gen.pdbx_host_org_cell                 ? 
_entity_src_gen.pdbx_host_org_organelle            ? 
_entity_src_gen.pdbx_host_org_cellular_location    ? 
_entity_src_gen.pdbx_host_org_vector_type          plasmid 
_entity_src_gen.pdbx_host_org_vector               ? 
_entity_src_gen.host_org_details                   ? 
_entity_src_gen.expression_system_id               ? 
_entity_src_gen.plasmid_name                       pMCSG7 
_entity_src_gen.plasmid_details                    ? 
_entity_src_gen.pdbx_description                   ? 
# 
loop_
_chem_comp.id 
_chem_comp.type 
_chem_comp.mon_nstd_flag 
_chem_comp.name 
_chem_comp.pdbx_synonyms 
_chem_comp.formula 
_chem_comp.formula_weight 
ALA 'L-peptide linking' y ALANINE          ? 'C3 H7 N O2'     89.093  
ARG 'L-peptide linking' y ARGININE         ? 'C6 H15 N4 O2 1' 175.209 
ASN 'L-peptide linking' y ASPARAGINE       ? 'C4 H8 N2 O3'    132.118 
ASP 'L-peptide linking' y 'ASPARTIC ACID'  ? 'C4 H7 N O4'     133.103 
CYS 'L-peptide linking' y CYSTEINE         ? 'C3 H7 N O2 S'   121.158 
GLN 'L-peptide linking' y GLUTAMINE        ? 'C5 H10 N2 O3'   146.144 
GLU 'L-peptide linking' y 'GLUTAMIC ACID'  ? 'C5 H9 N O4'     147.129 
GLY 'peptide linking'   y GLYCINE          ? 'C2 H5 N O2'     75.067  
HIS 'L-peptide linking' y HISTIDINE        ? 'C6 H10 N3 O2 1' 156.162 
HOH non-polymer         . WATER            ? 'H2 O'           18.015  
ILE 'L-peptide linking' y ISOLEUCINE       ? 'C6 H13 N O2'    131.173 
LEU 'L-peptide linking' y LEUCINE          ? 'C6 H13 N O2'    131.173 
LYS 'L-peptide linking' y LYSINE           ? 'C6 H15 N2 O2 1' 147.195 
MSE 'L-peptide linking' n SELENOMETHIONINE ? 'C5 H11 N O2 Se' 196.106 
PHE 'L-peptide linking' y PHENYLALANINE    ? 'C9 H11 N O2'    165.189 
PRO 'L-peptide linking' y PROLINE          ? 'C5 H9 N O2'     115.130 
SER 'L-peptide linking' y SERINE           ? 'C3 H7 N O3'     105.093 
SO4 non-polymer         . 'SULFATE ION'    ? 'O4 S -2'        96.063  
THR 'L-peptide linking' y THREONINE        ? 'C4 H9 N O3'     119.119 
TRP 'L-peptide linking' y TRYPTOPHAN       ? 'C11 H12 N2 O2'  204.225 
TYR 'L-peptide linking' y TYROSINE         ? 'C9 H11 N O3'    181.189 
VAL 'L-peptide linking' y VALINE           ? 'C5 H11 N O2'    117.146 
# 
loop_
_pdbx_poly_seq_scheme.asym_id 
_pdbx_poly_seq_scheme.entity_id 
_pdbx_poly_seq_scheme.seq_id 
_pdbx_poly_seq_scheme.mon_id 
_pdbx_poly_seq_scheme.ndb_seq_num 
_pdbx_poly_seq_scheme.pdb_seq_num 
_pdbx_poly_seq_scheme.auth_seq_num 
_pdbx_poly_seq_scheme.pdb_mon_id 
_pdbx_poly_seq_scheme.auth_mon_id 
_pdbx_poly_seq_scheme.pdb_strand_id 
_pdbx_poly_seq_scheme.pdb_ins_code 
_pdbx_poly_seq_scheme.hetero 
A 1 1   SER 1   -2  ?   ?   ?   A . n 
A 1 2   ASN 2   -1  ?   ?   ?   A . n 
A 1 3   ALA 3   0   ?   ?   ?   A . n 
A 1 4   MSE 4   1   ?   ?   ?   A . n 
A 1 5   ILE 5   2   2   ILE ILE A . n 
A 1 6   ARG 6   3   3   ARG ARG A . n 
A 1 7   PHE 7   4   4   PHE PHE A . n 
A 1 8   GLN 8   5   5   GLN GLN A . n 
A 1 9   PRO 9   6   6   PRO PRO A . n 
A 1 10  ILE 10  7   7   ILE ILE A . n 
A 1 11  THR 11  8   8   THR THR A . n 
A 1 12  THR 12  9   9   THR THR A . n 
A 1 13  SER 13  10  10  SER SER A . n 
A 1 14  ASP 14  11  11  ASP ASP A . n 
A 1 15  VAL 15  12  12  VAL VAL A . n 
A 1 16  GLN 16  13  13  GLN GLN A . n 
A 1 17  HIS 17  14  14  HIS HIS A . n 
A 1 18  TYR 18  15  15  TYR TYR A . n 
A 1 19  LYS 19  16  16  LYS LYS A . n 
A 1 20  PHE 20  17  17  PHE PHE A . n 
A 1 21  MSE 21  18  18  MSE MSE A . n 
A 1 22  GLU 22  19  19  GLU GLU A . n 
A 1 23  GLU 23  20  20  GLU GLU A . n 
A 1 24  LEU 24  21  21  LEU LEU A . n 
A 1 25  LEU 25  22  22  LEU LEU A . n 
A 1 26  VAL 26  23  23  VAL VAL A . n 
A 1 27  GLU 27  24  24  GLU GLU A . n 
A 1 28  SER 28  25  25  SER SER A . n 
A 1 29  PHE 29  26  26  PHE PHE A . n 
A 1 30  PRO 30  27  27  PRO PRO A . n 
A 1 31  PRO 31  28  28  PRO PRO A . n 
A 1 32  GLU 32  29  29  GLU GLU A . n 
A 1 33  GLU 33  30  30  GLU GLU A . n 
A 1 34  TYR 34  31  31  TYR TYR A . n 
A 1 35  ARG 35  32  32  ARG ARG A . n 
A 1 36  GLU 36  33  33  GLU GLU A . n 
A 1 37  LEU 37  34  34  LEU LEU A . n 
A 1 38  GLU 38  35  35  GLU GLU A . n 
A 1 39  HIS 39  36  36  HIS HIS A . n 
A 1 40  LEU 40  37  37  LEU LEU A . n 
A 1 41  ARG 41  38  38  ARG ARG A . n 
A 1 42  GLU 42  39  39  GLU GLU A . n 
A 1 43  TYR 43  40  40  TYR TYR A . n 
A 1 44  THR 44  41  41  THR THR A . n 
A 1 45  ASP 45  42  42  ASP ASP A . n 
A 1 46  ARG 46  43  43  ARG ARG A . n 
A 1 47  ILE 47  44  44  ILE ILE A . n 
A 1 48  GLY 48  45  45  GLY GLY A . n 
A 1 49  ASN 49  46  46  ASN ASN A . n 
A 1 50  PHE 50  47  47  PHE PHE A . n 
A 1 51  HIS 51  48  48  HIS HIS A . n 
A 1 52  ASN 52  49  49  ASN ASN A . n 
A 1 53  ASN 53  50  50  ASN ASN A . n 
A 1 54  ILE 54  51  51  ILE ILE A . n 
A 1 55  ILE 55  52  52  ILE ILE A . n 
A 1 56  PHE 56  53  53  PHE PHE A . n 
A 1 57  ASP 57  54  54  ASP ASP A . n 
A 1 58  ASP 58  55  55  ASP ASP A . n 
A 1 59  ASP 59  56  56  ASP ASP A . n 
A 1 60  LEU 60  57  57  LEU LEU A . n 
A 1 61  PRO 61  58  58  PRO PRO A . n 
A 1 62  ILE 62  59  59  ILE ILE A . n 
A 1 63  GLY 63  60  60  GLY GLY A . n 
A 1 64  PHE 64  61  61  PHE PHE A . n 
A 1 65  ILE 65  62  62  ILE ILE A . n 
A 1 66  THR 66  63  63  THR THR A . n 
A 1 67  TYR 67  64  64  TYR TYR A . n 
A 1 68  TRP 68  65  65  TRP TRP A . n 
A 1 69  ASP 69  66  66  ASP ASP A . n 
A 1 70  PHE 70  67  67  PHE PHE A . n 
A 1 71  ASP 71  68  68  ASP ASP A . n 
A 1 72  GLU 72  69  69  GLU GLU A . n 
A 1 73  PHE 73  70  70  PHE PHE A . n 
A 1 74  TYR 74  71  71  TYR TYR A . n 
A 1 75  TYR 75  72  72  TYR TYR A . n 
A 1 76  VAL 76  73  73  VAL VAL A . n 
A 1 77  GLU 77  74  74  GLU GLU A . n 
A 1 78  HIS 78  75  75  HIS HIS A . n 
A 1 79  PHE 79  76  76  PHE PHE A . n 
A 1 80  ALA 80  77  77  ALA ALA A . n 
A 1 81  THR 81  78  78  THR THR A . n 
A 1 82  ASN 82  79  79  ASN ASN A . n 
A 1 83  PRO 83  80  80  PRO PRO A . n 
A 1 84  ALA 84  81  81  ALA ALA A . n 
A 1 85  LEU 85  82  82  LEU LEU A . n 
A 1 86  ARG 86  83  83  ARG ARG A . n 
A 1 87  ASN 87  84  84  ASN ASN A . n 
A 1 88  GLY 88  85  85  GLY GLY A . n 
A 1 89  GLY 89  86  86  GLY GLY A . n 
A 1 90  TYR 90  87  87  TYR TYR A . n 
A 1 91  GLY 91  88  88  GLY GLY A . n 
A 1 92  LYS 92  89  89  LYS LYS A . n 
A 1 93  ARG 93  90  90  ARG ARG A . n 
A 1 94  THR 94  91  91  THR THR A . n 
A 1 95  LEU 95  92  92  LEU LEU A . n 
A 1 96  GLU 96  93  93  GLU GLU A . n 
A 1 97  HIS 97  94  94  HIS HIS A . n 
A 1 98  LEU 98  95  95  LEU LEU A . n 
A 1 99  CYS 99  96  96  CYS CYS A . n 
A 1 100 GLU 100 97  97  GLU GLU A . n 
A 1 101 PHE 101 98  98  PHE PHE A . n 
A 1 102 LEU 102 99  99  LEU LEU A . n 
A 1 103 LYS 103 100 100 LYS LYS A . n 
A 1 104 ARG 104 101 101 ARG ARG A . n 
A 1 105 PRO 105 102 102 PRO PRO A . n 
A 1 106 ILE 106 103 103 ILE ILE A . n 
A 1 107 VAL 107 104 104 VAL VAL A . n 
A 1 108 LEU 108 105 105 LEU LEU A . n 
A 1 109 GLU 109 106 106 GLU GLU A . n 
A 1 110 VAL 110 107 107 VAL VAL A . n 
A 1 111 GLU 111 108 108 GLU GLU A . n 
A 1 112 ARG 112 109 109 ARG ARG A . n 
A 1 113 PRO 113 110 110 PRO PRO A . n 
A 1 114 VAL 114 111 111 VAL VAL A . n 
A 1 115 GLU 115 112 112 GLU GLU A . n 
A 1 116 GLU 116 113 113 GLU GLU A . n 
A 1 117 MSE 117 114 114 MSE MSE A . n 
A 1 118 ALA 118 115 115 ALA ALA A . n 
A 1 119 LYS 119 116 116 LYS LYS A . n 
A 1 120 ARG 120 117 117 ARG ARG A . n 
A 1 121 ARG 121 118 118 ARG ARG A . n 
A 1 122 ILE 122 119 119 ILE ILE A . n 
A 1 123 ASN 123 120 120 ASN ASN A . n 
A 1 124 PHE 124 121 121 PHE PHE A . n 
A 1 125 TYR 125 122 122 TYR TYR A . n 
A 1 126 GLN 126 123 123 GLN GLN A . n 
A 1 127 ARG 127 124 124 ARG ARG A . n 
A 1 128 HIS 128 125 125 HIS HIS A . n 
A 1 129 GLY 129 126 126 GLY GLY A . n 
A 1 130 PHE 130 127 127 PHE PHE A . n 
A 1 131 THR 131 128 128 THR THR A . n 
A 1 132 LEU 132 129 129 LEU LEU A . n 
A 1 133 TRP 133 130 130 TRP TRP A . n 
A 1 134 GLU 134 131 131 GLU GLU A . n 
A 1 135 LYS 135 132 132 LYS LYS A . n 
A 1 136 ASP 136 133 133 ASP ASP A . n 
A 1 137 TYR 137 134 134 TYR TYR A . n 
A 1 138 TYR 138 135 135 TYR TYR A . n 
A 1 139 GLN 139 136 136 GLN GLN A . n 
A 1 140 PRO 140 137 137 PRO PRO A . n 
A 1 141 PRO 141 138 138 PRO PRO A . n 
A 1 142 TYR 142 139 139 TYR TYR A . n 
A 1 143 LYS 143 140 140 LYS LYS A . n 
A 1 144 GLU 144 141 141 GLU GLU A . n 
A 1 145 GLY 145 142 142 GLY GLY A . n 
A 1 146 ASP 146 143 143 ASP ASP A . n 
A 1 147 ASP 147 144 144 ASP ASP A . n 
A 1 148 PHE 148 145 145 PHE PHE A . n 
A 1 149 LEU 149 146 146 LEU LEU A . n 
A 1 150 PRO 150 147 147 PRO PRO A . n 
A 1 151 MSE 151 148 148 MSE MSE A . n 
A 1 152 TYR 152 149 149 TYR TYR A . n 
A 1 153 LEU 153 150 150 LEU LEU A . n 
A 1 154 MSE 154 151 151 MSE MSE A . n 
A 1 155 VAL 155 152 152 VAL VAL A . n 
A 1 156 HIS 156 153 153 HIS HIS A . n 
A 1 157 GLY 157 154 154 GLY GLY A . n 
A 1 158 ASN 158 155 155 ASN ASN A . n 
A 1 159 LEU 159 156 156 LEU LEU A . n 
A 1 160 ASP 160 157 157 ASP ASP A . n 
A 1 161 ALA 161 158 158 ALA ALA A . n 
A 1 162 GLU 162 159 159 GLU GLU A . n 
A 1 163 LYS 163 160 160 LYS LYS A . n 
A 1 164 ASP 164 161 161 ASP ASP A . n 
A 1 165 TYR 165 162 162 TYR TYR A . n 
A 1 166 GLU 166 163 163 GLU GLU A . n 
A 1 167 GLY 167 164 164 GLY GLY A . n 
A 1 168 ILE 168 165 165 ILE ILE A . n 
A 1 169 ARG 169 166 166 ARG ARG A . n 
A 1 170 HIS 170 167 167 HIS HIS A . n 
A 1 171 LYS 171 168 168 LYS LYS A . n 
A 1 172 LEU 172 169 169 LEU LEU A . n 
A 1 173 HIS 173 170 170 HIS HIS A . n 
A 1 174 THR 174 171 171 THR THR A . n 
A 1 175 ILE 175 172 172 ILE ILE A . n 
A 1 176 VAL 176 173 173 VAL VAL A . n 
A 1 177 TYR 177 174 174 TYR TYR A . n 
A 1 178 GLY 178 175 175 GLY GLY A . n 
A 1 179 VAL 179 176 176 VAL VAL A . n 
A 1 180 LYS 180 177 177 LYS LYS A . n 
A 1 181 GLU 181 178 ?   ?   ?   A . n 
# 
loop_
_pdbx_nonpoly_scheme.asym_id 
_pdbx_nonpoly_scheme.entity_id 
_pdbx_nonpoly_scheme.mon_id 
_pdbx_nonpoly_scheme.ndb_seq_num 
_pdbx_nonpoly_scheme.pdb_seq_num 
_pdbx_nonpoly_scheme.auth_seq_num 
_pdbx_nonpoly_scheme.pdb_mon_id 
_pdbx_nonpoly_scheme.auth_mon_id 
_pdbx_nonpoly_scheme.pdb_strand_id 
_pdbx_nonpoly_scheme.pdb_ins_code 
B 2 SO4 1  201 201 SO4 SO4 A . 
C 2 SO4 1  202 202 SO4 SO4 A . 
D 3 HOH 1  203 1   HOH HOH A . 
D 3 HOH 2  204 2   HOH HOH A . 
D 3 HOH 3  205 3   HOH HOH A . 
D 3 HOH 4  206 4   HOH HOH A . 
D 3 HOH 5  207 5   HOH HOH A . 
D 3 HOH 6  208 6   HOH HOH A . 
D 3 HOH 7  209 7   HOH HOH A . 
D 3 HOH 8  210 8   HOH HOH A . 
D 3 HOH 9  211 9   HOH HOH A . 
D 3 HOH 10 212 10  HOH HOH A . 
D 3 HOH 11 213 11  HOH HOH A . 
D 3 HOH 12 214 12  HOH HOH A . 
D 3 HOH 13 215 13  HOH HOH A . 
D 3 HOH 14 216 14  HOH HOH A . 
D 3 HOH 15 217 15  HOH HOH A . 
D 3 HOH 16 218 16  HOH HOH A . 
D 3 HOH 17 219 17  HOH HOH A . 
D 3 HOH 18 220 18  HOH HOH A . 
D 3 HOH 19 221 19  HOH HOH A . 
D 3 HOH 20 222 20  HOH HOH A . 
D 3 HOH 21 223 21  HOH HOH A . 
D 3 HOH 22 224 22  HOH HOH A . 
D 3 HOH 23 225 23  HOH HOH A . 
D 3 HOH 24 226 24  HOH HOH A . 
D 3 HOH 25 227 25  HOH HOH A . 
D 3 HOH 26 228 26  HOH HOH A . 
D 3 HOH 27 229 27  HOH HOH A . 
D 3 HOH 28 230 28  HOH HOH A . 
D 3 HOH 29 231 29  HOH HOH A . 
D 3 HOH 30 232 30  HOH HOH A . 
D 3 HOH 31 233 31  HOH HOH A . 
D 3 HOH 32 234 32  HOH HOH A . 
D 3 HOH 33 235 33  HOH HOH A . 
D 3 HOH 34 236 34  HOH HOH A . 
D 3 HOH 35 237 35  HOH HOH A . 
D 3 HOH 36 238 36  HOH HOH A . 
D 3 HOH 37 239 37  HOH HOH A . 
D 3 HOH 38 240 38  HOH HOH A . 
D 3 HOH 39 241 39  HOH HOH A . 
D 3 HOH 40 242 40  HOH HOH A . 
# 
loop_
_software.name 
_software.version 
_software.date 
_software.type 
_software.contact_author 
_software.contact_author_email 
_software.classification 
_software.location 
_software.language 
_software.citation_id 
_software.pdbx_ordinal 
REFMAC      .     ?               program 'Garib N. Murshudov' garib@ysbl.york.ac.uk refinement        
http://www.ccp4.ac.uk/dist/html/refmac5.html Fortran_77 ? 1 
PDB_EXTRACT 3.006 'June 11, 2008' package PDB                  help@deposit.rcsb.org 'data extraction' 
http://sw-tools.pdb.org/apps/PDB_EXTRACT/    C++        ? 2 
SBC-Collect .     ?               ?       ?                    ?                     'data collection' ? ?          ? 3 
HKL-3000    .     ?               ?       ?                    ?                     'data reduction'  ? ?          ? 4 
HKL-3000    .     ?               ?       ?                    ?                     'data scaling'    ? ?          ? 5 
PHENIX      .     ?               ?       ?                    ?                     phasing           ? ?          ? 6 
# 
_cell.length_a           42.798 
_cell.length_b           50.785 
_cell.length_c           73.765 
_cell.angle_alpha        90.000 
_cell.angle_beta         90.000 
_cell.angle_gamma        90.000 
_cell.entry_id           3EY5 
_cell.pdbx_unique_axis   ? 
_cell.Z_PDB              4 
_cell.length_a_esd       ? 
_cell.length_b_esd       ? 
_cell.length_c_esd       ? 
_cell.angle_alpha_esd    ? 
_cell.angle_beta_esd     ? 
_cell.angle_gamma_esd    ? 
# 
_symmetry.space_group_name_H-M             'P 21 21 21' 
_symmetry.entry_id                         3EY5 
_symmetry.pdbx_full_space_group_name_H-M   ? 
_symmetry.Int_Tables_number                19 
_symmetry.cell_setting                     ? 
_symmetry.space_group_name_Hall            ? 
# 
_exptl.crystals_number   1 
_exptl.entry_id          3EY5 
_exptl.method            'X-RAY DIFFRACTION' 
# 
_exptl_crystal.id                    1 
_exptl_crystal.density_Matthews      1.81 
_exptl_crystal.density_meas          ? 
_exptl_crystal.density_percent_sol   31.89 
_exptl_crystal.description           ? 
_exptl_crystal.F_000                 ? 
_exptl_crystal.preparation           ? 
# 
_exptl_crystal_grow.crystal_id      1 
_exptl_crystal_grow.method          'VAPOR DIFFUSION, SITTING DROP' 
_exptl_crystal_grow.pH              10.5 
_exptl_crystal_grow.temp            277 
_exptl_crystal_grow.pdbx_details    
;0.2 M lithium sulfate, 0.1 M CAPS buffer, 1.2 M sodium/potassium phosphate, pH 10.5, VAPOR DIFFUSION, SITTING DROP, temperature 277K
;
_exptl_crystal_grow.temp_details    ? 
_exptl_crystal_grow.pdbx_pH_range   ? 
# 
_diffrn.id                     1 
_diffrn.ambient_temp           100 
_diffrn.ambient_temp_details   ? 
_diffrn.crystal_id             1 
# 
_diffrn_detector.diffrn_id              1 
_diffrn_detector.detector               CCD 
_diffrn_detector.type                   SBC-3 
_diffrn_detector.pdbx_collection_date   2008-10-08 
_diffrn_detector.details                ? 
# 
_diffrn_radiation.diffrn_id                        1 
_diffrn_radiation.pdbx_diffrn_protocol             'SINGLE WAVELENGTH' 
_diffrn_radiation.monochromator                    'double crystal monochromator' 
_diffrn_radiation.wavelength_id                    1 
_diffrn_radiation.pdbx_monochromatic_or_laue_m_l   M 
_diffrn_radiation.pdbx_scattering_type             x-ray 
# 
_diffrn_radiation_wavelength.id           1 
_diffrn_radiation_wavelength.wavelength   0.9792 
_diffrn_radiation_wavelength.wt           1.0 
# 
_diffrn_source.diffrn_id                   1 
_diffrn_source.source                      SYNCHROTRON 
_diffrn_source.type                        'APS BEAMLINE 19-BM' 
_diffrn_source.pdbx_wavelength_list        0.9792 
_diffrn_source.pdbx_wavelength             ? 
_diffrn_source.pdbx_synchrotron_site       APS 
_diffrn_source.pdbx_synchrotron_beamline   19-BM 
# 
_reflns.entry_id                     3EY5 
_reflns.observed_criterion_sigma_F   0 
_reflns.observed_criterion_sigma_I   0 
_reflns.d_resolution_high            2.15 
_reflns.d_resolution_low             21.3 
_reflns.number_all                   9184 
_reflns.number_obs                   9184 
_reflns.percent_possible_obs         99.5 
_reflns.pdbx_Rmerge_I_obs            0.113 
_reflns.pdbx_Rsym_value              ? 
_reflns.pdbx_netI_over_sigmaI        22.3 
_reflns.B_iso_Wilson_estimate        38.9 
_reflns.pdbx_redundancy              5.4 
_reflns.R_free_details               ? 
_reflns.limit_h_max                  ? 
_reflns.limit_h_min                  ? 
_reflns.limit_k_max                  ? 
_reflns.limit_k_min                  ? 
_reflns.limit_l_max                  ? 
_reflns.limit_l_min                  ? 
_reflns.observed_criterion_F_max     ? 
_reflns.observed_criterion_F_min     ? 
_reflns.pdbx_chi_squared             ? 
_reflns.pdbx_scaling_rejects         ? 
_reflns.pdbx_ordinal                 1 
_reflns.pdbx_diffrn_id               1 
# 
_reflns_shell.d_res_high             2.15 
_reflns_shell.d_res_low              2.19 
_reflns_shell.percent_possible_obs   ? 
_reflns_shell.percent_possible_all   99.3 
_reflns_shell.Rmerge_I_obs           0.549 
_reflns_shell.meanI_over_sigI_obs    3.17 
_reflns_shell.pdbx_Rsym_value        ? 
_reflns_shell.pdbx_redundancy        5.54 
_reflns_shell.number_unique_all      442 
_reflns_shell.number_measured_all    ? 
_reflns_shell.number_measured_obs    ? 
_reflns_shell.number_unique_obs      ? 
_reflns_shell.pdbx_chi_squared       ? 
_reflns_shell.pdbx_ordinal           1 
_reflns_shell.pdbx_diffrn_id         1 
# 
_refine.entry_id                                 3EY5 
_refine.ls_d_res_high                            2.150 
_refine.ls_d_res_low                             21.3 
_refine.pdbx_ls_sigma_F                          0.00 
_refine.ls_percent_reflns_obs                    99.300 
_refine.ls_number_reflns_obs                     9139 
_refine.pdbx_ls_cross_valid_method               THROUGHOUT 
_refine.pdbx_R_Free_selection_details            RANDOM 
_refine.details                                  
;HYDROGENS HAVE BEEN ADDED IN THE RIDING POSITIONS 
 U VALUES      : RESIDUAL ONLY
;
_refine.ls_R_factor_obs                          0.201 
_refine.ls_R_factor_R_work                       0.198 
_refine.ls_wR_factor_R_work                      0.225 
_refine.ls_R_factor_R_free                       0.267 
_refine.ls_wR_factor_R_free                      0.253 
_refine.ls_percent_reflns_R_free                 4.800 
_refine.ls_number_reflns_R_free                  435 
_refine.B_iso_mean                               24.739 
_refine.aniso_B[1][1]                            -1.390 
_refine.aniso_B[2][2]                            2.030 
_refine.aniso_B[3][3]                            -0.640 
_refine.aniso_B[1][2]                            0.000 
_refine.aniso_B[1][3]                            0.000 
_refine.aniso_B[2][3]                            0.000 
_refine.correlation_coeff_Fo_to_Fc               0.946 
_refine.correlation_coeff_Fo_to_Fc_free          0.909 
_refine.overall_SU_R_Cruickshank_DPI             0.442 
_refine.overall_SU_R_free                        0.264 
_refine.pdbx_overall_ESU_R                       0.371 
_refine.pdbx_overall_ESU_R_Free                  0.252 
_refine.overall_SU_ML                            0.182 
_refine.overall_SU_B                             15.417 
_refine.solvent_model_details                    MASK 
_refine.pdbx_solvent_vdw_probe_radii             1.200 
_refine.pdbx_solvent_ion_probe_radii             0.800 
_refine.pdbx_solvent_shrinkage_radii             0.800 
_refine.pdbx_method_to_determine_struct          SAD 
_refine.pdbx_stereochemistry_target_values       'MAXIMUM LIKELIHOOD' 
_refine.overall_FOM_work_R_set                   0.821 
_refine.B_iso_max                                54.81 
_refine.B_iso_min                                9.97 
_refine.occupancy_max                            1.00 
_refine.occupancy_min                            0.50 
_refine.pdbx_ls_sigma_I                          0 
_refine.ls_number_reflns_all                     9139 
_refine.ls_R_factor_all                          0.201 
_refine.ls_redundancy_reflns_obs                 ? 
_refine.pdbx_data_cutoff_high_absF               ? 
_refine.pdbx_data_cutoff_low_absF                ? 
_refine.ls_number_parameters                     ? 
_refine.ls_number_restraints                     ? 
_refine.ls_R_factor_R_free_error                 ? 
_refine.ls_R_factor_R_free_error_details         ? 
_refine.pdbx_starting_model                      ? 
_refine.pdbx_stereochem_target_val_spec_case     ? 
_refine.solvent_model_param_bsol                 ? 
_refine.solvent_model_param_ksol                 ? 
_refine.pdbx_isotropic_thermal_model             ? 
_refine.pdbx_data_cutoff_high_rms_absF           ? 
_refine.overall_FOM_free_R_set                   ? 
_refine.pdbx_overall_phase_error                 ? 
_refine.pdbx_refine_id                           'X-RAY DIFFRACTION' 
_refine.pdbx_TLS_residual_ADP_flag               'LIKELY RESIDUAL' 
_refine.pdbx_diffrn_id                           1 
_refine.pdbx_overall_SU_R_free_Cruickshank_DPI   ? 
_refine.pdbx_overall_SU_R_Blow_DPI               ? 
_refine.pdbx_overall_SU_R_free_Blow_DPI          ? 
# 
_refine_hist.pdbx_refine_id                   'X-RAY DIFFRACTION' 
_refine_hist.cycle_id                         LAST 
_refine_hist.pdbx_number_atoms_protein        1517 
_refine_hist.pdbx_number_atoms_nucleic_acid   0 
_refine_hist.pdbx_number_atoms_ligand         10 
_refine_hist.number_atoms_solvent             40 
_refine_hist.number_atoms_total               1567 
_refine_hist.d_res_high                       2.150 
_refine_hist.d_res_low                        21.3 
# 
loop_
_refine_ls_restr.type 
_refine_ls_restr.number 
_refine_ls_restr.dev_ideal 
_refine_ls_restr.dev_ideal_target 
_refine_ls_restr.weight 
_refine_ls_restr.pdbx_refine_id 
_refine_ls_restr.pdbx_restraint_function 
r_bond_refined_d       1638 0.015  0.022  ? 'X-RAY DIFFRACTION' ? 
r_angle_refined_deg    2231 1.519  1.950  ? 'X-RAY DIFFRACTION' ? 
r_dihedral_angle_1_deg 190  6.449  5.000  ? 'X-RAY DIFFRACTION' ? 
r_dihedral_angle_2_deg 101  37.078 23.564 ? 'X-RAY DIFFRACTION' ? 
r_dihedral_angle_3_deg 276  19.698 15.000 ? 'X-RAY DIFFRACTION' ? 
r_dihedral_angle_4_deg 13   18.196 15.000 ? 'X-RAY DIFFRACTION' ? 
r_chiral_restr         218  0.105  0.200  ? 'X-RAY DIFFRACTION' ? 
r_gen_planes_refined   1320 0.006  0.021  ? 'X-RAY DIFFRACTION' ? 
r_mcbond_it            908  0.816  1.500  ? 'X-RAY DIFFRACTION' ? 
r_mcangle_it           1485 1.533  2.000  ? 'X-RAY DIFFRACTION' ? 
r_scbond_it            730  2.425  3.000  ? 'X-RAY DIFFRACTION' ? 
r_scangle_it           739  4.003  4.500  ? 'X-RAY DIFFRACTION' ? 
# 
_refine_ls_shell.d_res_high                       2.149 
_refine_ls_shell.d_res_low                        2.204 
_refine_ls_shell.pdbx_total_number_of_bins_used   20 
_refine_ls_shell.percent_reflns_obs               96.150 
_refine_ls_shell.number_reflns_R_work             609 
_refine_ls_shell.R_factor_all                     ? 
_refine_ls_shell.R_factor_R_work                  0.214 
_refine_ls_shell.R_factor_R_free                  0.236 
_refine_ls_shell.percent_reflns_R_free            ? 
_refine_ls_shell.number_reflns_R_free             40 
_refine_ls_shell.R_factor_R_free_error            ? 
_refine_ls_shell.number_reflns_all                649 
_refine_ls_shell.number_reflns_obs                649 
_refine_ls_shell.redundancy_reflns_obs            ? 
_refine_ls_shell.pdbx_refine_id                   'X-RAY DIFFRACTION' 
# 
_struct.entry_id                  3EY5 
_struct.title                     'Putative acetyltransferase from GNAT family from Bacteroides thetaiotaomicron.' 
_struct.pdbx_model_details        ? 
_struct.pdbx_CASP_flag            ? 
_struct.pdbx_model_type_details   ? 
# 
_struct_keywords.entry_id        3EY5 
_struct_keywords.text            
;structural genomics, APC60148, acetyltransferase, GNAT family, PSI-2, Protein Structure Initiative, Midwest Center for Structural Genomics, MCSG, Transferase
;
_struct_keywords.pdbx_keywords   TRANSFERASE 
# 
loop_
_struct_asym.id 
_struct_asym.pdbx_blank_PDB_chainid_flag 
_struct_asym.pdbx_modified 
_struct_asym.entity_id 
_struct_asym.details 
A N N 1 ? 
B N N 2 ? 
C N N 2 ? 
D N N 3 ? 
# 
_struct_ref.id                         1 
_struct_ref.db_name                    UNP 
_struct_ref.db_code                    Q8A635_BACTN 
_struct_ref.pdbx_db_accession          Q8A635 
_struct_ref.entity_id                  1 
_struct_ref.pdbx_seq_one_letter_code   
;MIRFQPITTSDVQHYKFMEELLVESFPPEEYRELEHLREYTDRIGNFHNNIIFDDDLPIGFITYWDFDEFYYVEHFATNP
ALRNGGYGKRTLEHLCEFLKRPIVLEVERPVEEMAKRRINFYQRHGFTLWEKDYYQPPYKEGDDFLPMYLMVHGNLDAEK
DYEGIRHKLHTIVYGVKE
;
_struct_ref.pdbx_align_begin           1 
_struct_ref.pdbx_db_isoform            ? 
# 
_struct_ref_seq.align_id                      1 
_struct_ref_seq.ref_id                        1 
_struct_ref_seq.pdbx_PDB_id_code              3EY5 
_struct_ref_seq.pdbx_strand_id                A 
_struct_ref_seq.seq_align_beg                 4 
_struct_ref_seq.pdbx_seq_align_beg_ins_code   ? 
_struct_ref_seq.seq_align_end                 181 
_struct_ref_seq.pdbx_seq_align_end_ins_code   ? 
_struct_ref_seq.pdbx_db_accession             Q8A635 
_struct_ref_seq.db_align_beg                  1 
_struct_ref_seq.pdbx_db_align_beg_ins_code    ? 
_struct_ref_seq.db_align_end                  178 
_struct_ref_seq.pdbx_db_align_end_ins_code    ? 
_struct_ref_seq.pdbx_auth_seq_align_beg       1 
_struct_ref_seq.pdbx_auth_seq_align_end       178 
# 
loop_
_struct_ref_seq_dif.align_id 
_struct_ref_seq_dif.pdbx_pdb_id_code 
_struct_ref_seq_dif.mon_id 
_struct_ref_seq_dif.pdbx_pdb_strand_id 
_struct_ref_seq_dif.seq_num 
_struct_ref_seq_dif.pdbx_pdb_ins_code 
_struct_ref_seq_dif.pdbx_seq_db_name 
_struct_ref_seq_dif.pdbx_seq_db_accession_code 
_struct_ref_seq_dif.db_mon_id 
_struct_ref_seq_dif.pdbx_seq_db_seq_num 
_struct_ref_seq_dif.details 
_struct_ref_seq_dif.pdbx_auth_seq_num 
_struct_ref_seq_dif.pdbx_ordinal 
1 3EY5 SER A 1 ? UNP Q8A635 ? ? 'expression tag' -2 1 
1 3EY5 ASN A 2 ? UNP Q8A635 ? ? 'expression tag' -1 2 
1 3EY5 ALA A 3 ? UNP Q8A635 ? ? 'expression tag' 0  3 
# 
_pdbx_struct_assembly.id                   1 
_pdbx_struct_assembly.details              author_and_software_defined_assembly 
_pdbx_struct_assembly.method_details       PISA 
_pdbx_struct_assembly.oligomeric_details   monomeric 
_pdbx_struct_assembly.oligomeric_count     1 
# 
_pdbx_struct_assembly_gen.assembly_id       1 
_pdbx_struct_assembly_gen.oper_expression   1 
_pdbx_struct_assembly_gen.asym_id_list      A,B,C,D 
# 
_pdbx_struct_oper_list.id                   1 
_pdbx_struct_oper_list.type                 'identity operation' 
_pdbx_struct_oper_list.name                 1_555 
_pdbx_struct_oper_list.symmetry_operation   x,y,z 
_pdbx_struct_oper_list.matrix[1][1]         1.0000000000 
_pdbx_struct_oper_list.matrix[1][2]         0.0000000000 
_pdbx_struct_oper_list.matrix[1][3]         0.0000000000 
_pdbx_struct_oper_list.vector[1]            0.0000000000 
_pdbx_struct_oper_list.matrix[2][1]         0.0000000000 
_pdbx_struct_oper_list.matrix[2][2]         1.0000000000 
_pdbx_struct_oper_list.matrix[2][3]         0.0000000000 
_pdbx_struct_oper_list.vector[2]            0.0000000000 
_pdbx_struct_oper_list.matrix[3][1]         0.0000000000 
_pdbx_struct_oper_list.matrix[3][2]         0.0000000000 
_pdbx_struct_oper_list.matrix[3][3]         1.0000000000 
_pdbx_struct_oper_list.vector[3]            0.0000000000 
# 
_struct_biol.id        1 
_struct_biol.details   'authors state that the biological unit is the same as asymmetric unit based on PISA prediction.' 
# 
loop_
_struct_conf.conf_type_id 
_struct_conf.id 
_struct_conf.pdbx_PDB_helix_id 
_struct_conf.beg_label_comp_id 
_struct_conf.beg_label_asym_id 
_struct_conf.beg_label_seq_id 
_struct_conf.pdbx_beg_PDB_ins_code 
_struct_conf.end_label_comp_id 
_struct_conf.end_label_asym_id 
_struct_conf.end_label_seq_id 
_struct_conf.pdbx_end_PDB_ins_code 
_struct_conf.beg_auth_comp_id 
_struct_conf.beg_auth_asym_id 
_struct_conf.beg_auth_seq_id 
_struct_conf.end_auth_comp_id 
_struct_conf.end_auth_asym_id 
_struct_conf.end_auth_seq_id 
_struct_conf.pdbx_PDB_helix_class 
_struct_conf.details 
_struct_conf.pdbx_PDB_helix_length 
HELX_P HELX_P1 1 ASP A 14  ? PHE A 29  ? ASP A 11  PHE A 26  1 ? 16 
HELX_P HELX_P2 2 PRO A 30  ? TYR A 34  ? PRO A 27  TYR A 31  5 ? 5  
HELX_P HELX_P3 3 GLU A 36  ? ILE A 47  ? GLU A 33  ILE A 44  1 ? 12 
HELX_P HELX_P4 4 PRO A 83  ? ARG A 86  ? PRO A 80  ARG A 83  5 ? 4  
HELX_P HELX_P5 5 GLY A 89  ? LEU A 102 ? GLY A 86  LEU A 99  1 ? 14 
HELX_P HELX_P6 6 GLU A 115 ? HIS A 128 ? GLU A 112 HIS A 125 1 ? 14 
HELX_P HELX_P7 7 ASP A 160 ? VAL A 176 ? ASP A 157 VAL A 173 1 ? 17 
# 
_struct_conf_type.id          HELX_P 
_struct_conf_type.criteria    ? 
_struct_conf_type.reference   ? 
# 
loop_
_struct_conn.id 
_struct_conn.conn_type_id 
_struct_conn.pdbx_leaving_atom_flag 
_struct_conn.pdbx_PDB_id 
_struct_conn.ptnr1_label_asym_id 
_struct_conn.ptnr1_label_comp_id 
_struct_conn.ptnr1_label_seq_id 
_struct_conn.ptnr1_label_atom_id 
_struct_conn.pdbx_ptnr1_label_alt_id 
_struct_conn.pdbx_ptnr1_PDB_ins_code 
_struct_conn.pdbx_ptnr1_standard_comp_id 
_struct_conn.ptnr1_symmetry 
_struct_conn.ptnr2_label_asym_id 
_struct_conn.ptnr2_label_comp_id 
_struct_conn.ptnr2_label_seq_id 
_struct_conn.ptnr2_label_atom_id 
_struct_conn.pdbx_ptnr2_label_alt_id 
_struct_conn.pdbx_ptnr2_PDB_ins_code 
_struct_conn.ptnr1_auth_asym_id 
_struct_conn.ptnr1_auth_comp_id 
_struct_conn.ptnr1_auth_seq_id 
_struct_conn.ptnr2_auth_asym_id 
_struct_conn.ptnr2_auth_comp_id 
_struct_conn.ptnr2_auth_seq_id 
_struct_conn.ptnr2_symmetry 
_struct_conn.pdbx_ptnr3_label_atom_id 
_struct_conn.pdbx_ptnr3_label_seq_id 
_struct_conn.pdbx_ptnr3_label_comp_id 
_struct_conn.pdbx_ptnr3_label_asym_id 
_struct_conn.pdbx_ptnr3_label_alt_id 
_struct_conn.pdbx_ptnr3_PDB_ins_code 
_struct_conn.details 
_struct_conn.pdbx_dist_value 
_struct_conn.pdbx_value_order 
_struct_conn.pdbx_role 
covale1 covale both ? A PHE 20  C ? ? ? 1_555 A MSE 21  N ? ? A PHE 17  A MSE 18  1_555 ? ? ? ? ? ? ? 1.329 ? ? 
covale2 covale both ? A MSE 21  C ? ? ? 1_555 A GLU 22  N ? ? A MSE 18  A GLU 19  1_555 ? ? ? ? ? ? ? 1.323 ? ? 
covale3 covale both ? A GLU 116 C ? ? ? 1_555 A MSE 117 N ? ? A GLU 113 A MSE 114 1_555 ? ? ? ? ? ? ? 1.329 ? ? 
covale4 covale both ? A MSE 117 C ? ? ? 1_555 A ALA 118 N ? ? A MSE 114 A ALA 115 1_555 ? ? ? ? ? ? ? 1.338 ? ? 
covale5 covale both ? A PRO 150 C ? ? ? 1_555 A MSE 151 N ? ? A PRO 147 A MSE 148 1_555 ? ? ? ? ? ? ? 1.329 ? ? 
covale6 covale both ? A MSE 151 C ? ? ? 1_555 A TYR 152 N ? ? A MSE 148 A TYR 149 1_555 ? ? ? ? ? ? ? 1.320 ? ? 
covale7 covale both ? A LEU 153 C ? ? ? 1_555 A MSE 154 N ? ? A LEU 150 A MSE 151 1_555 ? ? ? ? ? ? ? 1.318 ? ? 
covale8 covale both ? A MSE 154 C ? ? ? 1_555 A VAL 155 N ? ? A MSE 151 A VAL 152 1_555 ? ? ? ? ? ? ? 1.335 ? ? 
# 
_struct_conn_type.id          covale 
_struct_conn_type.criteria    ? 
_struct_conn_type.reference   ? 
# 
loop_
_pdbx_modification_feature.ordinal 
_pdbx_modification_feature.label_comp_id 
_pdbx_modification_feature.label_asym_id 
_pdbx_modification_feature.label_seq_id 
_pdbx_modification_feature.label_alt_id 
_pdbx_modification_feature.modified_residue_label_comp_id 
_pdbx_modification_feature.modified_residue_label_asym_id 
_pdbx_modification_feature.modified_residue_label_seq_id 
_pdbx_modification_feature.modified_residue_label_alt_id 
_pdbx_modification_feature.auth_comp_id 
_pdbx_modification_feature.auth_asym_id 
_pdbx_modification_feature.auth_seq_id 
_pdbx_modification_feature.PDB_ins_code 
_pdbx_modification_feature.symmetry 
_pdbx_modification_feature.modified_residue_auth_comp_id 
_pdbx_modification_feature.modified_residue_auth_asym_id 
_pdbx_modification_feature.modified_residue_auth_seq_id 
_pdbx_modification_feature.modified_residue_PDB_ins_code 
_pdbx_modification_feature.modified_residue_symmetry 
_pdbx_modification_feature.comp_id_linking_atom 
_pdbx_modification_feature.modified_residue_id_linking_atom 
_pdbx_modification_feature.modified_residue_id 
_pdbx_modification_feature.ref_pcm_id 
_pdbx_modification_feature.ref_comp_id 
_pdbx_modification_feature.type 
_pdbx_modification_feature.category 
1 MSE A 21  ? . . . . MSE A 18  ? 1_555 . . . . . . . MET 1 MSE Selenomethionine 'Named protein modification' 
2 MSE A 117 ? . . . . MSE A 114 ? 1_555 . . . . . . . MET 1 MSE Selenomethionine 'Named protein modification' 
3 MSE A 151 ? . . . . MSE A 148 ? 1_555 . . . . . . . MET 1 MSE Selenomethionine 'Named protein modification' 
4 MSE A 154 ? . . . . MSE A 151 ? 1_555 . . . . . . . MET 1 MSE Selenomethionine 'Named protein modification' 
# 
_struct_sheet.id               A 
_struct_sheet.type             ? 
_struct_sheet.number_strands   7 
_struct_sheet.details          ? 
# 
loop_
_struct_sheet_order.sheet_id 
_struct_sheet_order.range_id_1 
_struct_sheet_order.range_id_2 
_struct_sheet_order.offset 
_struct_sheet_order.sense 
A 1 2 ? anti-parallel 
A 2 3 ? anti-parallel 
A 3 4 ? anti-parallel 
A 4 5 ? parallel      
A 5 6 ? anti-parallel 
A 6 7 ? anti-parallel 
# 
loop_
_struct_sheet_range.sheet_id 
_struct_sheet_range.id 
_struct_sheet_range.beg_label_comp_id 
_struct_sheet_range.beg_label_asym_id 
_struct_sheet_range.beg_label_seq_id 
_struct_sheet_range.pdbx_beg_PDB_ins_code 
_struct_sheet_range.end_label_comp_id 
_struct_sheet_range.end_label_asym_id 
_struct_sheet_range.end_label_seq_id 
_struct_sheet_range.pdbx_end_PDB_ins_code 
_struct_sheet_range.beg_auth_comp_id 
_struct_sheet_range.beg_auth_asym_id 
_struct_sheet_range.beg_auth_seq_id 
_struct_sheet_range.end_auth_comp_id 
_struct_sheet_range.end_auth_asym_id 
_struct_sheet_range.end_auth_seq_id 
A 1 ARG A 6   ? PRO A 9   ? ARG A 3   PRO A 6   
A 2 PHE A 50  ? ASP A 57  ? PHE A 47  ASP A 54  
A 3 LEU A 60  ? ASP A 69  ? LEU A 57  ASP A 66  
A 4 TYR A 74  ? THR A 81  ? TYR A 71  THR A 78  
A 5 ILE A 106 ? VAL A 110 ? ILE A 103 VAL A 107 
A 6 LEU A 149 ? HIS A 156 ? LEU A 146 HIS A 153 
A 7 THR A 131 ? GLN A 139 ? THR A 128 GLN A 136 
# 
loop_
_pdbx_struct_sheet_hbond.sheet_id 
_pdbx_struct_sheet_hbond.range_id_1 
_pdbx_struct_sheet_hbond.range_id_2 
_pdbx_struct_sheet_hbond.range_1_label_atom_id 
_pdbx_struct_sheet_hbond.range_1_label_comp_id 
_pdbx_struct_sheet_hbond.range_1_label_asym_id 
_pdbx_struct_sheet_hbond.range_1_label_seq_id 
_pdbx_struct_sheet_hbond.range_1_PDB_ins_code 
_pdbx_struct_sheet_hbond.range_1_auth_atom_id 
_pdbx_struct_sheet_hbond.range_1_auth_comp_id 
_pdbx_struct_sheet_hbond.range_1_auth_asym_id 
_pdbx_struct_sheet_hbond.range_1_auth_seq_id 
_pdbx_struct_sheet_hbond.range_2_label_atom_id 
_pdbx_struct_sheet_hbond.range_2_label_comp_id 
_pdbx_struct_sheet_hbond.range_2_label_asym_id 
_pdbx_struct_sheet_hbond.range_2_label_seq_id 
_pdbx_struct_sheet_hbond.range_2_PDB_ins_code 
_pdbx_struct_sheet_hbond.range_2_auth_atom_id 
_pdbx_struct_sheet_hbond.range_2_auth_comp_id 
_pdbx_struct_sheet_hbond.range_2_auth_asym_id 
_pdbx_struct_sheet_hbond.range_2_auth_seq_id 
A 1 2 N ARG A 6   ? N ARG A 3   O PHE A 56  ? O PHE A 53  
A 2 3 N HIS A 51  ? N HIS A 48  O TYR A 67  ? O TYR A 64  
A 3 4 N THR A 66  ? N THR A 63  O HIS A 78  ? O HIS A 75  
A 4 5 N TYR A 74  ? N TYR A 71  O VAL A 107 ? O VAL A 104 
A 5 6 N VAL A 110 ? N VAL A 107 O TYR A 152 ? O TYR A 149 
A 6 7 O VAL A 155 ? O VAL A 152 N THR A 131 ? N THR A 128 
# 
loop_
_struct_site.id 
_struct_site.pdbx_evidence_code 
_struct_site.pdbx_auth_asym_id 
_struct_site.pdbx_auth_comp_id 
_struct_site.pdbx_auth_seq_id 
_struct_site.pdbx_auth_ins_code 
_struct_site.pdbx_num_residues 
_struct_site.details 
AC1 Software A SO4 201 ? 6 'BINDING SITE FOR RESIDUE SO4 A 201' 
AC2 Software A SO4 202 ? 4 'BINDING SITE FOR RESIDUE SO4 A 202' 
# 
loop_
_struct_site_gen.id 
_struct_site_gen.site_id 
_struct_site_gen.pdbx_num_res 
_struct_site_gen.label_comp_id 
_struct_site_gen.label_asym_id 
_struct_site_gen.label_seq_id 
_struct_site_gen.pdbx_auth_ins_code 
_struct_site_gen.auth_comp_id 
_struct_site_gen.auth_asym_id 
_struct_site_gen.auth_seq_id 
_struct_site_gen.label_atom_id 
_struct_site_gen.label_alt_id 
_struct_site_gen.symmetry 
_struct_site_gen.details 
1  AC1 6 TYR A 74  ? TYR A 71  . ? 3_555 ? 
2  AC1 6 LYS A 92  ? LYS A 89  . ? 1_555 ? 
3  AC1 6 ARG A 104 ? ARG A 101 . ? 3_555 ? 
4  AC1 6 PHE A 124 ? PHE A 121 . ? 1_555 ? 
5  AC1 6 ARG A 127 ? ARG A 124 . ? 1_555 ? 
6  AC1 6 HIS A 128 ? HIS A 125 . ? 1_555 ? 
7  AC2 4 ARG A 120 ? ARG A 117 . ? 1_555 ? 
8  AC2 4 ARG A 121 ? ARG A 118 . ? 1_555 ? 
9  AC2 4 ASP A 147 ? ASP A 144 . ? 4_455 ? 
10 AC2 4 PHE A 148 ? PHE A 145 . ? 4_455 ? 
# 
_pdbx_entry_details.entry_id                   3EY5 
_pdbx_entry_details.compound_details           ? 
_pdbx_entry_details.source_details             ? 
_pdbx_entry_details.nonpolymer_details         ? 
_pdbx_entry_details.sequence_details           ? 
_pdbx_entry_details.has_ligand_of_interest     ? 
_pdbx_entry_details.has_protein_modification   Y 
# 
_pdbx_validate_rmsd_angle.id                         1 
_pdbx_validate_rmsd_angle.PDB_model_num              1 
_pdbx_validate_rmsd_angle.auth_atom_id_1             CG 
_pdbx_validate_rmsd_angle.auth_asym_id_1             A 
_pdbx_validate_rmsd_angle.auth_comp_id_1             MSE 
_pdbx_validate_rmsd_angle.auth_seq_id_1              148 
_pdbx_validate_rmsd_angle.PDB_ins_code_1             ? 
_pdbx_validate_rmsd_angle.label_alt_id_1             ? 
_pdbx_validate_rmsd_angle.auth_atom_id_2             SE 
_pdbx_validate_rmsd_angle.auth_asym_id_2             A 
_pdbx_validate_rmsd_angle.auth_comp_id_2             MSE 
_pdbx_validate_rmsd_angle.auth_seq_id_2              148 
_pdbx_validate_rmsd_angle.PDB_ins_code_2             ? 
_pdbx_validate_rmsd_angle.label_alt_id_2             ? 
_pdbx_validate_rmsd_angle.auth_atom_id_3             CE 
_pdbx_validate_rmsd_angle.auth_asym_id_3             A 
_pdbx_validate_rmsd_angle.auth_comp_id_3             MSE 
_pdbx_validate_rmsd_angle.auth_seq_id_3              148 
_pdbx_validate_rmsd_angle.PDB_ins_code_3             ? 
_pdbx_validate_rmsd_angle.label_alt_id_3             ? 
_pdbx_validate_rmsd_angle.angle_value                83.77 
_pdbx_validate_rmsd_angle.angle_target_value         98.90 
_pdbx_validate_rmsd_angle.angle_deviation            -15.13 
_pdbx_validate_rmsd_angle.angle_standard_deviation   2.20 
_pdbx_validate_rmsd_angle.linker_flag                N 
# 
loop_
_pdbx_validate_torsion.id 
_pdbx_validate_torsion.PDB_model_num 
_pdbx_validate_torsion.auth_comp_id 
_pdbx_validate_torsion.auth_asym_id 
_pdbx_validate_torsion.auth_seq_id 
_pdbx_validate_torsion.PDB_ins_code 
_pdbx_validate_torsion.label_alt_id 
_pdbx_validate_torsion.phi 
_pdbx_validate_torsion.psi 
1 1 ASP A 55  ? ? 65.25  -113.29 
2 1 ASP A 68  ? ? 64.45  -54.02  
3 1 ASP A 68  ? ? 64.38  -43.76  
4 1 ASN A 84  ? ? 48.52  28.35   
5 1 GLU A 131 ? ? -85.98 41.94   
6 1 GLU A 131 ? ? -90.41 47.84   
# 
_pdbx_SG_project.id                    1 
_pdbx_SG_project.project_name          'PSI, Protein Structure Initiative' 
_pdbx_SG_project.full_name_of_center   'Midwest Center for Structural Genomics' 
_pdbx_SG_project.initial_of_center     MCSG 
# 
loop_
_pdbx_struct_mod_residue.id 
_pdbx_struct_mod_residue.label_asym_id 
_pdbx_struct_mod_residue.label_comp_id 
_pdbx_struct_mod_residue.label_seq_id 
_pdbx_struct_mod_residue.auth_asym_id 
_pdbx_struct_mod_residue.auth_comp_id 
_pdbx_struct_mod_residue.auth_seq_id 
_pdbx_struct_mod_residue.PDB_ins_code 
_pdbx_struct_mod_residue.parent_comp_id 
_pdbx_struct_mod_residue.details 
1 A MSE 21  A MSE 18  ? MET SELENOMETHIONINE 
2 A MSE 117 A MSE 114 ? MET SELENOMETHIONINE 
3 A MSE 151 A MSE 148 ? MET SELENOMETHIONINE 
4 A MSE 154 A MSE 151 ? MET SELENOMETHIONINE 
# 
loop_
_pdbx_refine_tls.id 
_pdbx_refine_tls.details 
_pdbx_refine_tls.method 
_pdbx_refine_tls.origin_x 
_pdbx_refine_tls.origin_y 
_pdbx_refine_tls.origin_z 
_pdbx_refine_tls.T[1][1] 
_pdbx_refine_tls.T[2][2] 
_pdbx_refine_tls.T[3][3] 
_pdbx_refine_tls.T[1][2] 
_pdbx_refine_tls.T[1][3] 
_pdbx_refine_tls.T[2][3] 
_pdbx_refine_tls.L[1][1] 
_pdbx_refine_tls.L[2][2] 
_pdbx_refine_tls.L[3][3] 
_pdbx_refine_tls.L[1][2] 
_pdbx_refine_tls.L[1][3] 
_pdbx_refine_tls.L[2][3] 
_pdbx_refine_tls.S[1][1] 
_pdbx_refine_tls.S[2][2] 
_pdbx_refine_tls.S[3][3] 
_pdbx_refine_tls.S[1][2] 
_pdbx_refine_tls.S[1][3] 
_pdbx_refine_tls.S[2][3] 
_pdbx_refine_tls.S[2][1] 
_pdbx_refine_tls.S[3][1] 
_pdbx_refine_tls.S[3][2] 
_pdbx_refine_tls.pdbx_refine_id 
1 ? refined 3.2527  -7.8310 13.6817  0.1495 0.1181 0.0544 0.0575  0.0111  0.0467  9.2351 4.8751 3.4498 -0.1862 0.3236  1.8891  -0.0759 0.2301  -0.1542 -0.7228 -0.3992 -0.0835 0.8086  0.2673  0.3154  'X-RAY DIFFRACTION' 
2 ? refined -9.0979 -3.9180 7.8926   0.0560 0.1162 0.0722 -0.0215 0.0247  -0.0257 4.9553 6.1599 4.0559 -2.6876 -0.1177 1.6035  -0.0355 -0.2194 0.2549  -0.4646 -0.0918 0.4355  0.1682  0.1279  -0.4022 'X-RAY DIFFRACTION' 
3 ? refined 3.4321  -6.5436 3.5490   0.0303 0.0342 0.0690 0.0272  0.0034  0.0134  2.2853 1.5988 3.5365 0.0574  0.4997  0.7028  -0.0388 0.0659  -0.0271 -0.1555 -0.1802 -0.0326 0.1393  0.2544  0.1839  'X-RAY DIFFRACTION' 
4 ? refined 7.1199  6.4646  8.2097   0.1522 0.0890 0.1925 0.0171  -0.0261 -0.0209 1.3586 4.1160 2.5077 0.1569  -1.1490 2.3635  0.1774  0.1305  -0.3079 -0.1285 0.4164  0.0488  0.1643  -0.0912 0.1940  'X-RAY DIFFRACTION' 
5 ? refined 4.5194  1.2703  -4.7300  0.0213 0.0384 0.0326 -0.0009 -0.0171 -0.0214 2.8506 5.9270 1.9972 -3.3350 1.1763  -1.7428 -0.0059 0.0026  0.0033  -0.0154 -0.0166 -0.0191 0.1445  -0.0109 0.0428  'X-RAY DIFFRACTION' 
6 ? refined -3.1054 16.9223 -1.6623  0.1022 0.0195 0.0441 0.0272  -0.0300 0.0127  5.1350 6.2337 9.9003 0.5957  -4.7793 5.2430  -0.0436 -0.0098 0.0535  0.0521  0.1559  0.2211  -0.3441 -0.2721 -0.0719 'X-RAY DIFFRACTION' 
7 ? refined -1.9230 3.9140  -9.6149  0.0101 0.0088 0.0201 0.0051  -0.0140 -0.0067 2.4834 1.7593 1.6873 0.5578  0.7204  0.1815  -0.0044 0.0567  -0.0523 0.1020  0.0093  0.0264  -0.0251 0.0550  0.0867  'X-RAY DIFFRACTION' 
8 ? refined -7.7815 -7.2976 -10.2359 0.0176 0.0313 0.0594 -0.0157 -0.0115 -0.0141 8.1289 5.9865 9.3740 0.2770  0.2664  0.8677  -0.0800 0.0597  0.0203  0.4175  -0.4563 0.2448  -0.1784 0.2315  -0.2357 'X-RAY DIFFRACTION' 
# 
loop_
_pdbx_refine_tls_group.id 
_pdbx_refine_tls_group.refine_tls_id 
_pdbx_refine_tls_group.beg_auth_asym_id 
_pdbx_refine_tls_group.end_auth_asym_id 
_pdbx_refine_tls_group.end_auth_seq_id 
_pdbx_refine_tls_group.selection 
_pdbx_refine_tls_group.beg_auth_seq_id 
_pdbx_refine_tls_group.beg_label_asym_id 
_pdbx_refine_tls_group.beg_label_seq_id 
_pdbx_refine_tls_group.end_label_asym_id 
_pdbx_refine_tls_group.end_label_seq_id 
_pdbx_refine_tls_group.pdbx_refine_id 
_pdbx_refine_tls_group.selection_details 
1 1 A A 18  ? 2   . . . . 'X-RAY DIFFRACTION' ? 
2 2 A A 41  ? 19  . . . . 'X-RAY DIFFRACTION' ? 
3 3 A A 74  ? 42  . . . . 'X-RAY DIFFRACTION' ? 
4 4 A A 96  ? 75  . . . . 'X-RAY DIFFRACTION' ? 
5 5 A A 110 ? 97  . . . . 'X-RAY DIFFRACTION' ? 
6 6 A A 118 ? 111 . . . . 'X-RAY DIFFRACTION' ? 
7 7 A A 165 ? 119 . . . . 'X-RAY DIFFRACTION' ? 
8 8 A A 177 ? 166 . . . . 'X-RAY DIFFRACTION' ? 
# 
loop_
_pdbx_unobs_or_zero_occ_residues.id 
_pdbx_unobs_or_zero_occ_residues.PDB_model_num 
_pdbx_unobs_or_zero_occ_residues.polymer_flag 
_pdbx_unobs_or_zero_occ_residues.occupancy_flag 
_pdbx_unobs_or_zero_occ_residues.auth_asym_id 
_pdbx_unobs_or_zero_occ_residues.auth_comp_id 
_pdbx_unobs_or_zero_occ_residues.auth_seq_id 
_pdbx_unobs_or_zero_occ_residues.PDB_ins_code 
_pdbx_unobs_or_zero_occ_residues.label_asym_id 
_pdbx_unobs_or_zero_occ_residues.label_comp_id 
_pdbx_unobs_or_zero_occ_residues.label_seq_id 
1 1 Y 1 A SER -2  ? A SER 1   
2 1 Y 1 A ASN -1  ? A ASN 2   
3 1 Y 1 A ALA 0   ? A ALA 3   
4 1 Y 1 A MSE 1   ? A MSE 4   
5 1 Y 1 A GLU 178 ? A GLU 181 
# 
loop_
_chem_comp_atom.comp_id 
_chem_comp_atom.atom_id 
_chem_comp_atom.type_symbol 
_chem_comp_atom.pdbx_aromatic_flag 
_chem_comp_atom.pdbx_stereo_config 
_chem_comp_atom.pdbx_ordinal 
ALA N    N  N N 1   
ALA CA   C  N S 2   
ALA C    C  N N 3   
ALA O    O  N N 4   
ALA CB   C  N N 5   
ALA OXT  O  N N 6   
ALA H    H  N N 7   
ALA H2   H  N N 8   
ALA HA   H  N N 9   
ALA HB1  H  N N 10  
ALA HB2  H  N N 11  
ALA HB3  H  N N 12  
ALA HXT  H  N N 13  
ARG N    N  N N 14  
ARG CA   C  N S 15  
ARG C    C  N N 16  
ARG O    O  N N 17  
ARG CB   C  N N 18  
ARG CG   C  N N 19  
ARG CD   C  N N 20  
ARG NE   N  N N 21  
ARG CZ   C  N N 22  
ARG NH1  N  N N 23  
ARG NH2  N  N N 24  
ARG OXT  O  N N 25  
ARG H    H  N N 26  
ARG H2   H  N N 27  
ARG HA   H  N N 28  
ARG HB2  H  N N 29  
ARG HB3  H  N N 30  
ARG HG2  H  N N 31  
ARG HG3  H  N N 32  
ARG HD2  H  N N 33  
ARG HD3  H  N N 34  
ARG HE   H  N N 35  
ARG HH11 H  N N 36  
ARG HH12 H  N N 37  
ARG HH21 H  N N 38  
ARG HH22 H  N N 39  
ARG HXT  H  N N 40  
ASN N    N  N N 41  
ASN CA   C  N S 42  
ASN C    C  N N 43  
ASN O    O  N N 44  
ASN CB   C  N N 45  
ASN CG   C  N N 46  
ASN OD1  O  N N 47  
ASN ND2  N  N N 48  
ASN OXT  O  N N 49  
ASN H    H  N N 50  
ASN H2   H  N N 51  
ASN HA   H  N N 52  
ASN HB2  H  N N 53  
ASN HB3  H  N N 54  
ASN HD21 H  N N 55  
ASN HD22 H  N N 56  
ASN HXT  H  N N 57  
ASP N    N  N N 58  
ASP CA   C  N S 59  
ASP C    C  N N 60  
ASP O    O  N N 61  
ASP CB   C  N N 62  
ASP CG   C  N N 63  
ASP OD1  O  N N 64  
ASP OD2  O  N N 65  
ASP OXT  O  N N 66  
ASP H    H  N N 67  
ASP H2   H  N N 68  
ASP HA   H  N N 69  
ASP HB2  H  N N 70  
ASP HB3  H  N N 71  
ASP HD2  H  N N 72  
ASP HXT  H  N N 73  
CYS N    N  N N 74  
CYS CA   C  N R 75  
CYS C    C  N N 76  
CYS O    O  N N 77  
CYS CB   C  N N 78  
CYS SG   S  N N 79  
CYS OXT  O  N N 80  
CYS H    H  N N 81  
CYS H2   H  N N 82  
CYS HA   H  N N 83  
CYS HB2  H  N N 84  
CYS HB3  H  N N 85  
CYS HG   H  N N 86  
CYS HXT  H  N N 87  
GLN N    N  N N 88  
GLN CA   C  N S 89  
GLN C    C  N N 90  
GLN O    O  N N 91  
GLN CB   C  N N 92  
GLN CG   C  N N 93  
GLN CD   C  N N 94  
GLN OE1  O  N N 95  
GLN NE2  N  N N 96  
GLN OXT  O  N N 97  
GLN H    H  N N 98  
GLN H2   H  N N 99  
GLN HA   H  N N 100 
GLN HB2  H  N N 101 
GLN HB3  H  N N 102 
GLN HG2  H  N N 103 
GLN HG3  H  N N 104 
GLN HE21 H  N N 105 
GLN HE22 H  N N 106 
GLN HXT  H  N N 107 
GLU N    N  N N 108 
GLU CA   C  N S 109 
GLU C    C  N N 110 
GLU O    O  N N 111 
GLU CB   C  N N 112 
GLU CG   C  N N 113 
GLU CD   C  N N 114 
GLU OE1  O  N N 115 
GLU OE2  O  N N 116 
GLU OXT  O  N N 117 
GLU H    H  N N 118 
GLU H2   H  N N 119 
GLU HA   H  N N 120 
GLU HB2  H  N N 121 
GLU HB3  H  N N 122 
GLU HG2  H  N N 123 
GLU HG3  H  N N 124 
GLU HE2  H  N N 125 
GLU HXT  H  N N 126 
GLY N    N  N N 127 
GLY CA   C  N N 128 
GLY C    C  N N 129 
GLY O    O  N N 130 
GLY OXT  O  N N 131 
GLY H    H  N N 132 
GLY H2   H  N N 133 
GLY HA2  H  N N 134 
GLY HA3  H  N N 135 
GLY HXT  H  N N 136 
HIS N    N  N N 137 
HIS CA   C  N S 138 
HIS C    C  N N 139 
HIS O    O  N N 140 
HIS CB   C  N N 141 
HIS CG   C  Y N 142 
HIS ND1  N  Y N 143 
HIS CD2  C  Y N 144 
HIS CE1  C  Y N 145 
HIS NE2  N  Y N 146 
HIS OXT  O  N N 147 
HIS H    H  N N 148 
HIS H2   H  N N 149 
HIS HA   H  N N 150 
HIS HB2  H  N N 151 
HIS HB3  H  N N 152 
HIS HD1  H  N N 153 
HIS HD2  H  N N 154 
HIS HE1  H  N N 155 
HIS HE2  H  N N 156 
HIS HXT  H  N N 157 
HOH O    O  N N 158 
HOH H1   H  N N 159 
HOH H2   H  N N 160 
ILE N    N  N N 161 
ILE CA   C  N S 162 
ILE C    C  N N 163 
ILE O    O  N N 164 
ILE CB   C  N S 165 
ILE CG1  C  N N 166 
ILE CG2  C  N N 167 
ILE CD1  C  N N 168 
ILE OXT  O  N N 169 
ILE H    H  N N 170 
ILE H2   H  N N 171 
ILE HA   H  N N 172 
ILE HB   H  N N 173 
ILE HG12 H  N N 174 
ILE HG13 H  N N 175 
ILE HG21 H  N N 176 
ILE HG22 H  N N 177 
ILE HG23 H  N N 178 
ILE HD11 H  N N 179 
ILE HD12 H  N N 180 
ILE HD13 H  N N 181 
ILE HXT  H  N N 182 
LEU N    N  N N 183 
LEU CA   C  N S 184 
LEU C    C  N N 185 
LEU O    O  N N 186 
LEU CB   C  N N 187 
LEU CG   C  N N 188 
LEU CD1  C  N N 189 
LEU CD2  C  N N 190 
LEU OXT  O  N N 191 
LEU H    H  N N 192 
LEU H2   H  N N 193 
LEU HA   H  N N 194 
LEU HB2  H  N N 195 
LEU HB3  H  N N 196 
LEU HG   H  N N 197 
LEU HD11 H  N N 198 
LEU HD12 H  N N 199 
LEU HD13 H  N N 200 
LEU HD21 H  N N 201 
LEU HD22 H  N N 202 
LEU HD23 H  N N 203 
LEU HXT  H  N N 204 
LYS N    N  N N 205 
LYS CA   C  N S 206 
LYS C    C  N N 207 
LYS O    O  N N 208 
LYS CB   C  N N 209 
LYS CG   C  N N 210 
LYS CD   C  N N 211 
LYS CE   C  N N 212 
LYS NZ   N  N N 213 
LYS OXT  O  N N 214 
LYS H    H  N N 215 
LYS H2   H  N N 216 
LYS HA   H  N N 217 
LYS HB2  H  N N 218 
LYS HB3  H  N N 219 
LYS HG2  H  N N 220 
LYS HG3  H  N N 221 
LYS HD2  H  N N 222 
LYS HD3  H  N N 223 
LYS HE2  H  N N 224 
LYS HE3  H  N N 225 
LYS HZ1  H  N N 226 
LYS HZ2  H  N N 227 
LYS HZ3  H  N N 228 
LYS HXT  H  N N 229 
MSE N    N  N N 230 
MSE CA   C  N S 231 
MSE C    C  N N 232 
MSE O    O  N N 233 
MSE OXT  O  N N 234 
MSE CB   C  N N 235 
MSE CG   C  N N 236 
MSE SE   SE N N 237 
MSE CE   C  N N 238 
MSE H    H  N N 239 
MSE H2   H  N N 240 
MSE HA   H  N N 241 
MSE HXT  H  N N 242 
MSE HB2  H  N N 243 
MSE HB3  H  N N 244 
MSE HG2  H  N N 245 
MSE HG3  H  N N 246 
MSE HE1  H  N N 247 
MSE HE2  H  N N 248 
MSE HE3  H  N N 249 
PHE N    N  N N 250 
PHE CA   C  N S 251 
PHE C    C  N N 252 
PHE O    O  N N 253 
PHE CB   C  N N 254 
PHE CG   C  Y N 255 
PHE CD1  C  Y N 256 
PHE CD2  C  Y N 257 
PHE CE1  C  Y N 258 
PHE CE2  C  Y N 259 
PHE CZ   C  Y N 260 
PHE OXT  O  N N 261 
PHE H    H  N N 262 
PHE H2   H  N N 263 
PHE HA   H  N N 264 
PHE HB2  H  N N 265 
PHE HB3  H  N N 266 
PHE HD1  H  N N 267 
PHE HD2  H  N N 268 
PHE HE1  H  N N 269 
PHE HE2  H  N N 270 
PHE HZ   H  N N 271 
PHE HXT  H  N N 272 
PRO N    N  N N 273 
PRO CA   C  N S 274 
PRO C    C  N N 275 
PRO O    O  N N 276 
PRO CB   C  N N 277 
PRO CG   C  N N 278 
PRO CD   C  N N 279 
PRO OXT  O  N N 280 
PRO H    H  N N 281 
PRO HA   H  N N 282 
PRO HB2  H  N N 283 
PRO HB3  H  N N 284 
PRO HG2  H  N N 285 
PRO HG3  H  N N 286 
PRO HD2  H  N N 287 
PRO HD3  H  N N 288 
PRO HXT  H  N N 289 
SER N    N  N N 290 
SER CA   C  N S 291 
SER C    C  N N 292 
SER O    O  N N 293 
SER CB   C  N N 294 
SER OG   O  N N 295 
SER OXT  O  N N 296 
SER H    H  N N 297 
SER H2   H  N N 298 
SER HA   H  N N 299 
SER HB2  H  N N 300 
SER HB3  H  N N 301 
SER HG   H  N N 302 
SER HXT  H  N N 303 
SO4 S    S  N N 304 
SO4 O1   O  N N 305 
SO4 O2   O  N N 306 
SO4 O3   O  N N 307 
SO4 O4   O  N N 308 
THR N    N  N N 309 
THR CA   C  N S 310 
THR C    C  N N 311 
THR O    O  N N 312 
THR CB   C  N R 313 
THR OG1  O  N N 314 
THR CG2  C  N N 315 
THR OXT  O  N N 316 
THR H    H  N N 317 
THR H2   H  N N 318 
THR HA   H  N N 319 
THR HB   H  N N 320 
THR HG1  H  N N 321 
THR HG21 H  N N 322 
THR HG22 H  N N 323 
THR HG23 H  N N 324 
THR HXT  H  N N 325 
TRP N    N  N N 326 
TRP CA   C  N S 327 
TRP C    C  N N 328 
TRP O    O  N N 329 
TRP CB   C  N N 330 
TRP CG   C  Y N 331 
TRP CD1  C  Y N 332 
TRP CD2  C  Y N 333 
TRP NE1  N  Y N 334 
TRP CE2  C  Y N 335 
TRP CE3  C  Y N 336 
TRP CZ2  C  Y N 337 
TRP CZ3  C  Y N 338 
TRP CH2  C  Y N 339 
TRP OXT  O  N N 340 
TRP H    H  N N 341 
TRP H2   H  N N 342 
TRP HA   H  N N 343 
TRP HB2  H  N N 344 
TRP HB3  H  N N 345 
TRP HD1  H  N N 346 
TRP HE1  H  N N 347 
TRP HE3  H  N N 348 
TRP HZ2  H  N N 349 
TRP HZ3  H  N N 350 
TRP HH2  H  N N 351 
TRP HXT  H  N N 352 
TYR N    N  N N 353 
TYR CA   C  N S 354 
TYR C    C  N N 355 
TYR O    O  N N 356 
TYR CB   C  N N 357 
TYR CG   C  Y N 358 
TYR CD1  C  Y N 359 
TYR CD2  C  Y N 360 
TYR CE1  C  Y N 361 
TYR CE2  C  Y N 362 
TYR CZ   C  Y N 363 
TYR OH   O  N N 364 
TYR OXT  O  N N 365 
TYR H    H  N N 366 
TYR H2   H  N N 367 
TYR HA   H  N N 368 
TYR HB2  H  N N 369 
TYR HB3  H  N N 370 
TYR HD1  H  N N 371 
TYR HD2  H  N N 372 
TYR HE1  H  N N 373 
TYR HE2  H  N N 374 
TYR HH   H  N N 375 
TYR HXT  H  N N 376 
VAL N    N  N N 377 
VAL CA   C  N S 378 
VAL C    C  N N 379 
VAL O    O  N N 380 
VAL CB   C  N N 381 
VAL CG1  C  N N 382 
VAL CG2  C  N N 383 
VAL OXT  O  N N 384 
VAL H    H  N N 385 
VAL H2   H  N N 386 
VAL HA   H  N N 387 
VAL HB   H  N N 388 
VAL HG11 H  N N 389 
VAL HG12 H  N N 390 
VAL HG13 H  N N 391 
VAL HG21 H  N N 392 
VAL HG22 H  N N 393 
VAL HG23 H  N N 394 
VAL HXT  H  N N 395 
# 
loop_
_chem_comp_bond.comp_id 
_chem_comp_bond.atom_id_1 
_chem_comp_bond.atom_id_2 
_chem_comp_bond.value_order 
_chem_comp_bond.pdbx_aromatic_flag 
_chem_comp_bond.pdbx_stereo_config 
_chem_comp_bond.pdbx_ordinal 
ALA N   CA   sing N N 1   
ALA N   H    sing N N 2   
ALA N   H2   sing N N 3   
ALA CA  C    sing N N 4   
ALA CA  CB   sing N N 5   
ALA CA  HA   sing N N 6   
ALA C   O    doub N N 7   
ALA C   OXT  sing N N 8   
ALA CB  HB1  sing N N 9   
ALA CB  HB2  sing N N 10  
ALA CB  HB3  sing N N 11  
ALA OXT HXT  sing N N 12  
ARG N   CA   sing N N 13  
ARG N   H    sing N N 14  
ARG N   H2   sing N N 15  
ARG CA  C    sing N N 16  
ARG CA  CB   sing N N 17  
ARG CA  HA   sing N N 18  
ARG C   O    doub N N 19  
ARG C   OXT  sing N N 20  
ARG CB  CG   sing N N 21  
ARG CB  HB2  sing N N 22  
ARG CB  HB3  sing N N 23  
ARG CG  CD   sing N N 24  
ARG CG  HG2  sing N N 25  
ARG CG  HG3  sing N N 26  
ARG CD  NE   sing N N 27  
ARG CD  HD2  sing N N 28  
ARG CD  HD3  sing N N 29  
ARG NE  CZ   sing N N 30  
ARG NE  HE   sing N N 31  
ARG CZ  NH1  sing N N 32  
ARG CZ  NH2  doub N N 33  
ARG NH1 HH11 sing N N 34  
ARG NH1 HH12 sing N N 35  
ARG NH2 HH21 sing N N 36  
ARG NH2 HH22 sing N N 37  
ARG OXT HXT  sing N N 38  
ASN N   CA   sing N N 39  
ASN N   H    sing N N 40  
ASN N   H2   sing N N 41  
ASN CA  C    sing N N 42  
ASN CA  CB   sing N N 43  
ASN CA  HA   sing N N 44  
ASN C   O    doub N N 45  
ASN C   OXT  sing N N 46  
ASN CB  CG   sing N N 47  
ASN CB  HB2  sing N N 48  
ASN CB  HB3  sing N N 49  
ASN CG  OD1  doub N N 50  
ASN CG  ND2  sing N N 51  
ASN ND2 HD21 sing N N 52  
ASN ND2 HD22 sing N N 53  
ASN OXT HXT  sing N N 54  
ASP N   CA   sing N N 55  
ASP N   H    sing N N 56  
ASP N   H2   sing N N 57  
ASP CA  C    sing N N 58  
ASP CA  CB   sing N N 59  
ASP CA  HA   sing N N 60  
ASP C   O    doub N N 61  
ASP C   OXT  sing N N 62  
ASP CB  CG   sing N N 63  
ASP CB  HB2  sing N N 64  
ASP CB  HB3  sing N N 65  
ASP CG  OD1  doub N N 66  
ASP CG  OD2  sing N N 67  
ASP OD2 HD2  sing N N 68  
ASP OXT HXT  sing N N 69  
CYS N   CA   sing N N 70  
CYS N   H    sing N N 71  
CYS N   H2   sing N N 72  
CYS CA  C    sing N N 73  
CYS CA  CB   sing N N 74  
CYS CA  HA   sing N N 75  
CYS C   O    doub N N 76  
CYS C   OXT  sing N N 77  
CYS CB  SG   sing N N 78  
CYS CB  HB2  sing N N 79  
CYS CB  HB3  sing N N 80  
CYS SG  HG   sing N N 81  
CYS OXT HXT  sing N N 82  
GLN N   CA   sing N N 83  
GLN N   H    sing N N 84  
GLN N   H2   sing N N 85  
GLN CA  C    sing N N 86  
GLN CA  CB   sing N N 87  
GLN CA  HA   sing N N 88  
GLN C   O    doub N N 89  
GLN C   OXT  sing N N 90  
GLN CB  CG   sing N N 91  
GLN CB  HB2  sing N N 92  
GLN CB  HB3  sing N N 93  
GLN CG  CD   sing N N 94  
GLN CG  HG2  sing N N 95  
GLN CG  HG3  sing N N 96  
GLN CD  OE1  doub N N 97  
GLN CD  NE2  sing N N 98  
GLN NE2 HE21 sing N N 99  
GLN NE2 HE22 sing N N 100 
GLN OXT HXT  sing N N 101 
GLU N   CA   sing N N 102 
GLU N   H    sing N N 103 
GLU N   H2   sing N N 104 
GLU CA  C    sing N N 105 
GLU CA  CB   sing N N 106 
GLU CA  HA   sing N N 107 
GLU C   O    doub N N 108 
GLU C   OXT  sing N N 109 
GLU CB  CG   sing N N 110 
GLU CB  HB2  sing N N 111 
GLU CB  HB3  sing N N 112 
GLU CG  CD   sing N N 113 
GLU CG  HG2  sing N N 114 
GLU CG  HG3  sing N N 115 
GLU CD  OE1  doub N N 116 
GLU CD  OE2  sing N N 117 
GLU OE2 HE2  sing N N 118 
GLU OXT HXT  sing N N 119 
GLY N   CA   sing N N 120 
GLY N   H    sing N N 121 
GLY N   H2   sing N N 122 
GLY CA  C    sing N N 123 
GLY CA  HA2  sing N N 124 
GLY CA  HA3  sing N N 125 
GLY C   O    doub N N 126 
GLY C   OXT  sing N N 127 
GLY OXT HXT  sing N N 128 
HIS N   CA   sing N N 129 
HIS N   H    sing N N 130 
HIS N   H2   sing N N 131 
HIS CA  C    sing N N 132 
HIS CA  CB   sing N N 133 
HIS CA  HA   sing N N 134 
HIS C   O    doub N N 135 
HIS C   OXT  sing N N 136 
HIS CB  CG   sing N N 137 
HIS CB  HB2  sing N N 138 
HIS CB  HB3  sing N N 139 
HIS CG  ND1  sing Y N 140 
HIS CG  CD2  doub Y N 141 
HIS ND1 CE1  doub Y N 142 
HIS ND1 HD1  sing N N 143 
HIS CD2 NE2  sing Y N 144 
HIS CD2 HD2  sing N N 145 
HIS CE1 NE2  sing Y N 146 
HIS CE1 HE1  sing N N 147 
HIS NE2 HE2  sing N N 148 
HIS OXT HXT  sing N N 149 
HOH O   H1   sing N N 150 
HOH O   H2   sing N N 151 
ILE N   CA   sing N N 152 
ILE N   H    sing N N 153 
ILE N   H2   sing N N 154 
ILE CA  C    sing N N 155 
ILE CA  CB   sing N N 156 
ILE CA  HA   sing N N 157 
ILE C   O    doub N N 158 
ILE C   OXT  sing N N 159 
ILE CB  CG1  sing N N 160 
ILE CB  CG2  sing N N 161 
ILE CB  HB   sing N N 162 
ILE CG1 CD1  sing N N 163 
ILE CG1 HG12 sing N N 164 
ILE CG1 HG13 sing N N 165 
ILE CG2 HG21 sing N N 166 
ILE CG2 HG22 sing N N 167 
ILE CG2 HG23 sing N N 168 
ILE CD1 HD11 sing N N 169 
ILE CD1 HD12 sing N N 170 
ILE CD1 HD13 sing N N 171 
ILE OXT HXT  sing N N 172 
LEU N   CA   sing N N 173 
LEU N   H    sing N N 174 
LEU N   H2   sing N N 175 
LEU CA  C    sing N N 176 
LEU CA  CB   sing N N 177 
LEU CA  HA   sing N N 178 
LEU C   O    doub N N 179 
LEU C   OXT  sing N N 180 
LEU CB  CG   sing N N 181 
LEU CB  HB2  sing N N 182 
LEU CB  HB3  sing N N 183 
LEU CG  CD1  sing N N 184 
LEU CG  CD2  sing N N 185 
LEU CG  HG   sing N N 186 
LEU CD1 HD11 sing N N 187 
LEU CD1 HD12 sing N N 188 
LEU CD1 HD13 sing N N 189 
LEU CD2 HD21 sing N N 190 
LEU CD2 HD22 sing N N 191 
LEU CD2 HD23 sing N N 192 
LEU OXT HXT  sing N N 193 
LYS N   CA   sing N N 194 
LYS N   H    sing N N 195 
LYS N   H2   sing N N 196 
LYS CA  C    sing N N 197 
LYS CA  CB   sing N N 198 
LYS CA  HA   sing N N 199 
LYS C   O    doub N N 200 
LYS C   OXT  sing N N 201 
LYS CB  CG   sing N N 202 
LYS CB  HB2  sing N N 203 
LYS CB  HB3  sing N N 204 
LYS CG  CD   sing N N 205 
LYS CG  HG2  sing N N 206 
LYS CG  HG3  sing N N 207 
LYS CD  CE   sing N N 208 
LYS CD  HD2  sing N N 209 
LYS CD  HD3  sing N N 210 
LYS CE  NZ   sing N N 211 
LYS CE  HE2  sing N N 212 
LYS CE  HE3  sing N N 213 
LYS NZ  HZ1  sing N N 214 
LYS NZ  HZ2  sing N N 215 
LYS NZ  HZ3  sing N N 216 
LYS OXT HXT  sing N N 217 
MSE N   CA   sing N N 218 
MSE N   H    sing N N 219 
MSE N   H2   sing N N 220 
MSE CA  C    sing N N 221 
MSE CA  CB   sing N N 222 
MSE CA  HA   sing N N 223 
MSE C   O    doub N N 224 
MSE C   OXT  sing N N 225 
MSE OXT HXT  sing N N 226 
MSE CB  CG   sing N N 227 
MSE CB  HB2  sing N N 228 
MSE CB  HB3  sing N N 229 
MSE CG  SE   sing N N 230 
MSE CG  HG2  sing N N 231 
MSE CG  HG3  sing N N 232 
MSE SE  CE   sing N N 233 
MSE CE  HE1  sing N N 234 
MSE CE  HE2  sing N N 235 
MSE CE  HE3  sing N N 236 
PHE N   CA   sing N N 237 
PHE N   H    sing N N 238 
PHE N   H2   sing N N 239 
PHE CA  C    sing N N 240 
PHE CA  CB   sing N N 241 
PHE CA  HA   sing N N 242 
PHE C   O    doub N N 243 
PHE C   OXT  sing N N 244 
PHE CB  CG   sing N N 245 
PHE CB  HB2  sing N N 246 
PHE CB  HB3  sing N N 247 
PHE CG  CD1  doub Y N 248 
PHE CG  CD2  sing Y N 249 
PHE CD1 CE1  sing Y N 250 
PHE CD1 HD1  sing N N 251 
PHE CD2 CE2  doub Y N 252 
PHE CD2 HD2  sing N N 253 
PHE CE1 CZ   doub Y N 254 
PHE CE1 HE1  sing N N 255 
PHE CE2 CZ   sing Y N 256 
PHE CE2 HE2  sing N N 257 
PHE CZ  HZ   sing N N 258 
PHE OXT HXT  sing N N 259 
PRO N   CA   sing N N 260 
PRO N   CD   sing N N 261 
PRO N   H    sing N N 262 
PRO CA  C    sing N N 263 
PRO CA  CB   sing N N 264 
PRO CA  HA   sing N N 265 
PRO C   O    doub N N 266 
PRO C   OXT  sing N N 267 
PRO CB  CG   sing N N 268 
PRO CB  HB2  sing N N 269 
PRO CB  HB3  sing N N 270 
PRO CG  CD   sing N N 271 
PRO CG  HG2  sing N N 272 
PRO CG  HG3  sing N N 273 
PRO CD  HD2  sing N N 274 
PRO CD  HD3  sing N N 275 
PRO OXT HXT  sing N N 276 
SER N   CA   sing N N 277 
SER N   H    sing N N 278 
SER N   H2   sing N N 279 
SER CA  C    sing N N 280 
SER CA  CB   sing N N 281 
SER CA  HA   sing N N 282 
SER C   O    doub N N 283 
SER C   OXT  sing N N 284 
SER CB  OG   sing N N 285 
SER CB  HB2  sing N N 286 
SER CB  HB3  sing N N 287 
SER OG  HG   sing N N 288 
SER OXT HXT  sing N N 289 
SO4 S   O1   doub N N 290 
SO4 S   O2   doub N N 291 
SO4 S   O3   sing N N 292 
SO4 S   O4   sing N N 293 
THR N   CA   sing N N 294 
THR N   H    sing N N 295 
THR N   H2   sing N N 296 
THR CA  C    sing N N 297 
THR CA  CB   sing N N 298 
THR CA  HA   sing N N 299 
THR C   O    doub N N 300 
THR C   OXT  sing N N 301 
THR CB  OG1  sing N N 302 
THR CB  CG2  sing N N 303 
THR CB  HB   sing N N 304 
THR OG1 HG1  sing N N 305 
THR CG2 HG21 sing N N 306 
THR CG2 HG22 sing N N 307 
THR CG2 HG23 sing N N 308 
THR OXT HXT  sing N N 309 
TRP N   CA   sing N N 310 
TRP N   H    sing N N 311 
TRP N   H2   sing N N 312 
TRP CA  C    sing N N 313 
TRP CA  CB   sing N N 314 
TRP CA  HA   sing N N 315 
TRP C   O    doub N N 316 
TRP C   OXT  sing N N 317 
TRP CB  CG   sing N N 318 
TRP CB  HB2  sing N N 319 
TRP CB  HB3  sing N N 320 
TRP CG  CD1  doub Y N 321 
TRP CG  CD2  sing Y N 322 
TRP CD1 NE1  sing Y N 323 
TRP CD1 HD1  sing N N 324 
TRP CD2 CE2  doub Y N 325 
TRP CD2 CE3  sing Y N 326 
TRP NE1 CE2  sing Y N 327 
TRP NE1 HE1  sing N N 328 
TRP CE2 CZ2  sing Y N 329 
TRP CE3 CZ3  doub Y N 330 
TRP CE3 HE3  sing N N 331 
TRP CZ2 CH2  doub Y N 332 
TRP CZ2 HZ2  sing N N 333 
TRP CZ3 CH2  sing Y N 334 
TRP CZ3 HZ3  sing N N 335 
TRP CH2 HH2  sing N N 336 
TRP OXT HXT  sing N N 337 
TYR N   CA   sing N N 338 
TYR N   H    sing N N 339 
TYR N   H2   sing N N 340 
TYR CA  C    sing N N 341 
TYR CA  CB   sing N N 342 
TYR CA  HA   sing N N 343 
TYR C   O    doub N N 344 
TYR C   OXT  sing N N 345 
TYR CB  CG   sing N N 346 
TYR CB  HB2  sing N N 347 
TYR CB  HB3  sing N N 348 
TYR CG  CD1  doub Y N 349 
TYR CG  CD2  sing Y N 350 
TYR CD1 CE1  sing Y N 351 
TYR CD1 HD1  sing N N 352 
TYR CD2 CE2  doub Y N 353 
TYR CD2 HD2  sing N N 354 
TYR CE1 CZ   doub Y N 355 
TYR CE1 HE1  sing N N 356 
TYR CE2 CZ   sing Y N 357 
TYR CE2 HE2  sing N N 358 
TYR CZ  OH   sing N N 359 
TYR OH  HH   sing N N 360 
TYR OXT HXT  sing N N 361 
VAL N   CA   sing N N 362 
VAL N   H    sing N N 363 
VAL N   H2   sing N N 364 
VAL CA  C    sing N N 365 
VAL CA  CB   sing N N 366 
VAL CA  HA   sing N N 367 
VAL C   O    doub N N 368 
VAL C   OXT  sing N N 369 
VAL CB  CG1  sing N N 370 
VAL CB  CG2  sing N N 371 
VAL CB  HB   sing N N 372 
VAL CG1 HG11 sing N N 373 
VAL CG1 HG12 sing N N 374 
VAL CG1 HG13 sing N N 375 
VAL CG2 HG21 sing N N 376 
VAL CG2 HG22 sing N N 377 
VAL CG2 HG23 sing N N 378 
VAL OXT HXT  sing N N 379 
# 
_atom_sites.entry_id                    3EY5 
_atom_sites.fract_transf_matrix[1][1]   -0.00730682 
_atom_sites.fract_transf_matrix[1][2]   -0.00568207 
_atom_sites.fract_transf_matrix[1][3]   -0.02145447 
_atom_sites.fract_transf_matrix[2][1]   -0.00059149 
_atom_sites.fract_transf_matrix[2][2]   0.01907508 
_atom_sites.fract_transf_matrix[2][3]   -0.00485046 
_atom_sites.fract_transf_matrix[3][1]   0.01287065 
_atom_sites.fract_transf_matrix[3][2]   -0.00067037 
_atom_sites.fract_transf_matrix[3][3]   -0.00420585 
_atom_sites.fract_transf_vector[1]      0.075720 
_atom_sites.fract_transf_vector[2]      0.061800 
_atom_sites.fract_transf_vector[3]      0.111323 
# 
loop_
_atom_type.symbol 
C  
N  
O  
S  
SE 
# 
loop_
_atom_site.group_PDB 
_atom_site.id 
_atom_site.type_symbol 
_atom_site.label_atom_id 
_atom_site.label_alt_id 
_atom_site.label_comp_id 
_atom_site.label_asym_id 
_atom_site.label_entity_id 
_atom_site.label_seq_id 
_atom_site.pdbx_PDB_ins_code 
_atom_site.Cartn_x 
_atom_site.Cartn_y 
_atom_site.Cartn_z 
_atom_site.occupancy 
_atom_site.B_iso_or_equiv 
_atom_site.pdbx_formal_charge 
_atom_site.auth_seq_id 
_atom_site.auth_comp_id 
_atom_site.auth_asym_id 
_atom_site.auth_atom_id 
_atom_site.pdbx_PDB_model_num 
ATOM   1    N  N   . ILE A 1 5   ? 15.413  0.960   10.725  1.00 22.86 ? 2   ILE A N   1 
ATOM   2    C  CA  . ILE A 1 5   ? 14.014  0.576   10.376  1.00 22.61 ? 2   ILE A CA  1 
ATOM   3    C  C   . ILE A 1 5   ? 14.023  -0.841  9.880   1.00 22.79 ? 2   ILE A C   1 
ATOM   4    O  O   . ILE A 1 5   ? 14.911  -1.236  9.141   1.00 24.07 ? 2   ILE A O   1 
ATOM   5    C  CB  . ILE A 1 5   ? 13.364  1.510   9.326   1.00 22.45 ? 2   ILE A CB  1 
ATOM   6    C  CG1 . ILE A 1 5   ? 13.273  2.932   9.878   1.00 21.85 ? 2   ILE A CG1 1 
ATOM   7    C  CG2 . ILE A 1 5   ? 11.983  0.962   8.885   1.00 22.67 ? 2   ILE A CG2 1 
ATOM   8    C  CD1 . ILE A 1 5   ? 11.883  3.503   9.968   1.00 23.55 ? 2   ILE A CD1 1 
ATOM   9    N  N   . ARG A 1 6   ? 13.014  -1.597  10.272  1.00 22.93 ? 3   ARG A N   1 
ATOM   10   C  CA  . ARG A 1 6   ? 12.967  -3.027  10.015  1.00 23.00 ? 3   ARG A CA  1 
ATOM   11   C  C   . ARG A 1 6   ? 11.539  -3.495  9.752   1.00 22.63 ? 3   ARG A C   1 
ATOM   12   O  O   . ARG A 1 6   ? 10.616  -3.123  10.478  1.00 21.35 ? 3   ARG A O   1 
ATOM   13   C  CB  . ARG A 1 6   ? 13.529  -3.735  11.247  1.00 23.00 ? 3   ARG A CB  1 
ATOM   14   C  CG  . ARG A 1 6   ? 13.578  -5.224  11.140  1.00 25.70 ? 3   ARG A CG  1 
ATOM   15   C  CD  . ARG A 1 6   ? 14.375  -5.799  12.308  1.00 28.84 ? 3   ARG A CD  1 
ATOM   16   N  NE  . ARG A 1 6   ? 13.625  -5.725  13.559  1.00 31.61 ? 3   ARG A NE  1 
ATOM   17   C  CZ  . ARG A 1 6   ? 12.610  -6.521  13.874  1.00 33.40 ? 3   ARG A CZ  1 
ATOM   18   N  NH1 . ARG A 1 6   ? 12.192  -7.454  13.021  1.00 35.45 ? 3   ARG A NH1 1 
ATOM   19   N  NH2 . ARG A 1 6   ? 12.004  -6.375  15.045  1.00 36.32 ? 3   ARG A NH2 1 
ATOM   20   N  N   . PHE A 1 7   ? 11.363  -4.314  8.715   1.00 23.08 ? 4   PHE A N   1 
ATOM   21   C  CA  . PHE A 1 7   ? 10.068  -4.915  8.427   1.00 23.49 ? 4   PHE A CA  1 
ATOM   22   C  C   . PHE A 1 7   ? 10.049  -6.369  8.834   1.00 24.27 ? 4   PHE A C   1 
ATOM   23   O  O   . PHE A 1 7   ? 10.961  -7.158  8.472   1.00 24.70 ? 4   PHE A O   1 
ATOM   24   C  CB  . PHE A 1 7   ? 9.763   -4.838  6.939   1.00 24.13 ? 4   PHE A CB  1 
ATOM   25   C  CG  . PHE A 1 7   ? 9.937   -3.474  6.363   1.00 24.68 ? 4   PHE A CG  1 
ATOM   26   C  CD1 . PHE A 1 7   ? 8.869   -2.620  6.256   1.00 26.08 ? 4   PHE A CD1 1 
ATOM   27   C  CD2 . PHE A 1 7   ? 11.182  -3.039  5.942   1.00 26.49 ? 4   PHE A CD2 1 
ATOM   28   C  CE1 . PHE A 1 7   ? 9.026   -1.341  5.716   1.00 26.25 ? 4   PHE A CE1 1 
ATOM   29   C  CE2 . PHE A 1 7   ? 11.343  -1.764  5.412   1.00 26.62 ? 4   PHE A CE2 1 
ATOM   30   C  CZ  . PHE A 1 7   ? 10.262  -0.917  5.306   1.00 25.40 ? 4   PHE A CZ  1 
ATOM   31   N  N   . GLN A 1 8   ? 9.004   -6.745  9.559   1.00 24.28 ? 5   GLN A N   1 
ATOM   32   C  CA  . GLN A 1 8   ? 8.863   -8.137  9.926   1.00 25.11 ? 5   GLN A CA  1 
ATOM   33   C  C   . GLN A 1 8   ? 7.474   -8.729  9.680   1.00 24.62 ? 5   GLN A C   1 
ATOM   34   O  O   . GLN A 1 8   ? 6.468   -8.235  10.206  1.00 23.56 ? 5   GLN A O   1 
ATOM   35   C  CB  . GLN A 1 8   ? 9.419   -8.414  11.329  1.00 26.01 ? 5   GLN A CB  1 
ATOM   36   C  CG  . GLN A 1 8   ? 8.627   -7.941  12.522  1.00 27.72 ? 5   GLN A CG  1 
ATOM   37   C  CD  . GLN A 1 8   ? 8.850   -8.897  13.717  1.00 33.05 ? 5   GLN A CD  1 
ATOM   38   O  OE1 . GLN A 1 8   ? 8.308   -10.004 13.743  1.00 34.38 ? 5   GLN A OE1 1 
ATOM   39   N  NE2 . GLN A 1 8   ? 9.656   -8.472  14.695  1.00 33.38 ? 5   GLN A NE2 1 
ATOM   40   N  N   . PRO A 1 9   ? 7.426   -9.757  8.817   1.00 24.75 ? 6   PRO A N   1 
ATOM   41   C  CA  . PRO A 1 9   ? 6.179   -10.438 8.499   1.00 25.01 ? 6   PRO A CA  1 
ATOM   42   C  C   . PRO A 1 9   ? 5.465   -10.832 9.786   1.00 25.35 ? 6   PRO A C   1 
ATOM   43   O  O   . PRO A 1 9   ? 6.097   -11.149 10.795  1.00 24.97 ? 6   PRO A O   1 
ATOM   44   C  CB  . PRO A 1 9   ? 6.637   -11.681 7.732   1.00 25.11 ? 6   PRO A CB  1 
ATOM   45   C  CG  . PRO A 1 9   ? 7.944   -11.277 7.120   1.00 24.80 ? 6   PRO A CG  1 
ATOM   46   C  CD  . PRO A 1 9   ? 8.572   -10.302 8.052   1.00 24.69 ? 6   PRO A CD  1 
ATOM   47   N  N   . ILE A 1 10  ? 4.151   -10.778 9.758   1.00 25.53 ? 7   ILE A N   1 
ATOM   48   C  CA  . ILE A 1 10  ? 3.404   -11.034 10.955  1.00 25.72 ? 7   ILE A CA  1 
ATOM   49   C  C   . ILE A 1 10  ? 2.256   -11.958 10.643  1.00 25.82 ? 7   ILE A C   1 
ATOM   50   O  O   . ILE A 1 10  ? 1.714   -11.947 9.539   1.00 25.32 ? 7   ILE A O   1 
ATOM   51   C  CB  . ILE A 1 10  ? 3.002   -9.685  11.628  1.00 26.39 ? 7   ILE A CB  1 
ATOM   52   C  CG1 . ILE A 1 10  ? 3.264   -9.729  13.107  1.00 26.71 ? 7   ILE A CG1 1 
ATOM   53   C  CG2 . ILE A 1 10  ? 1.616   -9.127  11.235  1.00 25.43 ? 7   ILE A CG2 1 
ATOM   54   C  CD1 . ILE A 1 10  ? 4.640   -9.205  13.410  1.00 31.14 ? 7   ILE A CD1 1 
ATOM   55   N  N   . THR A 1 11  ? 1.952   -12.826 11.599  1.00 26.51 ? 8   THR A N   1 
ATOM   56   C  CA  . THR A 1 11  ? 0.736   -13.625 11.542  1.00 26.90 ? 8   THR A CA  1 
ATOM   57   C  C   . THR A 1 11  ? -0.215  -13.172 12.665  1.00 26.20 ? 8   THR A C   1 
ATOM   58   O  O   . THR A 1 11  ? 0.176   -12.453 13.577  1.00 26.96 ? 8   THR A O   1 
ATOM   59   C  CB  . THR A 1 11  ? 1.019   -15.179 11.556  1.00 26.93 ? 8   THR A CB  1 
ATOM   60   O  OG1 . THR A 1 11  ? 2.177   -15.481 12.351  1.00 28.53 ? 8   THR A OG1 1 
ATOM   61   C  CG2 . THR A 1 11  ? 1.254   -15.689 10.128  1.00 27.53 ? 8   THR A CG2 1 
ATOM   62   N  N   . THR A 1 12  ? -1.468  -13.570 12.581  1.00 25.47 ? 9   THR A N   1 
ATOM   63   C  CA  . THR A 1 12  ? -2.375  -13.345 13.668  1.00 25.58 ? 9   THR A CA  1 
ATOM   64   C  C   . THR A 1 12  ? -1.948  -14.176 14.905  1.00 26.23 ? 9   THR A C   1 
ATOM   65   O  O   . THR A 1 12  ? -2.525  -14.018 15.988  1.00 26.30 ? 9   THR A O   1 
ATOM   66   C  CB  . THR A 1 12  ? -3.773  -13.787 13.264  1.00 25.86 ? 9   THR A CB  1 
ATOM   67   O  OG1 . THR A 1 12  ? -3.754  -15.206 13.014  1.00 26.25 ? 9   THR A OG1 1 
ATOM   68   C  CG2 . THR A 1 12  ? -4.229  -13.064 12.026  1.00 23.65 ? 9   THR A CG2 1 
ATOM   69   N  N   . SER A 1 13  ? -0.952  -15.058 14.725  1.00 26.44 ? 10  SER A N   1 
ATOM   70   C  CA  . SER A 1 13  ? -0.285  -15.779 15.821  1.00 27.16 ? 10  SER A CA  1 
ATOM   71   C  C   . SER A 1 13  ? 0.534   -14.837 16.694  1.00 27.35 ? 10  SER A C   1 
ATOM   72   O  O   . SER A 1 13  ? 0.816   -15.142 17.862  1.00 26.98 ? 10  SER A O   1 
ATOM   73   C  CB  . SER A 1 13  ? 0.632   -16.882 15.268  1.00 27.19 ? 10  SER A CB  1 
ATOM   74   O  OG  . SER A 1 13  ? -0.110  -17.869 14.559  1.00 27.16 ? 10  SER A OG  1 
ATOM   75   N  N   . ASP A 1 14  ? 0.917   -13.697 16.119  1.00 27.55 ? 11  ASP A N   1 
ATOM   76   C  CA  . ASP A 1 14  ? 1.638   -12.663 16.835  1.00 27.81 ? 11  ASP A CA  1 
ATOM   77   C  C   . ASP A 1 14  ? 0.622   -11.691 17.390  1.00 27.97 ? 11  ASP A C   1 
ATOM   78   O  O   . ASP A 1 14  ? 0.479   -10.569 16.897  1.00 28.37 ? 11  ASP A O   1 
ATOM   79   C  CB  . ASP A 1 14  ? 2.587   -11.966 15.880  1.00 28.31 ? 11  ASP A CB  1 
ATOM   80   C  CG  . ASP A 1 14  ? 3.532   -12.924 15.231  1.00 30.04 ? 11  ASP A CG  1 
ATOM   81   O  OD1 . ASP A 1 14  ? 4.170   -13.691 15.983  1.00 32.51 ? 11  ASP A OD1 1 
ATOM   82   O  OD2 . ASP A 1 14  ? 3.631   -12.931 13.982  1.00 31.05 ? 11  ASP A OD2 1 
ATOM   83   N  N   . VAL A 1 15  ? -0.088  -12.142 18.422  1.00 28.07 ? 12  VAL A N   1 
ATOM   84   C  CA  . VAL A 1 15  ? -1.205  -11.414 19.015  1.00 27.53 ? 12  VAL A CA  1 
ATOM   85   C  C   . VAL A 1 15  ? -0.959  -9.909  19.185  1.00 26.96 ? 12  VAL A C   1 
ATOM   86   O  O   . VAL A 1 15  ? -1.719  -9.102  18.622  1.00 26.63 ? 12  VAL A O   1 
ATOM   87   C  CB  . VAL A 1 15  ? -1.700  -12.112 20.324  1.00 27.76 ? 12  VAL A CB  1 
ATOM   88   C  CG1 . VAL A 1 15  ? -2.089  -11.114 21.413  1.00 28.18 ? 12  VAL A CG1 1 
ATOM   89   C  CG2 . VAL A 1 15  ? -2.859  -13.053 20.013  1.00 28.04 ? 12  VAL A CG2 1 
ATOM   90   N  N   . GLN A 1 16  ? 0.098   -9.533  19.912  1.00 26.17 ? 13  GLN A N   1 
ATOM   91   C  CA  . GLN A 1 16  ? 0.358   -8.111  20.206  1.00 26.14 ? 13  GLN A CA  1 
ATOM   92   C  C   . GLN A 1 16  ? 0.591   -7.277  18.949  1.00 25.45 ? 13  GLN A C   1 
ATOM   93   O  O   . GLN A 1 16  ? 0.026   -6.179  18.795  1.00 25.45 ? 13  GLN A O   1 
ATOM   94   C  CB  . GLN A 1 16  ? 1.524   -7.917  21.181  1.00 26.34 ? 13  GLN A CB  1 
ATOM   95   C  CG  . GLN A 1 16  ? 2.181   -6.530  21.084  1.00 27.69 ? 13  GLN A CG  1 
ATOM   96   C  CD  . GLN A 1 16  ? 2.953   -6.137  22.325  1.00 28.49 ? 13  GLN A CD  1 
ATOM   97   O  OE1 . GLN A 1 16  ? 2.582   -5.190  23.020  1.00 29.09 ? 13  GLN A OE1 1 
ATOM   98   N  NE2 . GLN A 1 16  ? 4.043   -6.853  22.604  1.00 29.30 ? 13  GLN A NE2 1 
ATOM   99   N  N   . HIS A 1 17  ? 1.422   -7.800  18.055  1.00 24.79 ? 14  HIS A N   1 
ATOM   100  C  CA  . HIS A 1 17  ? 1.716   -7.096  16.828  1.00 23.62 ? 14  HIS A CA  1 
ATOM   101  C  C   . HIS A 1 17  ? 0.519   -7.025  15.916  1.00 22.97 ? 14  HIS A C   1 
ATOM   102  O  O   . HIS A 1 17  ? 0.282   -5.985  15.302  1.00 23.37 ? 14  HIS A O   1 
ATOM   103  C  CB  . HIS A 1 17  ? 2.896   -7.713  16.118  1.00 23.54 ? 14  HIS A CB  1 
ATOM   104  C  CG  . HIS A 1 17  ? 4.148   -7.708  16.931  1.00 25.31 ? 14  HIS A CG  1 
ATOM   105  N  ND1 . HIS A 1 17  ? 4.409   -6.748  17.889  1.00 26.19 ? 14  HIS A ND1 1 
ATOM   106  C  CD2 . HIS A 1 17  ? 5.220   -8.541  16.921  1.00 25.81 ? 14  HIS A CD2 1 
ATOM   107  C  CE1 . HIS A 1 17  ? 5.588   -6.994  18.434  1.00 27.64 ? 14  HIS A CE1 1 
ATOM   108  N  NE2 . HIS A 1 17  ? 6.099   -8.075  17.864  1.00 26.80 ? 14  HIS A NE2 1 
ATOM   109  N  N   . TYR A 1 18  ? -0.241  -8.104  15.810  1.00 22.42 ? 15  TYR A N   1 
ATOM   110  C  CA  . TYR A 1 18  ? -1.378  -8.076  14.892  1.00 23.00 ? 15  TYR A CA  1 
ATOM   111  C  C   . TYR A 1 18  ? -2.459  -7.085  15.319  1.00 23.06 ? 15  TYR A C   1 
ATOM   112  O  O   . TYR A 1 18  ? -3.031  -6.371  14.469  1.00 23.47 ? 15  TYR A O   1 
ATOM   113  C  CB  . TYR A 1 18  ? -1.976  -9.451  14.636  1.00 23.12 ? 15  TYR A CB  1 
ATOM   114  C  CG  . TYR A 1 18  ? -3.024  -9.422  13.530  1.00 24.03 ? 15  TYR A CG  1 
ATOM   115  C  CD1 . TYR A 1 18  ? -2.671  -9.665  12.194  1.00 25.15 ? 15  TYR A CD1 1 
ATOM   116  C  CD2 . TYR A 1 18  ? -4.366  -9.137  13.818  1.00 23.82 ? 15  TYR A CD2 1 
ATOM   117  C  CE1 . TYR A 1 18  ? -3.630  -9.635  11.187  1.00 24.35 ? 15  TYR A CE1 1 
ATOM   118  C  CE2 . TYR A 1 18  ? -5.325  -9.110  12.829  1.00 23.50 ? 15  TYR A CE2 1 
ATOM   119  C  CZ  . TYR A 1 18  ? -4.962  -9.362  11.523  1.00 25.97 ? 15  TYR A CZ  1 
ATOM   120  O  OH  . TYR A 1 18  ? -5.935  -9.318  10.543  1.00 29.27 ? 15  TYR A OH  1 
ATOM   121  N  N   . LYS A 1 19  ? -2.725  -7.043  16.621  1.00 22.69 ? 16  LYS A N   1 
ATOM   122  C  CA  . LYS A 1 19  ? -3.681  -6.110  17.197  1.00 22.87 ? 16  LYS A CA  1 
ATOM   123  C  C   . LYS A 1 19  ? -3.201  -4.670  17.006  1.00 22.40 ? 16  LYS A C   1 
ATOM   124  O  O   . LYS A 1 19  ? -4.003  -3.787  16.722  1.00 23.22 ? 16  LYS A O   1 
ATOM   125  C  CB  . LYS A 1 19  ? -3.887  -6.399  18.681  1.00 22.88 ? 16  LYS A CB  1 
ATOM   126  C  CG  . LYS A 1 19  ? -5.253  -5.971  19.203  1.00 24.73 ? 16  LYS A CG  1 
ATOM   127  C  CD  . LYS A 1 19  ? -5.529  -6.581  20.571  1.00 27.50 ? 16  LYS A CD  1 
ATOM   128  C  CE  . LYS A 1 19  ? -6.993  -6.387  21.004  1.00 30.91 ? 16  LYS A CE  1 
ATOM   129  N  NZ  . LYS A 1 19  ? -7.899  -7.506  20.565  1.00 33.28 ? 16  LYS A NZ  1 
ATOM   130  N  N   . PHE A 1 20  ? -1.898  -4.444  17.164  1.00 21.17 ? 17  PHE A N   1 
ATOM   131  C  CA  . PHE A 1 20  ? -1.304  -3.150  16.874  1.00 20.65 ? 17  PHE A CA  1 
ATOM   132  C  C   . PHE A 1 20  ? -1.579  -2.725  15.420  1.00 20.25 ? 17  PHE A C   1 
ATOM   133  O  O   . PHE A 1 20  ? -2.027  -1.611  15.175  1.00 18.39 ? 17  PHE A O   1 
ATOM   134  C  CB  . PHE A 1 20  ? 0.217   -3.166  17.132  1.00 20.58 ? 17  PHE A CB  1 
ATOM   135  C  CG  . PHE A 1 20  ? 0.946   -1.948  16.592  1.00 20.44 ? 17  PHE A CG  1 
ATOM   136  C  CD1 . PHE A 1 20  ? 0.964   -0.753  17.311  1.00 20.07 ? 17  PHE A CD1 1 
ATOM   137  C  CD2 . PHE A 1 20  ? 1.595   -1.992  15.354  1.00 21.12 ? 17  PHE A CD2 1 
ATOM   138  C  CE1 . PHE A 1 20  ? 1.635   0.366   16.814  1.00 21.04 ? 17  PHE A CE1 1 
ATOM   139  C  CE2 . PHE A 1 20  ? 2.271   -0.874  14.854  1.00 20.17 ? 17  PHE A CE2 1 
ATOM   140  C  CZ  . PHE A 1 20  ? 2.288   0.305   15.587  1.00 19.11 ? 17  PHE A CZ  1 
HETATM 141  N  N   . MSE A 1 21  ? -1.272  -3.608  14.476  1.00 20.26 ? 18  MSE A N   1 
HETATM 142  C  CA  . MSE A 1 21  ? -1.518  -3.362  13.047  1.00 21.27 ? 18  MSE A CA  1 
HETATM 143  C  C   . MSE A 1 21  ? -3.008  -3.028  12.816  1.00 21.65 ? 18  MSE A C   1 
HETATM 144  O  O   . MSE A 1 21  ? -3.353  -2.009  12.187  1.00 22.58 ? 18  MSE A O   1 
HETATM 145  C  CB  . MSE A 1 21  ? -1.081  -4.591  12.224  1.00 21.10 ? 18  MSE A CB  1 
HETATM 146  C  CG  . MSE A 1 21  ? -1.419  -4.597  10.731  1.00 21.40 ? 18  MSE A CG  1 
HETATM 147  SE SE  . MSE A 1 21  ? -3.225  -5.232  10.334  0.50 23.49 ? 18  MSE A SE  1 
HETATM 148  C  CE  . MSE A 1 21  ? -3.244  -4.795  8.425   1.00 28.05 ? 18  MSE A CE  1 
ATOM   149  N  N   . GLU A 1 22  ? -3.867  -3.873  13.359  1.00 21.29 ? 19  GLU A N   1 
ATOM   150  C  CA  . GLU A 1 22  ? -5.313  -3.753  13.228  1.00 22.38 ? 19  GLU A CA  1 
ATOM   151  C  C   . GLU A 1 22  ? -5.916  -2.448  13.816  1.00 22.08 ? 19  GLU A C   1 
ATOM   152  O  O   . GLU A 1 22  ? -6.758  -1.825  13.173  1.00 21.49 ? 19  GLU A O   1 
ATOM   153  C  CB  . GLU A 1 22  ? -5.962  -4.962  13.897  1.00 23.05 ? 19  GLU A CB  1 
ATOM   154  C  CG  . GLU A 1 22  ? -7.362  -5.266  13.392  1.00 26.88 ? 19  GLU A CG  1 
ATOM   155  C  CD  . GLU A 1 22  ? -7.937  -6.497  14.054  1.00 32.01 ? 19  GLU A CD  1 
ATOM   156  O  OE1 . GLU A 1 22  ? -8.503  -6.379  15.175  1.00 33.23 ? 19  GLU A OE1 1 
ATOM   157  O  OE2 . GLU A 1 22  ? -7.800  -7.593  13.456  1.00 34.74 ? 19  GLU A OE2 1 
ATOM   158  N  N   . GLU A 1 23  ? -5.502  -2.064  15.027  1.00 20.84 ? 20  GLU A N   1 
ATOM   159  C  CA  . GLU A 1 23  ? -5.922  -0.792  15.612  1.00 21.15 ? 20  GLU A CA  1 
ATOM   160  C  C   . GLU A 1 23  ? -5.484  0.397   14.735  1.00 19.96 ? 20  GLU A C   1 
ATOM   161  O  O   . GLU A 1 23  ? -6.273  1.293   14.436  1.00 19.33 ? 20  GLU A O   1 
ATOM   162  C  CB  . GLU A 1 23  ? -5.403  -0.643  17.060  1.00 21.45 ? 20  GLU A CB  1 
ATOM   163  C  CG  . GLU A 1 23  ? -5.855  0.670   17.759  1.00 25.62 ? 20  GLU A CG  1 
ATOM   164  C  CD  . GLU A 1 23  ? -6.190  0.536   19.262  1.00 31.39 ? 20  GLU A CD  1 
ATOM   165  O  OE1 . GLU A 1 23  ? -5.681  -0.399  19.938  1.00 34.20 ? 20  GLU A OE1 1 
ATOM   166  O  OE2 . GLU A 1 23  ? -6.970  1.384   19.773  1.00 32.42 ? 20  GLU A OE2 1 
ATOM   167  N  N   . LEU A 1 24  ? -4.221  0.381   14.318  1.00 18.72 ? 21  LEU A N   1 
ATOM   168  C  CA  . LEU A 1 24  ? -3.660  1.442   13.520  1.00 17.28 ? 21  LEU A CA  1 
ATOM   169  C  C   . LEU A 1 24  ? -4.339  1.557   12.137  1.00 17.22 ? 21  LEU A C   1 
ATOM   170  O  O   . LEU A 1 24  ? -4.643  2.667   11.662  1.00 16.41 ? 21  LEU A O   1 
ATOM   171  C  CB  . LEU A 1 24  ? -2.161  1.203   13.399  1.00 16.86 ? 21  LEU A CB  1 
ATOM   172  C  CG  . LEU A 1 24  ? -1.350  2.187   12.595  1.00 17.65 ? 21  LEU A CG  1 
ATOM   173  C  CD1 . LEU A 1 24  ? -1.667  3.644   13.048  1.00 20.51 ? 21  LEU A CD1 1 
ATOM   174  C  CD2 . LEU A 1 24  ? 0.149   1.845   12.747  1.00 17.80 ? 21  LEU A CD2 1 
ATOM   175  N  N   . LEU A 1 25  ? -4.576  0.411   11.507  1.00 16.53 ? 22  LEU A N   1 
ATOM   176  C  CA  . LEU A 1 25  ? -5.374  0.337   10.279  1.00 16.63 ? 22  LEU A CA  1 
ATOM   177  C  C   . LEU A 1 25  ? -6.763  0.993   10.405  1.00 16.75 ? 22  LEU A C   1 
ATOM   178  O  O   . LEU A 1 25  ? -7.162  1.791   9.561   1.00 15.04 ? 22  LEU A O   1 
ATOM   179  C  CB  . LEU A 1 25  ? -5.576  -1.125  9.872   1.00 16.62 ? 22  LEU A CB  1 
ATOM   180  C  CG  . LEU A 1 25  ? -6.414  -1.399  8.615   1.00 18.99 ? 22  LEU A CG  1 
ATOM   181  C  CD1 . LEU A 1 25  ? -5.737  -0.929  7.351   1.00 17.39 ? 22  LEU A CD1 1 
ATOM   182  C  CD2 . LEU A 1 25  ? -6.772  -2.900  8.545   1.00 21.21 ? 22  LEU A CD2 1 
ATOM   183  N  N   . VAL A 1 26  ? -7.501  0.648   11.454  1.00 17.13 ? 23  VAL A N   1 
ATOM   184  C  CA  . VAL A 1 26  ? -8.868  1.138   11.570  1.00 17.97 ? 23  VAL A CA  1 
ATOM   185  C  C   . VAL A 1 26  ? -8.850  2.655   11.850  1.00 18.72 ? 23  VAL A C   1 
ATOM   186  O  O   . VAL A 1 26  ? -9.763  3.392   11.490  1.00 19.09 ? 23  VAL A O   1 
ATOM   187  C  CB  . VAL A 1 26  ? -9.608  0.334   12.658  1.00 18.74 ? 23  VAL A CB  1 
ATOM   188  C  CG1 . VAL A 1 26  ? -10.922 1.003   13.084  1.00 17.77 ? 23  VAL A CG1 1 
ATOM   189  C  CG2 . VAL A 1 26  ? -9.850  -1.109  12.152  1.00 19.01 ? 23  VAL A CG2 1 
ATOM   190  N  N   . GLU A 1 27  ? -7.778  3.109   12.475  1.00 18.98 ? 24  GLU A N   1 
ATOM   191  C  CA  . GLU A 1 27  ? -7.657  4.509   12.828  1.00 20.39 ? 24  GLU A CA  1 
ATOM   192  C  C   . GLU A 1 27  ? -7.138  5.355   11.684  1.00 20.34 ? 24  GLU A C   1 
ATOM   193  O  O   . GLU A 1 27  ? -7.365  6.552   11.671  1.00 21.59 ? 24  GLU A O   1 
ATOM   194  C  CB  . GLU A 1 27  ? -6.814  4.694   14.098  1.00 19.87 ? 24  GLU A CB  1 
ATOM   195  C  CG  . GLU A 1 27  ? -7.569  4.384   15.382  1.00 21.06 ? 24  GLU A CG  1 
ATOM   196  C  CD  . GLU A 1 27  ? -9.084  4.627   15.277  1.00 25.89 ? 24  GLU A CD  1 
ATOM   197  O  OE1 . GLU A 1 27  ? -9.525  5.721   14.814  1.00 27.59 ? 24  GLU A OE1 1 
ATOM   198  O  OE2 . GLU A 1 27  ? -9.854  3.709   15.677  1.00 27.78 ? 24  GLU A OE2 1 
ATOM   199  N  N   . SER A 1 28  ? -6.488  4.714   10.721  1.00 20.12 ? 25  SER A N   1 
ATOM   200  C  CA  . SER A 1 28  ? -5.871  5.392   9.605   1.00 20.55 ? 25  SER A CA  1 
ATOM   201  C  C   . SER A 1 28  ? -6.771  5.516   8.363   1.00 21.31 ? 25  SER A C   1 
ATOM   202  O  O   . SER A 1 28  ? -6.596  6.436   7.578   1.00 21.42 ? 25  SER A O   1 
ATOM   203  C  CB  . SER A 1 28  ? -4.566  4.692   9.190   1.00 20.30 ? 25  SER A CB  1 
ATOM   204  O  OG  . SER A 1 28  ? -3.602  4.774   10.203  1.00 19.04 ? 25  SER A OG  1 
ATOM   205  N  N   . PHE A 1 29  ? -7.700  4.588   8.157   1.00 21.75 ? 26  PHE A N   1 
ATOM   206  C  CA  . PHE A 1 29  ? -8.442  4.556   6.898   1.00 21.22 ? 26  PHE A CA  1 
ATOM   207  C  C   . PHE A 1 29  ? -9.930  4.512   7.206   1.00 21.94 ? 26  PHE A C   1 
ATOM   208  O  O   . PHE A 1 29  ? -10.333 4.042   8.286   1.00 22.43 ? 26  PHE A O   1 
ATOM   209  C  CB  . PHE A 1 29  ? -8.000  3.370   6.027   1.00 21.51 ? 26  PHE A CB  1 
ATOM   210  C  CG  . PHE A 1 29  ? -6.522  3.390   5.649   1.00 21.75 ? 26  PHE A CG  1 
ATOM   211  C  CD1 . PHE A 1 29  ? -6.060  4.167   4.578   1.00 23.30 ? 26  PHE A CD1 1 
ATOM   212  C  CD2 . PHE A 1 29  ? -5.593  2.641   6.363   1.00 21.33 ? 26  PHE A CD2 1 
ATOM   213  C  CE1 . PHE A 1 29  ? -4.684  4.203   4.238   1.00 23.30 ? 26  PHE A CE1 1 
ATOM   214  C  CE2 . PHE A 1 29  ? -4.222  2.668   6.035   1.00 22.08 ? 26  PHE A CE2 1 
ATOM   215  C  CZ  . PHE A 1 29  ? -3.770  3.437   4.971   1.00 23.80 ? 26  PHE A CZ  1 
ATOM   216  N  N   . PRO A 1 30  ? -10.768 5.056   6.301   1.00 21.64 ? 27  PRO A N   1 
ATOM   217  C  CA  . PRO A 1 30  ? -12.197 4.849   6.531   1.00 22.01 ? 27  PRO A CA  1 
ATOM   218  C  C   . PRO A 1 30  ? -12.540 3.370   6.312   1.00 21.12 ? 27  PRO A C   1 
ATOM   219  O  O   . PRO A 1 30  ? -11.856 2.702   5.534   1.00 21.47 ? 27  PRO A O   1 
ATOM   220  C  CB  . PRO A 1 30  ? -12.865 5.753   5.483   1.00 22.59 ? 27  PRO A CB  1 
ATOM   221  C  CG  . PRO A 1 30  ? -11.808 6.783   5.189   1.00 23.37 ? 27  PRO A CG  1 
ATOM   222  C  CD  . PRO A 1 30  ? -10.525 5.985   5.191   1.00 21.27 ? 27  PRO A CD  1 
ATOM   223  N  N   . PRO A 1 31  ? -13.552 2.853   7.035   1.00 21.18 ? 28  PRO A N   1 
ATOM   224  C  CA  . PRO A 1 31  ? -13.955 1.438   6.970   1.00 21.04 ? 28  PRO A CA  1 
ATOM   225  C  C   . PRO A 1 31  ? -14.160 0.919   5.540   1.00 21.61 ? 28  PRO A C   1 
ATOM   226  O  O   . PRO A 1 31  ? -13.909 -0.286  5.272   1.00 21.53 ? 28  PRO A O   1 
ATOM   227  C  CB  . PRO A 1 31  ? -15.287 1.400   7.763   1.00 21.36 ? 28  PRO A CB  1 
ATOM   228  C  CG  . PRO A 1 31  ? -15.621 2.862   8.112   1.00 20.82 ? 28  PRO A CG  1 
ATOM   229  C  CD  . PRO A 1 31  ? -14.325 3.603   8.057   1.00 20.76 ? 28  PRO A CD  1 
ATOM   230  N  N   . GLU A 1 32  ? -14.593 1.794   4.630   1.00 21.72 ? 29  GLU A N   1 
ATOM   231  C  CA  . GLU A 1 32  ? -14.823 1.399   3.222   1.00 22.60 ? 29  GLU A CA  1 
ATOM   232  C  C   . GLU A 1 32  ? -13.520 1.212   2.489   1.00 22.36 ? 29  GLU A C   1 
ATOM   233  O  O   . GLU A 1 32  ? -13.531 0.774   1.347   1.00 22.80 ? 29  GLU A O   1 
ATOM   234  C  CB  . GLU A 1 32  ? -15.655 2.432   2.446   1.00 23.07 ? 29  GLU A CB  1 
ATOM   235  C  CG  . GLU A 1 32  ? -17.029 2.781   3.034   1.00 26.34 ? 29  GLU A CG  1 
ATOM   236  C  CD  . GLU A 1 32  ? -16.963 3.949   4.030   1.00 32.15 ? 29  GLU A CD  1 
ATOM   237  O  OE1 . GLU A 1 32  ? -15.836 4.342   4.451   1.00 33.85 ? 29  GLU A OE1 1 
ATOM   238  O  OE2 . GLU A 1 32  ? -18.041 4.479   4.390   1.00 33.36 ? 29  GLU A OE2 1 
ATOM   239  N  N   . GLU A 1 33  ? -12.402 1.567   3.126   1.00 22.80 ? 30  GLU A N   1 
ATOM   240  C  CA  . GLU A 1 33  ? -11.092 1.497   2.463   1.00 23.40 ? 30  GLU A CA  1 
ATOM   241  C  C   . GLU A 1 33  ? -10.193 0.361   2.878   1.00 22.37 ? 30  GLU A C   1 
ATOM   242  O  O   . GLU A 1 33  ? -8.999  0.350   2.563   1.00 23.18 ? 30  GLU A O   1 
ATOM   243  C  CB  . GLU A 1 33  ? -10.337 2.805   2.599   1.00 23.69 ? 30  GLU A CB  1 
ATOM   244  C  CG  . GLU A 1 33  ? -10.866 3.827   1.636   1.00 29.57 ? 30  GLU A CG  1 
ATOM   245  C  CD  . GLU A 1 33  ? -10.141 5.140   1.738   1.00 35.33 ? 30  GLU A CD  1 
ATOM   246  O  OE1 . GLU A 1 33  ? -8.898  5.185   1.518   1.00 39.02 ? 30  GLU A OE1 1 
ATOM   247  O  OE2 . GLU A 1 33  ? -10.840 6.124   2.043   1.00 37.28 ? 30  GLU A OE2 1 
ATOM   248  N  N   . TYR A 1 34  ? -10.746 -0.618  3.562   1.00 21.68 ? 31  TYR A N   1 
ATOM   249  C  CA  . TYR A 1 34  ? -9.980  -1.857  3.753   1.00 21.44 ? 31  TYR A CA  1 
ATOM   250  C  C   . TYR A 1 34  ? -10.956 -2.975  3.835   1.00 21.34 ? 31  TYR A C   1 
ATOM   251  O  O   . TYR A 1 34  ? -12.128 -2.757  4.032   1.00 21.30 ? 31  TYR A O   1 
ATOM   252  C  CB  . TYR A 1 34  ? -9.067  -1.792  5.002   1.00 20.29 ? 31  TYR A CB  1 
ATOM   253  C  CG  . TYR A 1 34  ? -9.787  -1.308  6.235   1.00 22.16 ? 31  TYR A CG  1 
ATOM   254  C  CD1 . TYR A 1 34  ? -10.463 -2.201  7.076   1.00 23.76 ? 31  TYR A CD1 1 
ATOM   255  C  CD2 . TYR A 1 34  ? -9.836  0.057   6.544   1.00 21.86 ? 31  TYR A CD2 1 
ATOM   256  C  CE1 . TYR A 1 34  ? -11.156 -1.745  8.204   1.00 23.65 ? 31  TYR A CE1 1 
ATOM   257  C  CE2 . TYR A 1 34  ? -10.534 0.518   7.673   1.00 21.67 ? 31  TYR A CE2 1 
ATOM   258  C  CZ  . TYR A 1 34  ? -11.181 -0.384  8.482   1.00 23.27 ? 31  TYR A CZ  1 
ATOM   259  O  OH  . TYR A 1 34  ? -11.842 0.074   9.584   1.00 25.39 ? 31  TYR A OH  1 
ATOM   260  N  N   . ARG A 1 35  ? -10.490 -4.200  3.681   1.00 23.03 ? 32  ARG A N   1 
ATOM   261  C  CA  . ARG A 1 35  ? -11.448 -5.292  3.697   1.00 24.15 ? 32  ARG A CA  1 
ATOM   262  C  C   . ARG A 1 35  ? -11.986 -5.538  5.104   1.00 23.73 ? 32  ARG A C   1 
ATOM   263  O  O   . ARG A 1 35  ? -11.434 -5.051  6.081   1.00 23.99 ? 32  ARG A O   1 
ATOM   264  C  CB  . ARG A 1 35  ? -10.855 -6.543  3.052   1.00 24.60 ? 32  ARG A CB  1 
ATOM   265  C  CG  . ARG A 1 35  ? -9.520  -6.975  3.619   1.00 25.45 ? 32  ARG A CG  1 
ATOM   266  C  CD  . ARG A 1 35  ? -8.979  -8.127  2.761   1.00 26.92 ? 32  ARG A CD  1 
ATOM   267  N  NE  . ARG A 1 35  ? -8.104  -7.695  1.659   1.00 26.86 ? 32  ARG A NE  1 
ATOM   268  C  CZ  . ARG A 1 35  ? -8.406  -7.787  0.365   1.00 26.97 ? 32  ARG A CZ  1 
ATOM   269  N  NH1 . ARG A 1 35  ? -9.577  -8.271  -0.013  1.00 24.65 ? 32  ARG A NH1 1 
ATOM   270  N  NH2 . ARG A 1 35  ? -7.533  -7.388  -0.556  1.00 24.45 ? 32  ARG A NH2 1 
ATOM   271  N  N   . GLU A 1 36  ? -13.084 -6.275  5.191   1.00 24.43 ? 33  GLU A N   1 
ATOM   272  C  CA  . GLU A 1 36  ? -13.621 -6.697  6.483   1.00 24.80 ? 33  GLU A CA  1 
ATOM   273  C  C   . GLU A 1 36  ? -12.506 -7.339  7.325   1.00 24.12 ? 33  GLU A C   1 
ATOM   274  O  O   . GLU A 1 36  ? -11.665 -8.077  6.816   1.00 22.90 ? 33  GLU A O   1 
ATOM   275  C  CB  . GLU A 1 36  ? -14.835 -7.633  6.319   1.00 24.68 ? 33  GLU A CB  1 
ATOM   276  C  CG  . GLU A 1 36  ? -15.947 -7.400  7.391   1.00 29.34 ? 33  GLU A CG  1 
ATOM   277  C  CD  . GLU A 1 36  ? -15.389 -7.230  8.839   1.00 35.21 ? 33  GLU A CD  1 
ATOM   278  O  OE1 . GLU A 1 36  ? -15.213 -8.265  9.560   1.00 35.94 ? 33  GLU A OE1 1 
ATOM   279  O  OE2 . GLU A 1 36  ? -15.111 -6.057  9.244   1.00 35.22 ? 33  GLU A OE2 1 
ATOM   280  N  N   . LEU A 1 37  ? -12.501 -7.031  8.615   1.00 24.38 ? 34  LEU A N   1 
ATOM   281  C  CA  . LEU A 1 37  ? -11.408 -7.435  9.479   1.00 25.24 ? 34  LEU A CA  1 
ATOM   282  C  C   . LEU A 1 37  ? -11.267 -8.956  9.548   1.00 25.77 ? 34  LEU A C   1 
ATOM   283  O  O   . LEU A 1 37  ? -10.163 -9.484  9.366   1.00 25.52 ? 34  LEU A O   1 
ATOM   284  C  CB  . LEU A 1 37  ? -11.531 -6.795  10.856  1.00 24.96 ? 34  LEU A CB  1 
ATOM   285  C  CG  . LEU A 1 37  ? -11.282 -5.269  10.898  1.00 25.44 ? 34  LEU A CG  1 
ATOM   286  C  CD1 . LEU A 1 37  ? -11.047 -4.869  12.370  1.00 23.57 ? 34  LEU A CD1 1 
ATOM   287  C  CD2 . LEU A 1 37  ? -10.086 -4.838  10.026  1.00 23.26 ? 34  LEU A CD2 1 
ATOM   288  N  N   . GLU A 1 38  ? -12.377 -9.664  9.747   1.00 26.68 ? 35  GLU A N   1 
ATOM   289  C  CA  . GLU A 1 38  ? -12.328 -11.131 9.728   1.00 27.56 ? 35  GLU A CA  1 
ATOM   290  C  C   . GLU A 1 38  ? -11.632 -11.663 8.472   1.00 27.09 ? 35  GLU A C   1 
ATOM   291  O  O   . GLU A 1 38  ? -10.934 -12.664 8.559   1.00 26.59 ? 35  GLU A O   1 
ATOM   292  C  CB  . GLU A 1 38  ? -13.716 -11.800 9.911   1.00 28.11 ? 35  GLU A CB  1 
ATOM   293  C  CG  . GLU A 1 38  ? -13.583 -13.279 10.427  1.00 31.00 ? 35  GLU A CG  1 
ATOM   294  C  CD  . GLU A 1 38  ? -14.721 -14.239 10.018  1.00 35.76 ? 35  GLU A CD  1 
ATOM   295  O  OE1 . GLU A 1 38  ? -15.739 -13.781 9.451   1.00 38.06 ? 35  GLU A OE1 1 
ATOM   296  O  OE2 . GLU A 1 38  ? -14.602 -15.471 10.278  1.00 36.69 ? 35  GLU A OE2 1 
ATOM   297  N  N   . HIS A 1 39  ? -11.818 -10.983 7.332   1.00 27.28 ? 36  HIS A N   1 
ATOM   298  C  CA  . HIS A 1 39  ? -11.200 -11.369 6.051   1.00 28.33 ? 36  HIS A CA  1 
ATOM   299  C  C   . HIS A 1 39  ? -9.713  -11.043 6.013   1.00 28.88 ? 36  HIS A C   1 
ATOM   300  O  O   . HIS A 1 39  ? -8.891  -11.777 5.435   1.00 28.60 ? 36  HIS A O   1 
ATOM   301  C  CB  . HIS A 1 39  ? -11.848 -10.618 4.897   1.00 28.10 ? 36  HIS A CB  1 
ATOM   302  C  CG  . HIS A 1 39  ? -13.240 -11.057 4.584   1.00 30.53 ? 36  HIS A CG  1 
ATOM   303  N  ND1 . HIS A 1 39  ? -13.893 -12.046 5.289   1.00 32.56 ? 36  HIS A ND1 1 
ATOM   304  C  CD2 . HIS A 1 39  ? -14.113 -10.625 3.644   1.00 32.46 ? 36  HIS A CD2 1 
ATOM   305  C  CE1 . HIS A 1 39  ? -15.105 -12.210 4.791   1.00 33.25 ? 36  HIS A CE1 1 
ATOM   306  N  NE2 . HIS A 1 39  ? -15.264 -11.358 3.793   1.00 33.15 ? 36  HIS A NE2 1 
ATOM   307  N  N   . LEU A 1 40  ? -9.382  -9.886  6.570   1.00 29.43 ? 37  LEU A N   1 
ATOM   308  C  CA  . LEU A 1 40  ? -8.005  -9.452  6.635   1.00 30.02 ? 37  LEU A CA  1 
ATOM   309  C  C   . LEU A 1 40  ? -7.181  -10.465 7.455   1.00 29.58 ? 37  LEU A C   1 
ATOM   310  O  O   . LEU A 1 40  ? -6.047  -10.791 7.111   1.00 29.31 ? 37  LEU A O   1 
ATOM   311  C  CB  . LEU A 1 40  ? -7.962  -8.074  7.244   1.00 29.75 ? 37  LEU A CB  1 
ATOM   312  C  CG  . LEU A 1 40  ? -6.602  -7.675  7.765   1.00 32.66 ? 37  LEU A CG  1 
ATOM   313  C  CD1 . LEU A 1 40  ? -5.594  -7.515  6.598   1.00 34.38 ? 37  LEU A CD1 1 
ATOM   314  C  CD2 . LEU A 1 40  ? -6.749  -6.399  8.612   1.00 33.74 ? 37  LEU A CD2 1 
ATOM   315  N  N   . ARG A 1 41  ? -7.766  -10.952 8.540   1.00 29.70 ? 38  ARG A N   1 
ATOM   316  C  CA  . ARG A 1 41  ? -7.156  -12.041 9.308   1.00 30.39 ? 38  ARG A CA  1 
ATOM   317  C  C   . ARG A 1 41  ? -6.904  -13.274 8.438   1.00 30.06 ? 38  ARG A C   1 
ATOM   318  O  O   . ARG A 1 41  ? -5.796  -13.836 8.446   1.00 29.97 ? 38  ARG A O   1 
ATOM   319  C  CB  . ARG A 1 41  ? -8.027  -12.399 10.508  1.00 30.89 ? 38  ARG A CB  1 
ATOM   320  C  CG  . ARG A 1 41  ? -8.062  -11.299 11.567  1.00 32.64 ? 38  ARG A CG  1 
ATOM   321  C  CD  . ARG A 1 41  ? -8.825  -11.753 12.802  1.00 38.30 ? 38  ARG A CD  1 
ATOM   322  N  NE  . ARG A 1 41  ? -8.129  -12.824 13.522  1.00 40.46 ? 38  ARG A NE  1 
ATOM   323  C  CZ  . ARG A 1 41  ? -7.345  -12.633 14.585  1.00 41.92 ? 38  ARG A CZ  1 
ATOM   324  N  NH1 . ARG A 1 41  ? -7.156  -11.402 15.071  1.00 42.23 ? 38  ARG A NH1 1 
ATOM   325  N  NH2 . ARG A 1 41  ? -6.761  -13.677 15.164  1.00 42.03 ? 38  ARG A NH2 1 
ATOM   326  N  N   . GLU A 1 42  ? -7.917  -13.658 7.666   1.00 29.29 ? 39  GLU A N   1 
ATOM   327  C  CA  . GLU A 1 42  ? -7.837  -14.802 6.777   1.00 29.77 ? 39  GLU A CA  1 
ATOM   328  C  C   . GLU A 1 42  ? -6.747  -14.653 5.689   1.00 29.60 ? 39  GLU A C   1 
ATOM   329  O  O   . GLU A 1 42  ? -5.996  -15.596 5.442   1.00 29.15 ? 39  GLU A O   1 
ATOM   330  C  CB  . GLU A 1 42  ? -9.213  -15.077 6.167   1.00 29.93 ? 39  GLU A CB  1 
ATOM   331  C  CG  . GLU A 1 42  ? -10.271 -15.490 7.241   1.00 31.16 ? 39  GLU A CG  1 
ATOM   332  C  CD  . GLU A 1 42  ? -11.751 -15.442 6.777   1.00 32.14 ? 39  GLU A CD  1 
ATOM   333  O  OE1 . GLU A 1 42  ? -12.055 -15.221 5.582   1.00 33.66 ? 39  GLU A OE1 1 
ATOM   334  O  OE2 . GLU A 1 42  ? -12.629 -15.646 7.642   1.00 34.79 ? 39  GLU A OE2 1 
ATOM   335  N  N   . TYR A 1 43  ? -6.655  -13.473 5.066   1.00 28.36 ? 40  TYR A N   1 
ATOM   336  C  CA  . TYR A 1 43  ? -5.636  -13.199 4.046   1.00 27.94 ? 40  TYR A CA  1 
ATOM   337  C  C   . TYR A 1 43  ? -4.246  -13.295 4.673   1.00 27.63 ? 40  TYR A C   1 
ATOM   338  O  O   . TYR A 1 43  ? -3.331  -13.902 4.114   1.00 27.58 ? 40  TYR A O   1 
ATOM   339  C  CB  . TYR A 1 43  ? -5.847  -11.797 3.422   1.00 28.30 ? 40  TYR A CB  1 
ATOM   340  C  CG  . TYR A 1 43  ? -6.884  -11.721 2.299   1.00 29.07 ? 40  TYR A CG  1 
ATOM   341  C  CD1 . TYR A 1 43  ? -6.513  -11.388 0.991   1.00 30.78 ? 40  TYR A CD1 1 
ATOM   342  C  CD2 . TYR A 1 43  ? -8.237  -11.992 2.538   1.00 29.34 ? 40  TYR A CD2 1 
ATOM   343  C  CE1 . TYR A 1 43  ? -7.477  -11.339 -0.050  1.00 31.71 ? 40  TYR A CE1 1 
ATOM   344  C  CE2 . TYR A 1 43  ? -9.202  -11.925 1.514   1.00 28.58 ? 40  TYR A CE2 1 
ATOM   345  C  CZ  . TYR A 1 43  ? -8.823  -11.598 0.235   1.00 30.56 ? 40  TYR A CZ  1 
ATOM   346  O  OH  . TYR A 1 43  ? -9.772  -11.549 -0.763  1.00 30.69 ? 40  TYR A OH  1 
ATOM   347  N  N   . THR A 1 44  ? -4.098  -12.681 5.837   1.00 27.10 ? 41  THR A N   1 
ATOM   348  C  CA  . THR A 1 44  ? -2.825  -12.684 6.547   1.00 28.06 ? 41  THR A CA  1 
ATOM   349  C  C   . THR A 1 44  ? -2.224  -14.112 6.700   1.00 28.56 ? 41  THR A C   1 
ATOM   350  O  O   . THR A 1 44  ? -1.124  -14.381 6.207   1.00 29.40 ? 41  THR A O   1 
ATOM   351  C  CB  . THR A 1 44  ? -2.947  -11.945 7.901   1.00 27.56 ? 41  THR A CB  1 
ATOM   352  O  OG1 . THR A 1 44  ? -3.201  -10.552 7.663   1.00 27.76 ? 41  THR A OG1 1 
ATOM   353  C  CG2 . THR A 1 44  ? -1.677  -12.099 8.726   1.00 28.79 ? 41  THR A CG2 1 
ATOM   354  N  N   . ASP A 1 45  ? -2.947  -15.028 7.328   1.00 28.83 ? 42  ASP A N   1 
ATOM   355  C  CA  . ASP A 1 45  ? -2.416  -16.401 7.516   1.00 29.00 ? 42  ASP A CA  1 
ATOM   356  C  C   . ASP A 1 45  ? -2.686  -17.376 6.378   1.00 29.02 ? 42  ASP A C   1 
ATOM   357  O  O   . ASP A 1 45  ? -1.973  -18.360 6.214   1.00 29.67 ? 42  ASP A O   1 
ATOM   358  C  CB  . ASP A 1 45  ? -2.959  -17.018 8.788   1.00 29.20 ? 42  ASP A CB  1 
ATOM   359  C  CG  . ASP A 1 45  ? -3.233  -16.007 9.860   1.00 29.58 ? 42  ASP A CG  1 
ATOM   360  O  OD1 . ASP A 1 45  ? -2.350  -15.167 10.176  1.00 32.32 ? 42  ASP A OD1 1 
ATOM   361  O  OD2 . ASP A 1 45  ? -4.350  -16.076 10.398  1.00 30.19 ? 42  ASP A OD2 1 
ATOM   362  N  N   . ARG A 1 46  ? -3.726  -17.138 5.597   1.00 29.14 ? 43  ARG A N   1 
ATOM   363  C  CA  . ARG A 1 46  ? -4.072  -18.094 4.555   1.00 28.78 ? 43  ARG A CA  1 
ATOM   364  C  C   . ARG A 1 46  ? -3.306  -17.847 3.246   1.00 28.07 ? 43  ARG A C   1 
ATOM   365  O  O   . ARG A 1 46  ? -2.889  -18.797 2.593   1.00 27.20 ? 43  ARG A O   1 
ATOM   366  C  CB  . ARG A 1 46  ? -5.588  -18.093 4.283   1.00 29.16 ? 43  ARG A CB  1 
ATOM   367  C  CG  . ARG A 1 46  ? -6.479  -18.763 5.342   1.00 31.68 ? 43  ARG A CG  1 
ATOM   368  C  CD  . ARG A 1 46  ? -7.812  -19.184 4.688   1.00 36.28 ? 43  ARG A CD  1 
ATOM   369  N  NE  . ARG A 1 46  ? -8.708  -20.000 5.526   1.00 38.48 ? 43  ARG A NE  1 
ATOM   370  C  CZ  . ARG A 1 46  ? -8.726  -21.340 5.583   1.00 41.44 ? 43  ARG A CZ  1 
ATOM   371  N  NH1 . ARG A 1 46  ? -9.602  -21.959 6.376   1.00 40.01 ? 43  ARG A NH1 1 
ATOM   372  N  NH2 . ARG A 1 46  ? -7.872  -22.073 4.865   1.00 42.03 ? 43  ARG A NH2 1 
ATOM   373  N  N   . ILE A 1 47  ? -3.137  -16.577 2.863   1.00 27.37 ? 44  ILE A N   1 
ATOM   374  C  CA  . ILE A 1 47  ? -2.745  -16.247 1.491   1.00 26.86 ? 44  ILE A CA  1 
ATOM   375  C  C   . ILE A 1 47  ? -1.239  -15.979 1.384   1.00 27.17 ? 44  ILE A C   1 
ATOM   376  O  O   . ILE A 1 47  ? -0.724  -14.974 1.905   1.00 27.78 ? 44  ILE A O   1 
ATOM   377  C  CB  . ILE A 1 47  ? -3.614  -15.085 0.893   1.00 27.56 ? 44  ILE A CB  1 
ATOM   378  C  CG1 . ILE A 1 47  ? -5.073  -15.523 0.726   1.00 27.15 ? 44  ILE A CG1 1 
ATOM   379  C  CG2 . ILE A 1 47  ? -3.059  -14.575 -0.433  1.00 25.58 ? 44  ILE A CG2 1 
ATOM   380  C  CD1 . ILE A 1 47  ? -5.262  -17.023 0.445   1.00 30.62 ? 44  ILE A CD1 1 
ATOM   381  N  N   . GLY A 1 48  ? -0.558  -16.893 0.694   1.00 26.64 ? 45  GLY A N   1 
ATOM   382  C  CA  . GLY A 1 48  ? 0.909   -16.990 0.676   1.00 26.14 ? 45  GLY A CA  1 
ATOM   383  C  C   . GLY A 1 48  ? 1.639   -15.859 -0.009  1.00 26.27 ? 45  GLY A C   1 
ATOM   384  O  O   . GLY A 1 48  ? 2.728   -15.475 0.424   1.00 26.30 ? 45  GLY A O   1 
ATOM   385  N  N   . ASN A 1 49  ? 1.044   -15.319 -1.071  1.00 25.45 ? 46  ASN A N   1 
ATOM   386  C  CA  . ASN A 1 49  ? 1.583   -14.135 -1.718  1.00 25.25 ? 46  ASN A CA  1 
ATOM   387  C  C   . ASN A 1 49  ? 1.013   -12.799 -1.141  1.00 23.91 ? 46  ASN A C   1 
ATOM   388  O  O   . ASN A 1 49  ? 1.227   -11.753 -1.716  1.00 23.34 ? 46  ASN A O   1 
ATOM   389  C  CB  . ASN A 1 49  ? 1.328   -14.232 -3.217  1.00 26.10 ? 46  ASN A CB  1 
ATOM   390  C  CG  . ASN A 1 49  ? -0.135  -14.047 -3.558  1.00 29.99 ? 46  ASN A CG  1 
ATOM   391  O  OD1 . ASN A 1 49  ? -1.013  -14.565 -2.871  1.00 35.09 ? 46  ASN A OD1 1 
ATOM   392  N  ND2 . ASN A 1 49  ? -0.410  -13.288 -4.608  1.00 36.18 ? 46  ASN A ND2 1 
ATOM   393  N  N   . PHE A 1 50  ? 0.302   -12.854 -0.011  1.00 22.19 ? 47  PHE A N   1 
ATOM   394  C  CA  . PHE A 1 50  ? -0.109  -11.658 0.717   1.00 21.30 ? 47  PHE A CA  1 
ATOM   395  C  C   . PHE A 1 50  ? 0.758   -11.548 1.968   1.00 20.77 ? 47  PHE A C   1 
ATOM   396  O  O   . PHE A 1 50  ? 0.923   -12.518 2.722   1.00 20.70 ? 47  PHE A O   1 
ATOM   397  C  CB  . PHE A 1 50  ? -1.636  -11.666 1.074   1.00 21.66 ? 47  PHE A CB  1 
ATOM   398  C  CG  . PHE A 1 50  ? -2.069  -10.489 1.952   1.00 22.27 ? 47  PHE A CG  1 
ATOM   399  C  CD1 . PHE A 1 50  ? -2.132  -9.199  1.426   1.00 23.51 ? 47  PHE A CD1 1 
ATOM   400  C  CD2 . PHE A 1 50  ? -2.347  -10.667 3.312   1.00 23.38 ? 47  PHE A CD2 1 
ATOM   401  C  CE1 . PHE A 1 50  ? -2.482  -8.090  2.234   1.00 24.15 ? 47  PHE A CE1 1 
ATOM   402  C  CE2 . PHE A 1 50  ? -2.693  -9.564  4.137   1.00 23.20 ? 47  PHE A CE2 1 
ATOM   403  C  CZ  . PHE A 1 50  ? -2.762  -8.281  3.587   1.00 23.20 ? 47  PHE A CZ  1 
ATOM   404  N  N   . HIS A 1 51  ? 1.306   -10.371 2.212   1.00 19.54 ? 48  HIS A N   1 
ATOM   405  C  CA  . HIS A 1 51  ? 2.243   -10.227 3.307   1.00 19.00 ? 48  HIS A CA  1 
ATOM   406  C  C   . HIS A 1 51  ? 1.866   -9.051  4.193   1.00 19.21 ? 48  HIS A C   1 
ATOM   407  O  O   . HIS A 1 51  ? 1.809   -7.895  3.738   1.00 17.34 ? 48  HIS A O   1 
ATOM   408  C  CB  . HIS A 1 51  ? 3.662   -10.024 2.780   1.00 19.58 ? 48  HIS A CB  1 
ATOM   409  C  CG  . HIS A 1 51  ? 4.153   -11.139 1.911   1.00 20.42 ? 48  HIS A CG  1 
ATOM   410  N  ND1 . HIS A 1 51  ? 4.806   -12.243 2.417   1.00 24.11 ? 48  HIS A ND1 1 
ATOM   411  C  CD2 . HIS A 1 51  ? 4.079   -11.328 0.571   1.00 22.09 ? 48  HIS A CD2 1 
ATOM   412  C  CE1 . HIS A 1 51  ? 5.125   -13.062 1.427   1.00 22.49 ? 48  HIS A CE1 1 
ATOM   413  N  NE2 . HIS A 1 51  ? 4.686   -12.532 0.299   1.00 23.74 ? 48  HIS A NE2 1 
ATOM   414  N  N   . ASN A 1 52  ? 1.613   -9.364  5.458   1.00 18.70 ? 49  ASN A N   1 
ATOM   415  C  CA  . ASN A 1 52  ? 1.321   -8.358  6.470   1.00 20.07 ? 49  ASN A CA  1 
ATOM   416  C  C   . ASN A 1 52  ? 2.566   -8.132  7.334   1.00 19.15 ? 49  ASN A C   1 
ATOM   417  O  O   . ASN A 1 52  ? 3.097   -9.080  7.911   1.00 20.13 ? 49  ASN A O   1 
ATOM   418  C  CB  . ASN A 1 52  ? 0.141   -8.851  7.326   1.00 20.27 ? 49  ASN A CB  1 
ATOM   419  C  CG  . ASN A 1 52  ? -0.575  -7.730  8.049   1.00 22.08 ? 49  ASN A CG  1 
ATOM   420  O  OD1 . ASN A 1 52  ? 0.015   -6.666  8.336   1.00 20.79 ? 49  ASN A OD1 1 
ATOM   421  N  ND2 . ASN A 1 52  ? -1.878  -7.950  8.341   1.00 23.88 ? 49  ASN A ND2 1 
ATOM   422  N  N   . ASN A 1 53  ? 3.051   -6.895  7.396   1.00 18.78 ? 50  ASN A N   1 
ATOM   423  C  CA  . ASN A 1 53  ? 4.298   -6.618  8.090   1.00 18.99 ? 50  ASN A CA  1 
ATOM   424  C  C   . ASN A 1 53  ? 4.211   -5.471  9.057   1.00 19.12 ? 50  ASN A C   1 
ATOM   425  O  O   . ASN A 1 53  ? 3.612   -4.437  8.748   1.00 18.70 ? 50  ASN A O   1 
ATOM   426  C  CB  . ASN A 1 53  ? 5.444   -6.304  7.113   1.00 19.24 ? 50  ASN A CB  1 
ATOM   427  C  CG  . ASN A 1 53  ? 5.558   -7.306  5.992   1.00 21.74 ? 50  ASN A CG  1 
ATOM   428  O  OD1 . ASN A 1 53  ? 6.435   -8.176  6.010   1.00 22.90 ? 50  ASN A OD1 1 
ATOM   429  N  ND2 . ASN A 1 53  ? 4.689   -7.163  4.968   1.00 23.70 ? 50  ASN A ND2 1 
ATOM   430  N  N   . ILE A 1 54  ? 4.844   -5.649  10.220  1.00 19.62 ? 51  ILE A N   1 
ATOM   431  C  CA  . ILE A 1 54  ? 4.980   -4.568  11.193  1.00 19.85 ? 51  ILE A CA  1 
ATOM   432  C  C   . ILE A 1 54  ? 6.311   -3.876  10.900  1.00 19.28 ? 51  ILE A C   1 
ATOM   433  O  O   . ILE A 1 54  ? 7.300   -4.500  10.449  1.00 19.57 ? 51  ILE A O   1 
ATOM   434  C  CB  . ILE A 1 54  ? 4.800   -5.050  12.677  1.00 20.19 ? 51  ILE A CB  1 
ATOM   435  C  CG1 . ILE A 1 54  ? 5.018   -3.899  13.648  1.00 22.38 ? 51  ILE A CG1 1 
ATOM   436  C  CG2 . ILE A 1 54  ? 5.770   -6.166  13.007  1.00 21.04 ? 51  ILE A CG2 1 
ATOM   437  C  CD1 . ILE A 1 54  ? 4.550   -4.196  15.065  1.00 26.98 ? 51  ILE A CD1 1 
ATOM   438  N  N   . ILE A 1 55  ? 6.317   -2.574  11.087  1.00 17.82 ? 52  ILE A N   1 
ATOM   439  C  CA  . ILE A 1 55  ? 7.498   -1.801  10.831  1.00 17.63 ? 52  ILE A CA  1 
ATOM   440  C  C   . ILE A 1 55  ? 8.088   -1.426  12.199  1.00 18.41 ? 52  ILE A C   1 
ATOM   441  O  O   . ILE A 1 55  ? 7.379   -0.900  13.063  1.00 17.35 ? 52  ILE A O   1 
ATOM   442  C  CB  . ILE A 1 55  ? 7.175   -0.543  10.008  1.00 17.57 ? 52  ILE A CB  1 
ATOM   443  C  CG1 . ILE A 1 55  ? 6.531   -0.916  8.648   1.00 16.32 ? 52  ILE A CG1 1 
ATOM   444  C  CG2 . ILE A 1 55  ? 8.413   0.257   9.789   1.00 15.44 ? 52  ILE A CG2 1 
ATOM   445  C  CD1 . ILE A 1 55  ? 5.902   0.247   8.015   1.00 15.06 ? 52  ILE A CD1 1 
ATOM   446  N  N   . PHE A 1 56  ? 9.367   -1.722  12.393  1.00 19.35 ? 53  PHE A N   1 
ATOM   447  C  CA  . PHE A 1 56  ? 10.043  -1.376  13.628  1.00 21.52 ? 53  PHE A CA  1 
ATOM   448  C  C   . PHE A 1 56  ? 11.052  -0.273  13.461  1.00 22.42 ? 53  PHE A C   1 
ATOM   449  O  O   . PHE A 1 56  ? 11.683  -0.154  12.422  1.00 22.38 ? 53  PHE A O   1 
ATOM   450  C  CB  . PHE A 1 56  ? 10.769  -2.590  14.181  1.00 22.35 ? 53  PHE A CB  1 
ATOM   451  C  CG  . PHE A 1 56  ? 9.864   -3.636  14.730  1.00 23.86 ? 53  PHE A CG  1 
ATOM   452  C  CD1 . PHE A 1 56  ? 9.364   -4.638  13.910  1.00 26.81 ? 53  PHE A CD1 1 
ATOM   453  C  CD2 . PHE A 1 56  ? 9.530   -3.637  16.076  1.00 26.63 ? 53  PHE A CD2 1 
ATOM   454  C  CE1 . PHE A 1 56  ? 8.524   -5.618  14.435  1.00 27.92 ? 53  PHE A CE1 1 
ATOM   455  C  CE2 . PHE A 1 56  ? 8.697   -4.618  16.602  1.00 28.19 ? 53  PHE A CE2 1 
ATOM   456  C  CZ  . PHE A 1 56  ? 8.193   -5.607  15.777  1.00 26.81 ? 53  PHE A CZ  1 
ATOM   457  N  N   . ASP A 1 57  ? 11.206  0.540   14.496  1.00 24.16 ? 54  ASP A N   1 
ATOM   458  C  CA  . ASP A 1 57  ? 12.398  1.384   14.639  1.00 25.92 ? 54  ASP A CA  1 
ATOM   459  C  C   . ASP A 1 57  ? 13.110  0.819   15.861  1.00 26.52 ? 54  ASP A C   1 
ATOM   460  O  O   . ASP A 1 57  ? 12.784  1.116   16.998  1.00 26.18 ? 54  ASP A O   1 
ATOM   461  C  CB  . ASP A 1 57  ? 12.015  2.856   14.763  1.00 26.49 ? 54  ASP A CB  1 
ATOM   462  C  CG  . ASP A 1 57  ? 13.212  3.774   14.956  1.00 29.58 ? 54  ASP A CG  1 
ATOM   463  O  OD1 . ASP A 1 57  ? 14.140  3.768   14.120  1.00 31.68 ? 54  ASP A OD1 1 
ATOM   464  O  OD2 . ASP A 1 57  ? 13.215  4.527   15.960  1.00 34.49 ? 54  ASP A OD2 1 
ATOM   465  N  N   . ASP A 1 58  ? 14.069  -0.053  15.573  1.00 28.79 ? 55  ASP A N   1 
ATOM   466  C  CA  . ASP A 1 58  ? 14.664  -1.002  16.520  1.00 30.23 ? 55  ASP A CA  1 
ATOM   467  C  C   . ASP A 1 58  ? 13.642  -2.007  16.973  1.00 30.37 ? 55  ASP A C   1 
ATOM   468  O  O   . ASP A 1 58  ? 13.177  -2.818  16.191  1.00 31.66 ? 55  ASP A O   1 
ATOM   469  C  CB  . ASP A 1 58  ? 15.298  -0.294  17.714  1.00 31.31 ? 55  ASP A CB  1 
ATOM   470  C  CG  . ASP A 1 58  ? 16.449  0.567   17.307  1.00 33.84 ? 55  ASP A CG  1 
ATOM   471  O  OD1 . ASP A 1 58  ? 16.934  1.335   18.168  1.00 37.55 ? 55  ASP A OD1 1 
ATOM   472  O  OD2 . ASP A 1 58  ? 16.865  0.471   16.120  1.00 36.84 ? 55  ASP A OD2 1 
ATOM   473  N  N   . ASP A 1 59  ? 13.292  -1.953  18.240  1.00 30.59 ? 56  ASP A N   1 
ATOM   474  C  CA  . ASP A 1 59  ? 12.261  -2.816  18.764  1.00 30.78 ? 56  ASP A CA  1 
ATOM   475  C  C   . ASP A 1 59  ? 10.985  -2.010  19.046  1.00 29.79 ? 56  ASP A C   1 
ATOM   476  O  O   . ASP A 1 59  ? 10.063  -2.501  19.709  1.00 29.60 ? 56  ASP A O   1 
ATOM   477  C  CB  . ASP A 1 59  ? 12.775  -3.504  20.022  1.00 31.63 ? 56  ASP A CB  1 
ATOM   478  C  CG  . ASP A 1 59  ? 13.111  -2.525  21.121  1.00 34.75 ? 56  ASP A CG  1 
ATOM   479  O  OD1 . ASP A 1 59  ? 14.320  -2.317  21.399  1.00 37.46 ? 56  ASP A OD1 1 
ATOM   480  O  OD2 . ASP A 1 59  ? 12.158  -1.963  21.710  1.00 40.03 ? 56  ASP A OD2 1 
ATOM   481  N  N   . LEU A 1 60  ? 10.942  -0.772  18.546  1.00 28.20 ? 57  LEU A N   1 
ATOM   482  C  CA  . LEU A 1 60  ? 9.726   0.051   18.645  1.00 27.26 ? 57  LEU A CA  1 
ATOM   483  C  C   . LEU A 1 60  ? 8.840   -0.159  17.402  1.00 25.94 ? 57  LEU A C   1 
ATOM   484  O  O   . LEU A 1 60  ? 9.233   0.178   16.287  1.00 25.18 ? 57  LEU A O   1 
ATOM   485  C  CB  . LEU A 1 60  ? 10.069  1.542   18.804  1.00 26.95 ? 57  LEU A CB  1 
ATOM   486  C  CG  . LEU A 1 60  ? 9.119   2.506   19.535  1.00 28.58 ? 57  LEU A CG  1 
ATOM   487  C  CD1 . LEU A 1 60  ? 9.183   3.894   18.919  1.00 29.57 ? 57  LEU A CD1 1 
ATOM   488  C  CD2 . LEU A 1 60  ? 7.674   2.049   19.575  1.00 27.84 ? 57  LEU A CD2 1 
ATOM   489  N  N   . PRO A 1 61  ? 7.635   -0.717  17.592  1.00 24.98 ? 58  PRO A N   1 
ATOM   490  C  CA  . PRO A 1 61  ? 6.717   -0.823  16.451  1.00 24.01 ? 58  PRO A CA  1 
ATOM   491  C  C   . PRO A 1 61  ? 6.184   0.582   16.136  1.00 22.82 ? 58  PRO A C   1 
ATOM   492  O  O   . PRO A 1 61  ? 5.663   1.239   17.035  1.00 22.92 ? 58  PRO A O   1 
ATOM   493  C  CB  . PRO A 1 61  ? 5.596   -1.730  16.982  1.00 23.92 ? 58  PRO A CB  1 
ATOM   494  C  CG  . PRO A 1 61  ? 6.037   -2.185  18.368  1.00 24.69 ? 58  PRO A CG  1 
ATOM   495  C  CD  . PRO A 1 61  ? 7.036   -1.206  18.845  1.00 24.72 ? 58  PRO A CD  1 
ATOM   496  N  N   . ILE A 1 62  ? 6.365   1.049   14.899  1.00 20.98 ? 59  ILE A N   1 
ATOM   497  C  CA  . ILE A 1 62  ? 6.017   2.419   14.508  1.00 19.57 ? 59  ILE A CA  1 
ATOM   498  C  C   . ILE A 1 62  ? 5.017   2.433   13.350  1.00 19.15 ? 59  ILE A C   1 
ATOM   499  O  O   . ILE A 1 62  ? 4.515   3.496   12.975  1.00 18.92 ? 59  ILE A O   1 
ATOM   500  C  CB  . ILE A 1 62  ? 7.271   3.255   14.071  1.00 19.83 ? 59  ILE A CB  1 
ATOM   501  C  CG1 . ILE A 1 62  ? 7.759   2.842   12.673  1.00 19.78 ? 59  ILE A CG1 1 
ATOM   502  C  CG2 . ILE A 1 62  ? 8.409   3.231   15.181  1.00 18.57 ? 59  ILE A CG2 1 
ATOM   503  C  CD1 . ILE A 1 62  ? 9.222   3.153   12.417  1.00 22.78 ? 59  ILE A CD1 1 
ATOM   504  N  N   . GLY A 1 63  ? 4.741   1.259   12.780  1.00 17.98 ? 60  GLY A N   1 
ATOM   505  C  CA  . GLY A 1 63  ? 3.913   1.164   11.581  1.00 16.81 ? 60  GLY A CA  1 
ATOM   506  C  C   . GLY A 1 63  ? 3.637   -0.240  11.092  1.00 16.86 ? 60  GLY A C   1 
ATOM   507  O  O   . GLY A 1 63  ? 3.997   -1.240  11.740  1.00 16.23 ? 60  GLY A O   1 
ATOM   508  N  N   . PHE A 1 64  ? 2.915   -0.312  9.978   1.00 17.08 ? 61  PHE A N   1 
ATOM   509  C  CA  . PHE A 1 64  ? 2.632   -1.584  9.309   1.00 17.57 ? 61  PHE A CA  1 
ATOM   510  C  C   . PHE A 1 64  ? 2.605   -1.296  7.823   1.00 18.01 ? 61  PHE A C   1 
ATOM   511  O  O   . PHE A 1 64  ? 2.446   -0.143  7.399   1.00 17.98 ? 61  PHE A O   1 
ATOM   512  C  CB  . PHE A 1 64  ? 1.302   -2.239  9.773   1.00 18.66 ? 61  PHE A CB  1 
ATOM   513  C  CG  . PHE A 1 64  ? 0.070   -1.614  9.154   1.00 17.36 ? 61  PHE A CG  1 
ATOM   514  C  CD1 . PHE A 1 64  ? -0.418  -2.074  7.941   1.00 18.21 ? 61  PHE A CD1 1 
ATOM   515  C  CD2 . PHE A 1 64  ? -0.548  -0.535  9.758   1.00 19.15 ? 61  PHE A CD2 1 
ATOM   516  C  CE1 . PHE A 1 64  ? -1.546  -1.472  7.338   1.00 19.34 ? 61  PHE A CE1 1 
ATOM   517  C  CE2 . PHE A 1 64  ? -1.675  0.074   9.177   1.00 20.83 ? 61  PHE A CE2 1 
ATOM   518  C  CZ  . PHE A 1 64  ? -2.169  -0.400  7.954   1.00 18.56 ? 61  PHE A CZ  1 
ATOM   519  N  N   . ILE A 1 65  ? 2.774   -2.344  7.038   1.00 18.13 ? 62  ILE A N   1 
ATOM   520  C  CA  . ILE A 1 65  ? 2.619   -2.249  5.616   1.00 18.43 ? 62  ILE A CA  1 
ATOM   521  C  C   . ILE A 1 65  ? 2.175   -3.610  5.177   1.00 18.65 ? 62  ILE A C   1 
ATOM   522  O  O   . ILE A 1 65  ? 2.643   -4.639  5.685   1.00 19.48 ? 62  ILE A O   1 
ATOM   523  C  CB  . ILE A 1 65  ? 3.971   -1.848  4.905   1.00 19.39 ? 62  ILE A CB  1 
ATOM   524  C  CG1 . ILE A 1 65  ? 3.851   -1.901  3.369   1.00 20.41 ? 62  ILE A CG1 1 
ATOM   525  C  CG2 . ILE A 1 65  ? 5.127   -2.762  5.344   1.00 19.40 ? 62  ILE A CG2 1 
ATOM   526  C  CD1 . ILE A 1 65  ? 4.654   -0.801  2.676   1.00 24.84 ? 62  ILE A CD1 1 
ATOM   527  N  N   . THR A 1 66  ? 1.255   -3.628  4.238   1.00 17.78 ? 63  THR A N   1 
ATOM   528  C  CA  . THR A 1 66  ? 0.784   -4.879  3.685   1.00 17.54 ? 63  THR A CA  1 
ATOM   529  C  C   . THR A 1 66  ? 1.072   -4.780  2.203   1.00 17.02 ? 63  THR A C   1 
ATOM   530  O  O   . THR A 1 66  ? 0.973   -3.689  1.611   1.00 15.68 ? 63  THR A O   1 
ATOM   531  C  CB  . THR A 1 66  ? -0.773  -5.043  3.900   1.00 17.81 ? 63  THR A CB  1 
ATOM   532  O  OG1 . THR A 1 66  ? -1.474  -3.968  3.257   1.00 20.66 ? 63  THR A OG1 1 
ATOM   533  C  CG2 . THR A 1 66  ? -1.086  -4.969  5.315   1.00 15.64 ? 63  THR A CG2 1 
ATOM   534  N  N   . TYR A 1 67  ? 1.487   -5.890  1.619   1.00 15.76 ? 64  TYR A N   1 
ATOM   535  C  CA  . TYR A 1 67  ? 1.762   -5.910  0.217   1.00 15.91 ? 64  TYR A CA  1 
ATOM   536  C  C   . TYR A 1 67  ? 1.533   -7.296  -0.369  1.00 17.01 ? 64  TYR A C   1 
ATOM   537  O  O   . TYR A 1 67  ? 1.527   -8.326  0.329   1.00 16.51 ? 64  TYR A O   1 
ATOM   538  C  CB  . TYR A 1 67  ? 3.190   -5.386  -0.070  1.00 16.57 ? 64  TYR A CB  1 
ATOM   539  C  CG  . TYR A 1 67  ? 4.277   -6.325  0.372   1.00 16.06 ? 64  TYR A CG  1 
ATOM   540  C  CD1 . TYR A 1 67  ? 4.653   -7.394  -0.427  1.00 17.85 ? 64  TYR A CD1 1 
ATOM   541  C  CD2 . TYR A 1 67  ? 4.917   -6.162  1.613   1.00 19.16 ? 64  TYR A CD2 1 
ATOM   542  C  CE1 . TYR A 1 67  ? 5.633   -8.276  -0.032  1.00 20.05 ? 64  TYR A CE1 1 
ATOM   543  C  CE2 . TYR A 1 67  ? 5.930   -7.061  2.031   1.00 19.24 ? 64  TYR A CE2 1 
ATOM   544  C  CZ  . TYR A 1 67  ? 6.257   -8.116  1.201   1.00 19.52 ? 64  TYR A CZ  1 
ATOM   545  O  OH  . TYR A 1 67  ? 7.227   -9.002  1.556   1.00 20.65 ? 64  TYR A OH  1 
ATOM   546  N  N   . TRP A 1 68  ? 1.348   -7.303  -1.678  1.00 18.33 ? 65  TRP A N   1 
ATOM   547  C  CA  . TRP A 1 68  ? 1.238   -8.521  -2.433  1.00 18.49 ? 65  TRP A CA  1 
ATOM   548  C  C   . TRP A 1 68  ? 2.477   -8.705  -3.297  1.00 19.01 ? 65  TRP A C   1 
ATOM   549  O  O   . TRP A 1 68  ? 3.014   -7.759  -3.897  1.00 17.47 ? 65  TRP A O   1 
ATOM   550  C  CB  . TRP A 1 68  ? 0.035   -8.471  -3.347  1.00 18.58 ? 65  TRP A CB  1 
ATOM   551  C  CG  . TRP A 1 68  ? -1.247  -8.334  -2.641  1.00 19.05 ? 65  TRP A CG  1 
ATOM   552  C  CD1 . TRP A 1 68  ? -1.723  -7.200  -2.021  1.00 16.86 ? 65  TRP A CD1 1 
ATOM   553  C  CD2 . TRP A 1 68  ? -2.248  -9.344  -2.471  1.00 18.01 ? 65  TRP A CD2 1 
ATOM   554  N  NE1 . TRP A 1 68  ? -2.939  -7.443  -1.474  1.00 19.00 ? 65  TRP A NE1 1 
ATOM   555  C  CE2 . TRP A 1 68  ? -3.298  -8.753  -1.732  1.00 19.87 ? 65  TRP A CE2 1 
ATOM   556  C  CE3 . TRP A 1 68  ? -2.349  -10.703 -2.851  1.00 21.42 ? 65  TRP A CE3 1 
ATOM   557  C  CZ2 . TRP A 1 68  ? -4.462  -9.450  -1.395  1.00 19.60 ? 65  TRP A CZ2 1 
ATOM   558  C  CZ3 . TRP A 1 68  ? -3.510  -11.414 -2.503  1.00 20.90 ? 65  TRP A CZ3 1 
ATOM   559  C  CH2 . TRP A 1 68  ? -4.549  -10.785 -1.784  1.00 21.24 ? 65  TRP A CH2 1 
ATOM   560  N  N   . ASP A 1 69  ? 2.863   -9.968  -3.386  1.00 20.53 ? 66  ASP A N   1 
ATOM   561  C  CA  . ASP A 1 69  ? 3.954   -10.438 -4.209  1.00 22.83 ? 66  ASP A CA  1 
ATOM   562  C  C   . ASP A 1 69  ? 3.345   -10.984 -5.521  1.00 23.59 ? 66  ASP A C   1 
ATOM   563  O  O   . ASP A 1 69  ? 2.594   -11.953 -5.489  1.00 23.45 ? 66  ASP A O   1 
ATOM   564  C  CB  . ASP A 1 69  ? 4.667   -11.517 -3.396  1.00 23.54 ? 66  ASP A CB  1 
ATOM   565  C  CG  . ASP A 1 69  ? 5.690   -12.319 -4.206  1.00 29.39 ? 66  ASP A CG  1 
ATOM   566  O  OD1 . ASP A 1 69  ? 6.175   -11.844 -5.280  1.00 33.09 ? 66  ASP A OD1 1 
ATOM   567  O  OD2 . ASP A 1 69  ? 6.023   -13.447 -3.740  1.00 33.36 ? 66  ASP A OD2 1 
ATOM   568  N  N   . PHE A 1 70  ? 3.655   -10.351 -6.657  1.00 25.20 ? 67  PHE A N   1 
ATOM   569  C  CA  . PHE A 1 70  ? 3.177   -10.779 -7.987  1.00 27.28 ? 67  PHE A CA  1 
ATOM   570  C  C   . PHE A 1 70  ? 4.315   -11.156 -8.943  1.00 28.77 ? 67  PHE A C   1 
ATOM   571  O  O   . PHE A 1 70  ? 4.213   -10.950 -10.157 1.00 29.67 ? 67  PHE A O   1 
ATOM   572  C  CB  . PHE A 1 70  ? 2.333   -9.694  -8.676  1.00 27.59 ? 67  PHE A CB  1 
ATOM   573  C  CG  . PHE A 1 70  ? 0.991   -9.459  -8.051  1.00 29.13 ? 67  PHE A CG  1 
ATOM   574  C  CD1 . PHE A 1 70  ? 0.743   -8.303  -7.327  1.00 31.76 ? 67  PHE A CD1 1 
ATOM   575  C  CD2 . PHE A 1 70  ? -0.041  -10.384 -8.194  1.00 32.63 ? 67  PHE A CD2 1 
ATOM   576  C  CE1 . PHE A 1 70  ? -0.512  -8.072  -6.761  1.00 30.66 ? 67  PHE A CE1 1 
ATOM   577  C  CE2 . PHE A 1 70  ? -1.289  -10.159 -7.614  1.00 32.92 ? 67  PHE A CE2 1 
ATOM   578  C  CZ  . PHE A 1 70  ? -1.514  -8.997  -6.892  1.00 32.63 ? 67  PHE A CZ  1 
ATOM   579  N  N   . ASP A 1 71  ? 5.400   -11.706 -8.398  1.00 29.88 ? 68  ASP A N   1 
ATOM   580  C  CA  . ASP A 1 71  ? 6.519   -12.278 -9.185  1.00 30.33 ? 68  ASP A CA  1 
ATOM   581  C  C   A ASP A 1 71  ? 7.259   -11.242 -10.017 0.50 29.62 ? 68  ASP A C   1 
ATOM   582  C  C   B ASP A 1 71  ? 7.306   -11.305 -10.044 0.50 29.45 ? 68  ASP A C   1 
ATOM   583  O  O   A ASP A 1 71  ? 8.464   -11.138 -9.920  0.50 30.25 ? 68  ASP A O   1 
ATOM   584  O  O   B ASP A 1 71  ? 8.518   -11.397 -10.110 0.50 30.05 ? 68  ASP A O   1 
ATOM   585  C  CB  . ASP A 1 71  ? 6.095   -13.464 -10.072 1.00 31.93 ? 68  ASP A CB  1 
ATOM   586  C  CG  . ASP A 1 71  ? 5.074   -14.364 -9.406  1.00 36.26 ? 68  ASP A CG  1 
ATOM   587  O  OD1 . ASP A 1 71  ? 5.423   -15.022 -8.396  1.00 39.78 ? 68  ASP A OD1 1 
ATOM   588  O  OD2 . ASP A 1 71  ? 3.923   -14.407 -9.909  1.00 41.94 ? 68  ASP A OD2 1 
ATOM   589  N  N   A GLU A 1 72  ? 6.549   -10.488 -10.846 0.50 28.39 ? 69  GLU A N   1 
ATOM   590  N  N   B GLU A 1 72  ? 6.615   -10.416 -10.745 0.50 28.08 ? 69  GLU A N   1 
ATOM   591  C  CA  A GLU A 1 72  ? 7.176   -9.395  -11.580 0.50 27.38 ? 69  GLU A CA  1 
ATOM   592  C  CA  B GLU A 1 72  ? 7.271   -9.390  -11.542 0.50 26.81 ? 69  GLU A CA  1 
ATOM   593  C  C   A GLU A 1 72  ? 7.365   -8.140  -10.725 0.50 26.15 ? 69  GLU A C   1 
ATOM   594  C  C   B GLU A 1 72  ? 7.205   -8.013  -10.881 0.50 25.80 ? 69  GLU A C   1 
ATOM   595  O  O   A GLU A 1 72  ? 8.325   -7.402  -10.930 0.50 26.13 ? 69  GLU A O   1 
ATOM   596  O  O   B GLU A 1 72  ? 7.820   -7.058  -11.378 0.50 25.51 ? 69  GLU A O   1 
ATOM   597  C  CB  A GLU A 1 72  ? 6.360   -9.027  -12.826 0.50 27.70 ? 69  GLU A CB  1 
ATOM   598  C  CB  B GLU A 1 72  ? 6.634   -9.317  -12.931 0.50 27.11 ? 69  GLU A CB  1 
ATOM   599  C  CG  A GLU A 1 72  ? 6.171   -10.170 -13.805 0.50 30.26 ? 69  GLU A CG  1 
ATOM   600  C  CG  B GLU A 1 72  ? 7.247   -10.278 -13.941 0.50 28.13 ? 69  GLU A CG  1 
ATOM   601  C  CD  A GLU A 1 72  ? 4.791   -10.795 -13.726 0.50 32.94 ? 69  GLU A CD  1 
ATOM   602  C  CD  B GLU A 1 72  ? 8.149   -9.572  -14.937 0.50 29.24 ? 69  GLU A CD  1 
ATOM   603  O  OE1 A GLU A 1 72  ? 3.978   -10.367 -12.871 0.50 32.74 ? 69  GLU A OE1 1 
ATOM   604  O  OE1 B GLU A 1 72  ? 9.129   -10.192 -15.410 0.50 29.37 ? 69  GLU A OE1 1 
ATOM   605  O  OE2 A GLU A 1 72  ? 4.517   -11.709 -14.538 0.50 35.11 ? 69  GLU A OE2 1 
ATOM   606  O  OE2 B GLU A 1 72  ? 7.868   -8.391  -15.250 0.50 30.95 ? 69  GLU A OE2 1 
ATOM   607  N  N   . PHE A 1 73  ? 6.439   -7.904  -9.790  1.00 24.42 ? 70  PHE A N   1 
ATOM   608  C  CA  . PHE A 1 73  ? 6.353   -6.639  -9.023  1.00 21.84 ? 70  PHE A CA  1 
ATOM   609  C  C   . PHE A 1 73  ? 5.643   -6.908  -7.705  1.00 19.61 ? 70  PHE A C   1 
ATOM   610  O  O   . PHE A 1 73  ? 5.007   -7.978  -7.544  1.00 17.29 ? 70  PHE A O   1 
ATOM   611  C  CB  . PHE A 1 73  ? 5.581   -5.547  -9.785  1.00 20.74 ? 70  PHE A CB  1 
ATOM   612  C  CG  . PHE A 1 73  ? 4.138   -5.891  -10.025 1.00 21.13 ? 70  PHE A CG  1 
ATOM   613  C  CD1 . PHE A 1 73  ? 3.134   -5.366  -9.221  1.00 21.42 ? 70  PHE A CD1 1 
ATOM   614  C  CD2 . PHE A 1 73  ? 3.776   -6.713  -11.064 1.00 21.98 ? 70  PHE A CD2 1 
ATOM   615  C  CE1 . PHE A 1 73  ? 1.806   -5.691  -9.436  1.00 22.89 ? 70  PHE A CE1 1 
ATOM   616  C  CE2 . PHE A 1 73  ? 2.432   -7.060  -11.275 1.00 22.24 ? 70  PHE A CE2 1 
ATOM   617  C  CZ  . PHE A 1 73  ? 1.452   -6.543  -10.469 1.00 22.34 ? 70  PHE A CZ  1 
ATOM   618  N  N   . TYR A 1 74  ? 5.734   -5.908  -6.806  1.00 16.63 ? 71  TYR A N   1 
ATOM   619  C  CA  . TYR A 1 74  ? 5.033   -5.857  -5.543  1.00 14.68 ? 71  TYR A CA  1 
ATOM   620  C  C   . TYR A 1 74  ? 3.968   -4.734  -5.533  1.00 15.19 ? 71  TYR A C   1 
ATOM   621  O  O   . TYR A 1 74  ? 4.209   -3.610  -6.035  1.00 13.11 ? 71  TYR A O   1 
ATOM   622  C  CB  . TYR A 1 74  ? 6.028   -5.579  -4.404  1.00 14.71 ? 71  TYR A CB  1 
ATOM   623  C  CG  . TYR A 1 74  ? 7.094   -6.635  -4.200  1.00 14.53 ? 71  TYR A CG  1 
ATOM   624  C  CD1 . TYR A 1 74  ? 6.774   -7.907  -3.721  1.00 14.51 ? 71  TYR A CD1 1 
ATOM   625  C  CD2 . TYR A 1 74  ? 8.425   -6.353  -4.474  1.00 16.88 ? 71  TYR A CD2 1 
ATOM   626  C  CE1 . TYR A 1 74  ? 7.778   -8.893  -3.530  1.00 15.21 ? 71  TYR A CE1 1 
ATOM   627  C  CE2 . TYR A 1 74  ? 9.443   -7.313  -4.278  1.00 17.60 ? 71  TYR A CE2 1 
ATOM   628  C  CZ  . TYR A 1 74  ? 9.109   -8.570  -3.805  1.00 16.92 ? 71  TYR A CZ  1 
ATOM   629  O  OH  . TYR A 1 74  ? 10.115  -9.489  -3.638  1.00 17.07 ? 71  TYR A OH  1 
ATOM   630  N  N   . TYR A 1 75  ? 2.813   -5.048  -4.937  1.00 13.77 ? 72  TYR A N   1 
ATOM   631  C  CA  . TYR A 1 75  ? 1.716   -4.085  -4.812  1.00 15.23 ? 72  TYR A CA  1 
ATOM   632  C  C   . TYR A 1 75  ? 1.518   -3.747  -3.352  1.00 15.26 ? 72  TYR A C   1 
ATOM   633  O  O   . TYR A 1 75  ? 1.273   -4.659  -2.534  1.00 14.80 ? 72  TYR A O   1 
ATOM   634  C  CB  . TYR A 1 75  ? 0.404   -4.659  -5.353  1.00 14.06 ? 72  TYR A CB  1 
ATOM   635  C  CG  . TYR A 1 75  ? -0.759  -3.747  -5.080  1.00 16.74 ? 72  TYR A CG  1 
ATOM   636  C  CD1 . TYR A 1 75  ? -0.792  -2.444  -5.618  1.00 16.76 ? 72  TYR A CD1 1 
ATOM   637  C  CD2 . TYR A 1 75  ? -1.824  -4.159  -4.270  1.00 19.83 ? 72  TYR A CD2 1 
ATOM   638  C  CE1 . TYR A 1 75  ? -1.849  -1.594  -5.358  1.00 19.14 ? 72  TYR A CE1 1 
ATOM   639  C  CE2 . TYR A 1 75  ? -2.904  -3.306  -4.014  1.00 19.35 ? 72  TYR A CE2 1 
ATOM   640  C  CZ  . TYR A 1 75  ? -2.887  -2.022  -4.556  1.00 21.09 ? 72  TYR A CZ  1 
ATOM   641  O  OH  . TYR A 1 75  ? -3.946  -1.159  -4.350  1.00 25.82 ? 72  TYR A OH  1 
ATOM   642  N  N   . VAL A 1 76  ? 1.661   -2.468  -3.011  1.00 16.24 ? 73  VAL A N   1 
ATOM   643  C  CA  . VAL A 1 76  ? 1.488   -2.052  -1.629  1.00 17.17 ? 73  VAL A CA  1 
ATOM   644  C  C   . VAL A 1 76  ? -0.007  -1.750  -1.384  1.00 18.44 ? 73  VAL A C   1 
ATOM   645  O  O   . VAL A 1 76  ? -0.595  -0.819  -1.990  1.00 19.19 ? 73  VAL A O   1 
ATOM   646  C  CB  . VAL A 1 76  ? 2.407   -0.860  -1.222  1.00 17.25 ? 73  VAL A CB  1 
ATOM   647  C  CG1 . VAL A 1 76  ? 1.987   -0.343  0.141   1.00 18.68 ? 73  VAL A CG1 1 
ATOM   648  C  CG2 . VAL A 1 76  ? 3.909   -1.301  -1.199  1.00 14.45 ? 73  VAL A CG2 1 
ATOM   649  N  N   . GLU A 1 77  ? -0.639  -2.558  -0.537  1.00 18.04 ? 74  GLU A N   1 
ATOM   650  C  CA  . GLU A 1 77  ? -2.078  -2.383  -0.315  1.00 18.54 ? 74  GLU A CA  1 
ATOM   651  C  C   . GLU A 1 77  ? -2.327  -1.300  0.750   1.00 18.36 ? 74  GLU A C   1 
ATOM   652  O  O   . GLU A 1 77  ? -2.944  -0.264  0.458   1.00 19.46 ? 74  GLU A O   1 
ATOM   653  C  CB  . GLU A 1 77  ? -2.758  -3.722  0.022   1.00 18.85 ? 74  GLU A CB  1 
ATOM   654  C  CG  . GLU A 1 77  ? -4.216  -3.781  -0.399  1.00 21.02 ? 74  GLU A CG  1 
ATOM   655  C  CD  . GLU A 1 77  ? -4.958  -4.987  0.164   1.00 23.94 ? 74  GLU A CD  1 
ATOM   656  O  OE1 . GLU A 1 77  ? -4.313  -5.991  0.472   1.00 27.04 ? 74  GLU A OE1 1 
ATOM   657  O  OE2 . GLU A 1 77  ? -6.193  -4.934  0.316   1.00 28.06 ? 74  GLU A OE2 1 
ATOM   658  N  N   . HIS A 1 78  ? -1.830  -1.495  1.965   1.00 16.28 ? 75  HIS A N   1 
ATOM   659  C  CA  . HIS A 1 78  ? -1.889  -0.408  2.929   1.00 14.68 ? 75  HIS A CA  1 
ATOM   660  C  C   . HIS A 1 78  ? -0.569  -0.161  3.573   1.00 14.74 ? 75  HIS A C   1 
ATOM   661  O  O   . HIS A 1 78  ? 0.254   -1.050  3.732   1.00 12.33 ? 75  HIS A O   1 
ATOM   662  C  CB  . HIS A 1 78  ? -2.895  -0.689  4.024   1.00 15.14 ? 75  HIS A CB  1 
ATOM   663  C  CG  . HIS A 1 78  ? -4.291  -0.790  3.531   1.00 12.10 ? 75  HIS A CG  1 
ATOM   664  N  ND1 . HIS A 1 78  ? -4.931  -1.994  3.360   1.00 12.33 ? 75  HIS A ND1 1 
ATOM   665  C  CD2 . HIS A 1 78  ? -5.160  0.158   3.137   1.00 12.62 ? 75  HIS A CD2 1 
ATOM   666  C  CE1 . HIS A 1 78  ? -6.148  -1.785  2.899   1.00 12.08 ? 75  HIS A CE1 1 
ATOM   667  N  NE2 . HIS A 1 78  ? -6.315  -0.484  2.758   1.00 13.28 ? 75  HIS A NE2 1 
ATOM   668  N  N   . PHE A 1 79  ? -0.393  1.089   3.946   1.00 14.85 ? 76  PHE A N   1 
ATOM   669  C  CA  . PHE A 1 79  ? 0.826   1.523   4.509   1.00 16.43 ? 76  PHE A CA  1 
ATOM   670  C  C   . PHE A 1 79  ? 0.485   2.678   5.455   1.00 15.92 ? 76  PHE A C   1 
ATOM   671  O  O   . PHE A 1 79  ? -0.100  3.664   5.024   1.00 14.16 ? 76  PHE A O   1 
ATOM   672  C  CB  . PHE A 1 79  ? 1.732   1.998   3.373   1.00 17.35 ? 76  PHE A CB  1 
ATOM   673  C  CG  . PHE A 1 79  ? 2.967   2.657   3.838   1.00 22.01 ? 76  PHE A CG  1 
ATOM   674  C  CD1 . PHE A 1 79  ? 3.205   4.002   3.528   1.00 29.34 ? 76  PHE A CD1 1 
ATOM   675  C  CD2 . PHE A 1 79  ? 3.896   1.958   4.592   1.00 26.71 ? 76  PHE A CD2 1 
ATOM   676  C  CE1 . PHE A 1 79  ? 4.379   4.652   3.979   1.00 31.53 ? 76  PHE A CE1 1 
ATOM   677  C  CE2 . PHE A 1 79  ? 5.085   2.581   5.039   1.00 29.50 ? 76  PHE A CE2 1 
ATOM   678  C  CZ  . PHE A 1 79  ? 5.325   3.929   4.732   1.00 30.20 ? 76  PHE A CZ  1 
ATOM   679  N  N   . ALA A 1 80  ? 0.850   2.542   6.732   1.00 15.59 ? 77  ALA A N   1 
ATOM   680  C  CA  . ALA A 1 80  ? 0.610   3.610   7.698   1.00 17.03 ? 77  ALA A CA  1 
ATOM   681  C  C   . ALA A 1 80  ? 1.603   3.568   8.845   1.00 17.83 ? 77  ALA A C   1 
ATOM   682  O  O   . ALA A 1 80  ? 2.022   2.494   9.281   1.00 17.84 ? 77  ALA A O   1 
ATOM   683  C  CB  . ALA A 1 80  ? -0.835  3.537   8.240   1.00 16.70 ? 77  ALA A CB  1 
ATOM   684  N  N   . THR A 1 81  ? 2.004   4.741   9.308   1.00 19.42 ? 78  THR A N   1 
ATOM   685  C  CA  . THR A 1 81  ? 2.798   4.859   10.547  1.00 20.29 ? 78  THR A CA  1 
ATOM   686  C  C   . THR A 1 81  ? 1.927   5.437   11.655  1.00 20.15 ? 78  THR A C   1 
ATOM   687  O  O   . THR A 1 81  ? 0.899   6.070   11.378  1.00 20.34 ? 78  THR A O   1 
ATOM   688  C  CB  . THR A 1 81  ? 3.990   5.806   10.346  1.00 20.92 ? 78  THR A CB  1 
ATOM   689  O  OG1 . THR A 1 81  ? 3.486   7.093   9.940   1.00 22.57 ? 78  THR A OG1 1 
ATOM   690  C  CG2 . THR A 1 81  ? 4.960   5.248   9.265   1.00 21.09 ? 78  THR A CG2 1 
ATOM   691  N  N   . ASN A 1 82  ? 2.346   5.235   12.900  1.00 20.31 ? 79  ASN A N   1 
ATOM   692  C  CA  . ASN A 1 82  ? 1.654   5.758   14.065  1.00 20.65 ? 79  ASN A CA  1 
ATOM   693  C  C   . ASN A 1 82  ? 1.567   7.305   14.092  1.00 21.44 ? 79  ASN A C   1 
ATOM   694  O  O   . ASN A 1 82  ? 2.595   7.985   14.059  1.00 20.95 ? 79  ASN A O   1 
ATOM   695  C  CB  . ASN A 1 82  ? 2.315   5.235   15.337  1.00 20.91 ? 79  ASN A CB  1 
ATOM   696  C  CG  . ASN A 1 82  ? 1.410   5.359   16.557  1.00 21.51 ? 79  ASN A CG  1 
ATOM   697  O  OD1 . ASN A 1 82  ? 0.964   6.448   16.927  1.00 21.00 ? 79  ASN A OD1 1 
ATOM   698  N  ND2 . ASN A 1 82  ? 1.134   4.232   17.182  1.00 25.76 ? 79  ASN A ND2 1 
ATOM   699  N  N   . PRO A 1 83  ? 0.332   7.852   14.157  1.00 22.40 ? 80  PRO A N   1 
ATOM   700  C  CA  . PRO A 1 83  ? 0.133   9.308   14.054  1.00 23.79 ? 80  PRO A CA  1 
ATOM   701  C  C   . PRO A 1 83  ? 0.747   10.105  15.222  1.00 25.00 ? 80  PRO A C   1 
ATOM   702  O  O   . PRO A 1 83  ? 0.999   11.299  15.075  1.00 25.55 ? 80  PRO A O   1 
ATOM   703  C  CB  . PRO A 1 83  ? -1.397  9.468   13.993  1.00 22.98 ? 80  PRO A CB  1 
ATOM   704  C  CG  . PRO A 1 83  ? -1.957  8.200   14.534  1.00 23.25 ? 80  PRO A CG  1 
ATOM   705  C  CD  . PRO A 1 83  ? -0.952  7.116   14.236  1.00 22.56 ? 80  PRO A CD  1 
ATOM   706  N  N   . ALA A 1 84  ? 1.011   9.446   16.351  1.00 26.38 ? 81  ALA A N   1 
ATOM   707  C  CA  . ALA A 1 84  ? 1.768   10.068  17.448  1.00 28.09 ? 81  ALA A CA  1 
ATOM   708  C  C   . ALA A 1 84  ? 3.184   10.451  16.984  1.00 29.33 ? 81  ALA A C   1 
ATOM   709  O  O   . ALA A 1 84  ? 3.742   11.467  17.400  1.00 29.91 ? 81  ALA A O   1 
ATOM   710  C  CB  . ALA A 1 84  ? 1.842   9.130   18.644  1.00 28.11 ? 81  ALA A CB  1 
ATOM   711  N  N   . LEU A 1 85  ? 3.749   9.661   16.086  1.00 30.12 ? 82  LEU A N   1 
ATOM   712  C  CA  . LEU A 1 85  ? 5.072   9.954   15.568  1.00 31.22 ? 82  LEU A CA  1 
ATOM   713  C  C   . LEU A 1 85  ? 5.078   11.019  14.469  1.00 32.25 ? 82  LEU A C   1 
ATOM   714  O  O   . LEU A 1 85  ? 6.015   11.083  13.672  1.00 33.10 ? 82  LEU A O   1 
ATOM   715  C  CB  . LEU A 1 85  ? 5.715   8.666   15.046  1.00 31.30 ? 82  LEU A CB  1 
ATOM   716  C  CG  . LEU A 1 85  ? 6.246   7.579   15.976  1.00 30.62 ? 82  LEU A CG  1 
ATOM   717  C  CD1 . LEU A 1 85  ? 5.463   7.422   17.258  1.00 31.02 ? 82  LEU A CD1 1 
ATOM   718  C  CD2 . LEU A 1 85  ? 6.229   6.285   15.191  1.00 29.93 ? 82  LEU A CD2 1 
ATOM   719  N  N   . ARG A 1 86  ? 4.054   11.866  14.423  1.00 33.51 ? 83  ARG A N   1 
ATOM   720  C  CA  . ARG A 1 86  ? 3.933   12.867  13.343  1.00 34.08 ? 83  ARG A CA  1 
ATOM   721  C  C   . ARG A 1 86  ? 5.102   13.850  13.229  1.00 33.87 ? 83  ARG A C   1 
ATOM   722  O  O   . ARG A 1 86  ? 5.753   14.172  14.219  1.00 33.43 ? 83  ARG A O   1 
ATOM   723  C  CB  . ARG A 1 86  ? 2.628   13.649  13.466  1.00 34.88 ? 83  ARG A CB  1 
ATOM   724  C  CG  . ARG A 1 86  ? 2.379   14.284  14.818  1.00 35.55 ? 83  ARG A CG  1 
ATOM   725  C  CD  . ARG A 1 86  ? 0.904   14.486  14.933  1.00 38.44 ? 83  ARG A CD  1 
ATOM   726  N  NE  . ARG A 1 86  ? 0.465   14.812  16.279  1.00 40.81 ? 83  ARG A NE  1 
ATOM   727  C  CZ  . ARG A 1 86  ? 0.783   15.930  16.927  1.00 41.78 ? 83  ARG A CZ  1 
ATOM   728  N  NH1 . ARG A 1 86  ? 1.589   16.833  16.368  1.00 41.73 ? 83  ARG A NH1 1 
ATOM   729  N  NH2 . ARG A 1 86  ? 0.309   16.134  18.155  1.00 42.49 ? 83  ARG A NH2 1 
ATOM   730  N  N   . ASN A 1 87  ? 5.344   14.316  11.998  1.00 33.92 ? 84  ASN A N   1 
ATOM   731  C  CA  . ASN A 1 87  ? 6.433   15.254  11.695  1.00 33.54 ? 84  ASN A CA  1 
ATOM   732  C  C   . ASN A 1 87  ? 7.785   14.812  12.301  1.00 33.17 ? 84  ASN A C   1 
ATOM   733  O  O   . ASN A 1 87  ? 8.621   15.644  12.604  1.00 33.15 ? 84  ASN A O   1 
ATOM   734  C  CB  . ASN A 1 87  ? 6.060   16.689  12.147  1.00 33.73 ? 84  ASN A CB  1 
ATOM   735  C  CG  . ASN A 1 87  ? 4.921   17.307  11.321  1.00 34.12 ? 84  ASN A CG  1 
ATOM   736  O  OD1 . ASN A 1 87  ? 4.913   17.249  10.089  1.00 35.76 ? 84  ASN A OD1 1 
ATOM   737  N  ND2 . ASN A 1 87  ? 3.972   17.928  12.004  1.00 32.91 ? 84  ASN A ND2 1 
ATOM   738  N  N   . GLY A 1 88  ? 7.980   13.502  12.474  1.00 33.23 ? 85  GLY A N   1 
ATOM   739  C  CA  . GLY A 1 88  ? 9.209   12.946  13.059  1.00 32.98 ? 85  GLY A CA  1 
ATOM   740  C  C   . GLY A 1 88  ? 10.222  12.350  12.070  1.00 32.82 ? 85  GLY A C   1 
ATOM   741  O  O   . GLY A 1 88  ? 11.316  11.952  12.475  1.00 32.88 ? 85  GLY A O   1 
ATOM   742  N  N   . GLY A 1 89  ? 9.867   12.302  10.781  1.00 32.22 ? 86  GLY A N   1 
ATOM   743  C  CA  . GLY A 1 89  ? 10.776  11.853  9.707   1.00 30.88 ? 86  GLY A CA  1 
ATOM   744  C  C   . GLY A 1 89  ? 10.585  10.391  9.323   1.00 30.17 ? 86  GLY A C   1 
ATOM   745  O  O   . GLY A 1 89  ? 11.282  9.875   8.451   1.00 29.90 ? 86  GLY A O   1 
ATOM   746  N  N   . TYR A 1 90  ? 9.638   9.729   9.977   1.00 29.39 ? 87  TYR A N   1 
ATOM   747  C  CA  . TYR A 1 90  ? 9.464   8.296   9.811   1.00 30.00 ? 87  TYR A CA  1 
ATOM   748  C  C   . TYR A 1 90  ? 8.932   7.889   8.424   1.00 29.69 ? 87  TYR A C   1 
ATOM   749  O  O   . TYR A 1 90  ? 9.284   6.812   7.928   1.00 29.49 ? 87  TYR A O   1 
ATOM   750  C  CB  . TYR A 1 90  ? 8.582   7.720   10.917  1.00 30.04 ? 87  TYR A CB  1 
ATOM   751  C  CG  . TYR A 1 90  ? 9.257   7.668   12.265  1.00 31.72 ? 87  TYR A CG  1 
ATOM   752  C  CD1 . TYR A 1 90  ? 9.961   6.532   12.675  1.00 32.73 ? 87  TYR A CD1 1 
ATOM   753  C  CD2 . TYR A 1 90  ? 9.189   8.762   13.135  1.00 32.99 ? 87  TYR A CD2 1 
ATOM   754  C  CE1 . TYR A 1 90  ? 10.589  6.493   13.927  1.00 33.80 ? 87  TYR A CE1 1 
ATOM   755  C  CE2 . TYR A 1 90  ? 9.800   8.738   14.365  1.00 34.06 ? 87  TYR A CE2 1 
ATOM   756  C  CZ  . TYR A 1 90  ? 10.497  7.607   14.767  1.00 34.57 ? 87  TYR A CZ  1 
ATOM   757  O  OH  . TYR A 1 90  ? 11.104  7.619   16.007  1.00 35.09 ? 87  TYR A OH  1 
ATOM   758  N  N   . GLY A 1 91  ? 8.094   8.743   7.819   1.00 28.71 ? 88  GLY A N   1 
ATOM   759  C  CA  . GLY A 1 91  ? 7.558   8.503   6.477   1.00 27.69 ? 88  GLY A CA  1 
ATOM   760  C  C   . GLY A 1 91  ? 8.677   8.300   5.478   1.00 27.24 ? 88  GLY A C   1 
ATOM   761  O  O   . GLY A 1 91  ? 8.744   7.290   4.778   1.00 27.19 ? 88  GLY A O   1 
ATOM   762  N  N   . LYS A 1 92  ? 9.571   9.274   5.441   1.00 26.75 ? 89  LYS A N   1 
ATOM   763  C  CA  . LYS A 1 92  ? 10.743  9.235   4.588   1.00 25.97 ? 89  LYS A CA  1 
ATOM   764  C  C   . LYS A 1 92  ? 11.680  8.067   4.935   1.00 25.15 ? 89  LYS A C   1 
ATOM   765  O  O   . LYS A 1 92  ? 12.062  7.292   4.056   1.00 24.90 ? 89  LYS A O   1 
ATOM   766  C  CB  . LYS A 1 92  ? 11.457  10.588  4.670   1.00 25.17 ? 89  LYS A CB  1 
ATOM   767  C  CG  . LYS A 1 92  ? 12.949  10.524  4.666   1.00 25.85 ? 89  LYS A CG  1 
ATOM   768  C  CD  . LYS A 1 92  ? 13.559  11.578  5.581   1.00 28.23 ? 89  LYS A CD  1 
ATOM   769  C  CE  . LYS A 1 92  ? 13.662  12.948  4.910   1.00 30.92 ? 89  LYS A CE  1 
ATOM   770  N  NZ  . LYS A 1 92  ? 14.130  14.075  5.817   1.00 31.25 ? 89  LYS A NZ  1 
ATOM   771  N  N   . ARG A 1 93  ? 12.054  7.952   6.207   1.00 24.41 ? 90  ARG A N   1 
ATOM   772  C  CA  . ARG A 1 93  ? 12.896  6.842   6.671   1.00 23.34 ? 90  ARG A CA  1 
ATOM   773  C  C   . ARG A 1 93  ? 12.280  5.484   6.275   1.00 22.06 ? 90  ARG A C   1 
ATOM   774  O  O   . ARG A 1 93  ? 12.977  4.607   5.786   1.00 20.74 ? 90  ARG A O   1 
ATOM   775  C  CB  . ARG A 1 93  ? 13.071  6.895   8.195   1.00 24.01 ? 90  ARG A CB  1 
ATOM   776  C  CG  . ARG A 1 93  ? 14.099  7.897   8.717   1.00 26.26 ? 90  ARG A CG  1 
ATOM   777  C  CD  . ARG A 1 93  ? 14.364  7.645   10.208  1.00 29.21 ? 90  ARG A CD  1 
ATOM   778  N  NE  . ARG A 1 93  ? 15.346  6.576   10.441  1.00 32.56 ? 90  ARG A NE  1 
ATOM   779  C  CZ  . ARG A 1 93  ? 15.372  5.789   11.518  1.00 34.56 ? 90  ARG A CZ  1 
ATOM   780  N  NH1 . ARG A 1 93  ? 14.450  5.930   12.464  1.00 36.07 ? 90  ARG A NH1 1 
ATOM   781  N  NH2 . ARG A 1 93  ? 16.315  4.851   11.650  1.00 36.10 ? 90  ARG A NH2 1 
ATOM   782  N  N   . THR A 1 94  ? 10.972  5.332   6.455   1.00 21.11 ? 91  THR A N   1 
ATOM   783  C  CA  . THR A 1 94  ? 10.305  4.069   6.100   1.00 21.82 ? 91  THR A CA  1 
ATOM   784  C  C   . THR A 1 94  ? 10.280  3.770   4.593   1.00 22.32 ? 91  THR A C   1 
ATOM   785  O  O   . THR A 1 94  ? 10.474  2.620   4.167   1.00 22.18 ? 91  THR A O   1 
ATOM   786  C  CB  . THR A 1 94  ? 8.858   4.002   6.651   1.00 21.83 ? 91  THR A CB  1 
ATOM   787  O  OG1 . THR A 1 94  ? 8.903   4.008   8.081   1.00 20.15 ? 91  THR A OG1 1 
ATOM   788  C  CG2 . THR A 1 94  ? 8.176   2.721   6.206   1.00 21.23 ? 91  THR A CG2 1 
ATOM   789  N  N   . LEU A 1 95  ? 10.007  4.798   3.797   1.00 22.91 ? 92  LEU A N   1 
ATOM   790  C  CA  . LEU A 1 95  ? 9.918   4.632   2.353   1.00 23.81 ? 92  LEU A CA  1 
ATOM   791  C  C   . LEU A 1 95  ? 11.284  4.247   1.827   1.00 23.33 ? 92  LEU A C   1 
ATOM   792  O  O   . LEU A 1 95  ? 11.415  3.320   1.042   1.00 22.79 ? 92  LEU A O   1 
ATOM   793  C  CB  . LEU A 1 95  ? 9.505   5.940   1.700   1.00 24.19 ? 92  LEU A CB  1 
ATOM   794  C  CG  . LEU A 1 95  ? 8.297   5.817   0.830   1.00 25.81 ? 92  LEU A CG  1 
ATOM   795  C  CD1 . LEU A 1 95  ? 7.151   5.605   1.820   1.00 29.07 ? 92  LEU A CD1 1 
ATOM   796  C  CD2 . LEU A 1 95  ? 8.123   7.125   0.071   1.00 25.78 ? 92  LEU A CD2 1 
ATOM   797  N  N   . GLU A 1 96  ? 12.288  4.980   2.292   1.00 23.22 ? 93  GLU A N   1 
ATOM   798  C  CA  . GLU A 1 96  ? 13.680  4.699   2.013   1.00 23.80 ? 93  GLU A CA  1 
ATOM   799  C  C   . GLU A 1 96  ? 14.078  3.224   2.206   1.00 23.57 ? 93  GLU A C   1 
ATOM   800  O  O   . GLU A 1 96  ? 14.626  2.609   1.286   1.00 24.08 ? 93  GLU A O   1 
ATOM   801  C  CB  . GLU A 1 96  ? 14.516  5.617   2.885   1.00 24.46 ? 93  GLU A CB  1 
ATOM   802  C  CG  . GLU A 1 96  ? 15.960  5.255   3.082   1.00 28.16 ? 93  GLU A CG  1 
ATOM   803  C  CD  . GLU A 1 96  ? 16.649  6.221   4.071   1.00 33.13 ? 93  GLU A CD  1 
ATOM   804  O  OE1 . GLU A 1 96  ? 15.943  6.988   4.777   1.00 33.33 ? 93  GLU A OE1 1 
ATOM   805  O  OE2 . GLU A 1 96  ? 17.901  6.221   4.134   1.00 36.04 ? 93  GLU A OE2 1 
ATOM   806  N  N   . HIS A 1 97  ? 13.800  2.653   3.378   1.00 22.96 ? 94  HIS A N   1 
ATOM   807  C  CA  A HIS A 1 97  ? 14.118  1.240   3.618   0.50 22.92 ? 94  HIS A CA  1 
ATOM   808  C  CA  B HIS A 1 97  ? 14.102  1.250   3.656   0.50 22.99 ? 94  HIS A CA  1 
ATOM   809  C  C   . HIS A 1 97  ? 13.145  0.270   2.935   1.00 22.99 ? 94  HIS A C   1 
ATOM   810  O  O   . HIS A 1 97  ? 13.475  -0.889  2.723   1.00 22.57 ? 94  HIS A O   1 
ATOM   811  C  CB  A HIS A 1 97  ? 14.235  0.905   5.117   0.50 23.00 ? 94  HIS A CB  1 
ATOM   812  C  CB  B HIS A 1 97  ? 14.116  1.018   5.178   0.50 23.14 ? 94  HIS A CB  1 
ATOM   813  C  CG  A HIS A 1 97  ? 14.579  -0.531  5.372   0.50 21.91 ? 94  HIS A CG  1 
ATOM   814  C  CG  B HIS A 1 97  ? 15.132  1.850   5.907   0.50 22.21 ? 94  HIS A CG  1 
ATOM   815  N  ND1 A HIS A 1 97  ? 15.867  -1.015  5.291   0.50 22.13 ? 94  HIS A ND1 1 
ATOM   816  N  ND1 B HIS A 1 97  ? 16.384  1.379   6.235   0.50 21.83 ? 94  HIS A ND1 1 
ATOM   817  C  CD2 A HIS A 1 97  ? 13.797  -1.595  5.659   0.50 19.16 ? 94  HIS A CD2 1 
ATOM   818  C  CD2 B HIS A 1 97  ? 15.084  3.131   6.354   0.50 22.80 ? 94  HIS A CD2 1 
ATOM   819  C  CE1 A HIS A 1 97  ? 15.862  -2.312  5.539   0.50 22.23 ? 94  HIS A CE1 1 
ATOM   820  C  CE1 B HIS A 1 97  ? 17.056  2.324   6.873   0.50 22.78 ? 94  HIS A CE1 1 
ATOM   821  N  NE2 A HIS A 1 97  ? 14.615  -2.690  5.754   0.50 20.99 ? 94  HIS A NE2 1 
ATOM   822  N  NE2 B HIS A 1 97  ? 16.291  3.398   6.955   0.50 23.29 ? 94  HIS A NE2 1 
ATOM   823  N  N   . LEU A 1 98  ? 11.953  0.744   2.575   1.00 22.90 ? 95  LEU A N   1 
ATOM   824  C  CA  . LEU A 1 98  ? 11.015  -0.094  1.871   1.00 23.63 ? 95  LEU A CA  1 
ATOM   825  C  C   . LEU A 1 98  ? 11.585  -0.481  0.508   1.00 24.57 ? 95  LEU A C   1 
ATOM   826  O  O   . LEU A 1 98  ? 11.452  -1.615  0.063   1.00 23.96 ? 95  LEU A O   1 
ATOM   827  C  CB  . LEU A 1 98  ? 9.644   0.600   1.698   1.00 22.73 ? 95  LEU A CB  1 
ATOM   828  C  CG  . LEU A 1 98  ? 8.702   -0.203  0.784   1.00 22.72 ? 95  LEU A CG  1 
ATOM   829  C  CD1 . LEU A 1 98  ? 8.281   -1.534  1.413   1.00 23.85 ? 95  LEU A CD1 1 
ATOM   830  C  CD2 . LEU A 1 98  ? 7.473   0.595   0.352   1.00 25.16 ? 95  LEU A CD2 1 
ATOM   831  N  N   . CYS A 1 99  ? 12.179  0.492   -0.165  1.00 25.63 ? 96  CYS A N   1 
ATOM   832  C  CA  . CYS A 1 99  ? 12.923  0.254   -1.407  1.00 27.46 ? 96  CYS A CA  1 
ATOM   833  C  C   . CYS A 1 99  ? 14.161  -0.640  -1.285  1.00 26.82 ? 96  CYS A C   1 
ATOM   834  O  O   . CYS A 1 99  ? 14.581  -1.243  -2.255  1.00 27.06 ? 96  CYS A O   1 
ATOM   835  C  CB  . CYS A 1 99  ? 13.289  1.598   -2.030  1.00 27.31 ? 96  CYS A CB  1 
ATOM   836  S  SG  . CYS A 1 99  ? 11.775  2.498   -2.407  1.00 33.43 ? 96  CYS A SG  1 
ATOM   837  N  N   . GLU A 1 100 ? 14.735  -0.741  -0.097  1.00 27.43 ? 97  GLU A N   1 
ATOM   838  C  CA  . GLU A 1 100 ? 15.797  -1.727  0.140   1.00 28.00 ? 97  GLU A CA  1 
ATOM   839  C  C   . GLU A 1 100 ? 15.194  -3.123  0.312   1.00 27.52 ? 97  GLU A C   1 
ATOM   840  O  O   . GLU A 1 100 ? 15.723  -4.126  -0.184  1.00 28.57 ? 97  GLU A O   1 
ATOM   841  C  CB  . GLU A 1 100 ? 16.602  -1.379  1.388   1.00 27.50 ? 97  GLU A CB  1 
ATOM   842  C  CG  . GLU A 1 100 ? 17.060  0.060   1.470   1.00 31.79 ? 97  GLU A CG  1 
ATOM   843  C  CD  . GLU A 1 100 ? 17.906  0.334   2.726   1.00 36.18 ? 97  GLU A CD  1 
ATOM   844  O  OE1 . GLU A 1 100 ? 18.730  -0.544  3.112   1.00 37.45 ? 97  GLU A OE1 1 
ATOM   845  O  OE2 . GLU A 1 100 ? 17.758  1.435   3.319   1.00 37.96 ? 97  GLU A OE2 1 
ATOM   846  N  N   . PHE A 1 101 ? 14.089  -3.179  1.046   1.00 26.55 ? 98  PHE A N   1 
ATOM   847  C  CA  . PHE A 1 101 ? 13.507  -4.441  1.474   1.00 25.46 ? 98  PHE A CA  1 
ATOM   848  C  C   . PHE A 1 101 ? 12.838  -5.140  0.303   1.00 25.02 ? 98  PHE A C   1 
ATOM   849  O  O   . PHE A 1 101 ? 12.905  -6.377  0.192   1.00 24.38 ? 98  PHE A O   1 
ATOM   850  C  CB  . PHE A 1 101 ? 12.523  -4.153  2.599   1.00 25.89 ? 98  PHE A CB  1 
ATOM   851  C  CG  . PHE A 1 101 ? 11.870  -5.375  3.195   1.00 26.88 ? 98  PHE A CG  1 
ATOM   852  C  CD1 . PHE A 1 101 ? 12.627  -6.348  3.852   1.00 26.31 ? 98  PHE A CD1 1 
ATOM   853  C  CD2 . PHE A 1 101 ? 10.479  -5.519  3.147   1.00 25.45 ? 98  PHE A CD2 1 
ATOM   854  C  CE1 . PHE A 1 101 ? 12.022  -7.458  4.404   1.00 25.07 ? 98  PHE A CE1 1 
ATOM   855  C  CE2 . PHE A 1 101 ? 9.861   -6.615  3.707   1.00 25.71 ? 98  PHE A CE2 1 
ATOM   856  C  CZ  . PHE A 1 101 ? 10.627  -7.594  4.341   1.00 26.06 ? 98  PHE A CZ  1 
ATOM   857  N  N   . LEU A 1 102 ? 12.200  -4.339  -0.561  1.00 23.27 ? 99  LEU A N   1 
ATOM   858  C  CA  . LEU A 1 102 ? 11.529  -4.818  -1.772  1.00 23.04 ? 99  LEU A CA  1 
ATOM   859  C  C   . LEU A 1 102 ? 12.301  -4.293  -2.992  1.00 24.00 ? 99  LEU A C   1 
ATOM   860  O  O   . LEU A 1 102 ? 12.382  -3.074  -3.224  1.00 25.57 ? 99  LEU A O   1 
ATOM   861  C  CB  . LEU A 1 102 ? 10.054  -4.363  -1.816  1.00 21.42 ? 99  LEU A CB  1 
ATOM   862  C  CG  . LEU A 1 102 ? 9.108   -4.693  -0.648  1.00 18.31 ? 99  LEU A CG  1 
ATOM   863  C  CD1 . LEU A 1 102 ? 7.758   -4.135  -0.894  1.00 14.38 ? 99  LEU A CD1 1 
ATOM   864  C  CD2 . LEU A 1 102 ? 8.982   -6.192  -0.380  1.00 13.92 ? 99  LEU A CD2 1 
ATOM   865  N  N   . LYS A 1 103 ? 12.909  -5.198  -3.746  1.00 23.78 ? 100 LYS A N   1 
ATOM   866  C  CA  . LYS A 1 103 ? 13.799  -4.788  -4.813  1.00 23.81 ? 100 LYS A CA  1 
ATOM   867  C  C   . LYS A 1 103 ? 13.139  -4.835  -6.197  1.00 23.12 ? 100 LYS A C   1 
ATOM   868  O  O   . LYS A 1 103 ? 13.414  -3.978  -7.045  1.00 23.02 ? 100 LYS A O   1 
ATOM   869  C  CB  . LYS A 1 103 ? 15.086  -5.623  -4.764  1.00 25.21 ? 100 LYS A CB  1 
ATOM   870  C  CG  . LYS A 1 103 ? 16.122  -5.068  -3.786  1.00 26.92 ? 100 LYS A CG  1 
ATOM   871  C  CD  . LYS A 1 103 ? 16.872  -3.954  -4.487  1.00 29.89 ? 100 LYS A CD  1 
ATOM   872  C  CE  . LYS A 1 103 ? 17.158  -2.820  -3.574  1.00 31.66 ? 100 LYS A CE  1 
ATOM   873  N  NZ  . LYS A 1 103 ? 17.273  -1.619  -4.415  1.00 34.19 ? 100 LYS A NZ  1 
ATOM   874  N  N   . ARG A 1 104 ? 12.236  -5.789  -6.419  1.00 22.16 ? 101 ARG A N   1 
ATOM   875  C  CA  . ARG A 1 104 ? 11.423  -5.759  -7.652  1.00 21.48 ? 101 ARG A CA  1 
ATOM   876  C  C   . ARG A 1 104 ? 10.566  -4.473  -7.672  1.00 19.66 ? 101 ARG A C   1 
ATOM   877  O  O   . ARG A 1 104 ? 10.400  -3.851  -6.630  1.00 20.11 ? 101 ARG A O   1 
ATOM   878  C  CB  . ARG A 1 104 ? 10.564  -7.014  -7.789  1.00 21.77 ? 101 ARG A CB  1 
ATOM   879  C  CG  . ARG A 1 104 ? 11.275  -8.310  -7.393  1.00 23.01 ? 101 ARG A CG  1 
ATOM   880  C  CD  . ARG A 1 104 ? 10.402  -9.511  -7.709  1.00 27.07 ? 101 ARG A CD  1 
ATOM   881  N  NE  . ARG A 1 104 ? 10.979  -10.755 -7.199  1.00 31.05 ? 101 ARG A NE  1 
ATOM   882  C  CZ  . ARG A 1 104 ? 11.938  -11.443 -7.834  1.00 33.00 ? 101 ARG A CZ  1 
ATOM   883  N  NH1 . ARG A 1 104 ? 12.417  -12.560 -7.308  1.00 33.08 ? 101 ARG A NH1 1 
ATOM   884  N  NH2 . ARG A 1 104 ? 12.434  -11.019 -8.995  1.00 31.83 ? 101 ARG A NH2 1 
ATOM   885  N  N   . PRO A 1 105 ? 10.045  -4.062  -8.851  1.00 18.56 ? 102 PRO A N   1 
ATOM   886  C  CA  . PRO A 1 105 ? 9.217   -2.825  -8.900  1.00 17.83 ? 102 PRO A CA  1 
ATOM   887  C  C   . PRO A 1 105 ? 8.047   -2.816  -7.885  1.00 17.07 ? 102 PRO A C   1 
ATOM   888  O  O   . PRO A 1 105 ? 7.488   -3.869  -7.520  1.00 16.30 ? 102 PRO A O   1 
ATOM   889  C  CB  . PRO A 1 105 ? 8.689   -2.803  -10.327 1.00 17.44 ? 102 PRO A CB  1 
ATOM   890  C  CG  . PRO A 1 105 ? 9.741   -3.670  -11.147 1.00 18.21 ? 102 PRO A CG  1 
ATOM   891  C  CD  . PRO A 1 105 ? 10.123  -4.739  -10.173 1.00 17.96 ? 102 PRO A CD  1 
ATOM   892  N  N   . ILE A 1 106 ? 7.742   -1.636  -7.376  1.00 16.41 ? 103 ILE A N   1 
ATOM   893  C  CA  . ILE A 1 106 ? 6.750   -1.498  -6.296  1.00 15.67 ? 103 ILE A CA  1 
ATOM   894  C  C   . ILE A 1 106 ? 5.644   -0.644  -6.864  1.00 15.40 ? 103 ILE A C   1 
ATOM   895  O  O   . ILE A 1 106 ? 5.912   0.434   -7.402  1.00 15.60 ? 103 ILE A O   1 
ATOM   896  C  CB  . ILE A 1 106 ? 7.309   -0.781  -5.076  1.00 16.10 ? 103 ILE A CB  1 
ATOM   897  C  CG1 . ILE A 1 106 ? 8.539   -1.505  -4.521  1.00 15.93 ? 103 ILE A CG1 1 
ATOM   898  C  CG2 . ILE A 1 106 ? 6.202   -0.631  -3.967  1.00 15.14 ? 103 ILE A CG2 1 
ATOM   899  C  CD1 . ILE A 1 106 ? 9.196   -0.730  -3.416  1.00 17.43 ? 103 ILE A CD1 1 
ATOM   900  N  N   . VAL A 1 107 ? 4.422   -1.142  -6.755  1.00 14.67 ? 104 VAL A N   1 
ATOM   901  C  CA  . VAL A 1 107 ? 3.263   -0.404  -7.220  1.00 15.25 ? 104 VAL A CA  1 
ATOM   902  C  C   . VAL A 1 107 ? 2.419   -0.043  -6.007  1.00 15.49 ? 104 VAL A C   1 
ATOM   903  O  O   . VAL A 1 107 ? 2.192   -0.881  -5.128  1.00 15.28 ? 104 VAL A O   1 
ATOM   904  C  CB  . VAL A 1 107 ? 2.423   -1.216  -8.238  1.00 14.86 ? 104 VAL A CB  1 
ATOM   905  C  CG1 . VAL A 1 107 ? 1.230   -0.385  -8.750  1.00 12.90 ? 104 VAL A CG1 1 
ATOM   906  C  CG2 . VAL A 1 107 ? 3.323   -1.741  -9.435  1.00 13.66 ? 104 VAL A CG2 1 
ATOM   907  N  N   . LEU A 1 108 ? 1.964   1.206   -5.960  1.00 16.85 ? 105 LEU A N   1 
ATOM   908  C  CA  . LEU A 1 108 ? 0.890   1.597   -5.002  1.00 18.30 ? 105 LEU A CA  1 
ATOM   909  C  C   . LEU A 1 108 ? -0.173  2.509   -5.675  1.00 18.14 ? 105 LEU A C   1 
ATOM   910  O  O   . LEU A 1 108 ? 0.046   2.998   -6.795  1.00 17.94 ? 105 LEU A O   1 
ATOM   911  C  CB  . LEU A 1 108 ? 1.487   2.255   -3.769  1.00 18.34 ? 105 LEU A CB  1 
ATOM   912  C  CG  . LEU A 1 108 ? 2.366   3.493   -4.046  1.00 21.74 ? 105 LEU A CG  1 
ATOM   913  C  CD1 . LEU A 1 108 ? 1.540   4.668   -4.461  1.00 24.31 ? 105 LEU A CD1 1 
ATOM   914  C  CD2 . LEU A 1 108 ? 3.099   3.867   -2.807  1.00 25.93 ? 105 LEU A CD2 1 
ATOM   915  N  N   . GLU A 1 109 ? -1.317  2.689   -5.017  1.00 18.24 ? 106 GLU A N   1 
ATOM   916  C  CA  . GLU A 1 109 ? -2.365  3.621   -5.485  1.00 19.04 ? 106 GLU A CA  1 
ATOM   917  C  C   . GLU A 1 109 ? -2.351  4.893   -4.637  1.00 18.56 ? 106 GLU A C   1 
ATOM   918  O  O   . GLU A 1 109 ? -2.108  4.831   -3.412  1.00 19.01 ? 106 GLU A O   1 
ATOM   919  C  CB  . GLU A 1 109 ? -3.756  3.012   -5.373  1.00 18.94 ? 106 GLU A CB  1 
ATOM   920  C  CG  . GLU A 1 109 ? -3.891  1.556   -5.811  1.00 25.19 ? 106 GLU A CG  1 
ATOM   921  C  CD  . GLU A 1 109 ? -5.334  1.036   -5.669  1.00 30.65 ? 106 GLU A CD  1 
ATOM   922  O  OE1 . GLU A 1 109 ? -6.202  1.818   -5.219  1.00 34.83 ? 106 GLU A OE1 1 
ATOM   923  O  OE2 . GLU A 1 109 ? -5.617  -0.147  -5.997  1.00 31.35 ? 106 GLU A OE2 1 
ATOM   924  N  N   . VAL A 1 110 ? -2.549  6.032   -5.294  1.00 17.87 ? 107 VAL A N   1 
ATOM   925  C  CA  . VAL A 1 110 ? -2.744  7.306   -4.619  1.00 18.01 ? 107 VAL A CA  1 
ATOM   926  C  C   . VAL A 1 110 ? -4.034  7.947   -5.113  1.00 17.52 ? 107 VAL A C   1 
ATOM   927  O  O   . VAL A 1 110 ? -4.503  7.681   -6.215  1.00 16.00 ? 107 VAL A O   1 
ATOM   928  C  CB  . VAL A 1 110 ? -1.588  8.317   -4.811  1.00 17.48 ? 107 VAL A CB  1 
ATOM   929  C  CG1 . VAL A 1 110 ? -0.329  7.804   -4.190  1.00 19.52 ? 107 VAL A CG1 1 
ATOM   930  C  CG2 . VAL A 1 110 ? -1.382  8.643   -6.261  1.00 17.21 ? 107 VAL A CG2 1 
ATOM   931  N  N   . GLU A 1 111 ? -4.599  8.773   -4.260  1.00 16.95 ? 108 GLU A N   1 
ATOM   932  C  CA  . GLU A 1 111 ? -5.670  9.675   -4.644  1.00 18.76 ? 108 GLU A CA  1 
ATOM   933  C  C   . GLU A 1 111 ? -5.289  10.632  -5.779  1.00 18.22 ? 108 GLU A C   1 
ATOM   934  O  O   . GLU A 1 111 ? -4.115  11.042  -5.892  1.00 17.50 ? 108 GLU A O   1 
ATOM   935  C  CB  . GLU A 1 111 ? -6.091  10.462  -3.420  1.00 20.07 ? 108 GLU A CB  1 
ATOM   936  C  CG  . GLU A 1 111 ? -7.175  9.742   -2.669  1.00 25.62 ? 108 GLU A CG  1 
ATOM   937  C  CD  . GLU A 1 111 ? -8.495  9.914   -3.404  1.00 33.64 ? 108 GLU A CD  1 
ATOM   938  O  OE1 . GLU A 1 111 ? -9.508  9.311   -2.975  1.00 37.15 ? 108 GLU A OE1 1 
ATOM   939  O  OE2 . GLU A 1 111 ? -8.510  10.666  -4.422  1.00 38.56 ? 108 GLU A OE2 1 
ATOM   940  N  N   . ARG A 1 112 ? -6.256  10.966  -6.631  1.00 16.56 ? 109 ARG A N   1 
ATOM   941  C  CA  . ARG A 1 112 ? -5.966  11.893  -7.727  1.00 17.03 ? 109 ARG A CA  1 
ATOM   942  C  C   . ARG A 1 112 ? -5.855  13.322  -7.164  1.00 17.90 ? 109 ARG A C   1 
ATOM   943  O  O   . ARG A 1 112 ? -6.518  13.641  -6.169  1.00 17.09 ? 109 ARG A O   1 
ATOM   944  C  CB  . ARG A 1 112 ? -6.978  11.769  -8.885  1.00 16.02 ? 109 ARG A CB  1 
ATOM   945  C  CG  . ARG A 1 112 ? -6.960  10.419  -9.493  1.00 14.85 ? 109 ARG A CG  1 
ATOM   946  C  CD  . ARG A 1 112 ? -7.763  10.437  -10.772 1.00 18.93 ? 109 ARG A CD  1 
ATOM   947  N  NE  . ARG A 1 112 ? -7.960  9.093   -11.275 1.00 16.67 ? 109 ARG A NE  1 
ATOM   948  C  CZ  . ARG A 1 112 ? -8.775  8.811   -12.282 1.00 15.76 ? 109 ARG A CZ  1 
ATOM   949  N  NH1 . ARG A 1 112 ? -9.438  9.788   -12.861 1.00 13.92 ? 109 ARG A NH1 1 
ATOM   950  N  NH2 . ARG A 1 112 ? -8.937  7.560   -12.680 1.00 9.97  ? 109 ARG A NH2 1 
ATOM   951  N  N   . PRO A 1 113 ? -4.970  14.163  -7.765  1.00 18.69 ? 110 PRO A N   1 
ATOM   952  C  CA  . PRO A 1 113 ? -4.635  15.428  -7.118  1.00 18.90 ? 110 PRO A CA  1 
ATOM   953  C  C   . PRO A 1 113 ? -5.763  16.443  -7.210  1.00 19.32 ? 110 PRO A C   1 
ATOM   954  O  O   . PRO A 1 113 ? -5.633  17.479  -7.854  1.00 20.91 ? 110 PRO A O   1 
ATOM   955  C  CB  . PRO A 1 113 ? -3.416  15.915  -7.894  1.00 18.24 ? 110 PRO A CB  1 
ATOM   956  C  CG  . PRO A 1 113 ? -3.502  15.275  -9.185  1.00 18.56 ? 110 PRO A CG  1 
ATOM   957  C  CD  . PRO A 1 113 ? -4.099  13.924  -8.929  1.00 18.74 ? 110 PRO A CD  1 
ATOM   958  N  N   . VAL A 1 114 ? -6.851  16.167  -6.531  1.00 19.53 ? 111 VAL A N   1 
ATOM   959  C  CA  . VAL A 1 114 ? -7.919  17.128  -6.466  1.00 20.37 ? 111 VAL A CA  1 
ATOM   960  C  C   . VAL A 1 114 ? -7.730  18.028  -5.245  1.00 21.11 ? 111 VAL A C   1 
ATOM   961  O  O   . VAL A 1 114 ? -7.690  19.240  -5.381  1.00 22.43 ? 111 VAL A O   1 
ATOM   962  C  CB  . VAL A 1 114 ? -9.262  16.437  -6.457  1.00 20.29 ? 111 VAL A CB  1 
ATOM   963  C  CG1 . VAL A 1 114 ? -10.348 17.391  -5.973  1.00 21.41 ? 111 VAL A CG1 1 
ATOM   964  C  CG2 . VAL A 1 114 ? -9.569  15.899  -7.884  1.00 19.71 ? 111 VAL A CG2 1 
ATOM   965  N  N   . GLU A 1 115 ? -7.572  17.427  -4.072  1.00 21.93 ? 112 GLU A N   1 
ATOM   966  C  CA  A GLU A 1 115 ? -7.367  18.223  -2.867  0.50 21.97 ? 112 GLU A CA  1 
ATOM   967  C  CA  B GLU A 1 115 ? -7.353  18.127  -2.800  0.50 21.88 ? 112 GLU A CA  1 
ATOM   968  C  C   . GLU A 1 115 ? -5.882  18.461  -2.583  1.00 21.81 ? 112 GLU A C   1 
ATOM   969  O  O   . GLU A 1 115 ? -4.999  17.762  -3.122  1.00 20.77 ? 112 GLU A O   1 
ATOM   970  C  CB  A GLU A 1 115 ? -8.066  17.574  -1.669  0.50 22.60 ? 112 GLU A CB  1 
ATOM   971  C  CB  B GLU A 1 115 ? -7.833  17.239  -1.638  0.50 22.42 ? 112 GLU A CB  1 
ATOM   972  C  CG  A GLU A 1 115 ? -9.548  17.251  -1.899  0.50 23.40 ? 112 GLU A CG  1 
ATOM   973  C  CG  B GLU A 1 115 ? -6.880  16.096  -1.269  0.50 22.71 ? 112 GLU A CG  1 
ATOM   974  C  CD  A GLU A 1 115 ? -10.437 18.473  -1.875  0.50 24.54 ? 112 GLU A CD  1 
ATOM   975  C  CD  B GLU A 1 115 ? -7.484  15.084  -0.309  0.50 26.13 ? 112 GLU A CD  1 
ATOM   976  O  OE1 A GLU A 1 115 ? -10.482 19.208  -2.883  0.50 25.01 ? 112 GLU A OE1 1 
ATOM   977  O  OE1 B GLU A 1 115 ? -8.303  15.492  0.556   0.50 26.05 ? 112 GLU A OE1 1 
ATOM   978  O  OE2 A GLU A 1 115 ? -11.111 18.686  -0.845  0.50 24.28 ? 112 GLU A OE2 1 
ATOM   979  O  OE2 B GLU A 1 115 ? -7.136  13.880  -0.424  0.50 25.98 ? 112 GLU A OE2 1 
ATOM   980  N  N   . GLU A 1 116 ? -5.617  19.489  -1.759  1.00 21.78 ? 113 GLU A N   1 
ATOM   981  C  CA  A GLU A 1 116 ? -4.245  19.830  -1.370  0.50 21.63 ? 113 GLU A CA  1 
ATOM   982  C  CA  B GLU A 1 116 ? -4.248  19.837  -1.406  0.50 21.48 ? 113 GLU A CA  1 
ATOM   983  C  C   . GLU A 1 116 ? -3.509  18.603  -0.861  1.00 20.65 ? 113 GLU A C   1 
ATOM   984  O  O   . GLU A 1 116 ? -2.399  18.333  -1.273  1.00 20.17 ? 113 GLU A O   1 
ATOM   985  C  CB  A GLU A 1 116 ? -4.208  20.913  -0.295  0.50 21.96 ? 113 GLU A CB  1 
ATOM   986  C  CB  B GLU A 1 116 ? -4.218  20.995  -0.408  0.50 21.73 ? 113 GLU A CB  1 
ATOM   987  C  CG  A GLU A 1 116 ? -3.509  22.165  -0.723  0.50 23.99 ? 113 GLU A CG  1 
ATOM   988  C  CG  B GLU A 1 116 ? -2.863  21.622  -0.244  0.50 23.13 ? 113 GLU A CG  1 
ATOM   989  C  CD  A GLU A 1 116 ? -4.293  22.951  -1.751  0.50 26.98 ? 113 GLU A CD  1 
ATOM   990  C  CD  B GLU A 1 116 ? -2.161  21.845  -1.583  0.50 26.04 ? 113 GLU A CD  1 
ATOM   991  O  OE1 A GLU A 1 116 ? -4.245  24.201  -1.673  0.50 27.98 ? 113 GLU A OE1 1 
ATOM   992  O  OE1 B GLU A 1 116 ? -2.822  22.217  -2.583  0.50 25.68 ? 113 GLU A OE1 1 
ATOM   993  O  OE2 A GLU A 1 116 ? -4.951  22.331  -2.630  0.50 27.96 ? 113 GLU A OE2 1 
ATOM   994  O  OE2 B GLU A 1 116 ? -0.932  21.643  -1.633  0.50 28.02 ? 113 GLU A OE2 1 
HETATM 995  N  N   . MSE A 1 117 ? -4.136  17.848  0.036   1.00 19.56 ? 114 MSE A N   1 
HETATM 996  C  CA  . MSE A 1 117 ? -3.450  16.691  0.625   1.00 19.03 ? 114 MSE A CA  1 
HETATM 997  C  C   . MSE A 1 117 ? -3.064  15.615  -0.394  1.00 18.65 ? 114 MSE A C   1 
HETATM 998  O  O   . MSE A 1 117 ? -1.948  15.102  -0.359  1.00 16.45 ? 114 MSE A O   1 
HETATM 999  C  CB  . MSE A 1 117 ? -4.237  16.085  1.764   1.00 19.56 ? 114 MSE A CB  1 
HETATM 1000 C  CG  . MSE A 1 117 ? -3.378  15.173  2.562   1.00 21.51 ? 114 MSE A CG  1 
HETATM 1001 SE SE  . MSE A 1 117 ? -4.358  14.238  3.895   0.50 23.71 ? 114 MSE A SE  1 
HETATM 1002 C  CE  . MSE A 1 117 ? -5.356  12.997  2.778   1.00 25.42 ? 114 MSE A CE  1 
ATOM   1003 N  N   . ALA A 1 118 ? -3.967  15.346  -1.344  1.00 18.29 ? 115 ALA A N   1 
ATOM   1004 C  CA  . ALA A 1 118 ? -3.666  14.490  -2.497  1.00 18.49 ? 115 ALA A CA  1 
ATOM   1005 C  C   . ALA A 1 118 ? -2.460  14.991  -3.291  1.00 18.86 ? 115 ALA A C   1 
ATOM   1006 O  O   . ALA A 1 118 ? -1.646  14.193  -3.710  1.00 18.50 ? 115 ALA A O   1 
ATOM   1007 C  CB  . ALA A 1 118 ? -4.856  14.367  -3.413  1.00 17.21 ? 115 ALA A CB  1 
ATOM   1008 N  N   . LYS A 1 119 ? -2.362  16.303  -3.514  1.00 18.97 ? 116 LYS A N   1 
ATOM   1009 C  CA  . LYS A 1 119 ? -1.254  16.830  -4.277  1.00 20.12 ? 116 LYS A CA  1 
ATOM   1010 C  C   . LYS A 1 119 ? 0.057   16.656  -3.514  1.00 19.98 ? 116 LYS A C   1 
ATOM   1011 O  O   . LYS A 1 119 ? 1.085   16.386  -4.123  1.00 19.88 ? 116 LYS A O   1 
ATOM   1012 C  CB  . LYS A 1 119 ? -1.444  18.318  -4.557  1.00 19.22 ? 116 LYS A CB  1 
ATOM   1013 C  CG  . LYS A 1 119 ? -2.626  18.627  -5.364  1.00 22.73 ? 116 LYS A CG  1 
ATOM   1014 C  CD  . LYS A 1 119 ? -2.971  20.055  -5.121  1.00 26.57 ? 116 LYS A CD  1 
ATOM   1015 C  CE  . LYS A 1 119 ? -3.136  20.751  -6.410  1.00 28.00 ? 116 LYS A CE  1 
ATOM   1016 N  NZ  . LYS A 1 119 ? -4.579  20.763  -6.682  1.00 33.33 ? 116 LYS A NZ  1 
ATOM   1017 N  N   . ARG A 1 120 ? 0.017   16.861  -2.202  1.00 19.89 ? 117 ARG A N   1 
ATOM   1018 C  CA  A ARG A 1 120 ? 1.183   16.671  -1.343  0.50 21.30 ? 117 ARG A CA  1 
ATOM   1019 C  CA  B ARG A 1 120 ? 1.209   16.674  -1.392  0.50 21.05 ? 117 ARG A CA  1 
ATOM   1020 C  C   . ARG A 1 120 ? 1.678   15.216  -1.282  1.00 21.31 ? 117 ARG A C   1 
ATOM   1021 O  O   . ARG A 1 120 ? 2.900   14.958  -1.277  1.00 21.60 ? 117 ARG A O   1 
ATOM   1022 C  CB  A ARG A 1 120 ? 0.901   17.198  0.068   0.50 22.03 ? 117 ARG A CB  1 
ATOM   1023 C  CB  B ARG A 1 120 ? 1.037   17.341  -0.031  0.50 21.74 ? 117 ARG A CB  1 
ATOM   1024 C  CG  A ARG A 1 120 ? 1.522   18.569  0.358   0.50 25.09 ? 117 ARG A CG  1 
ATOM   1025 C  CG  B ARG A 1 120 ? 1.173   18.857  -0.124  0.50 23.39 ? 117 ARG A CG  1 
ATOM   1026 C  CD  A ARG A 1 120 ? 0.523   19.719  0.262   0.50 30.47 ? 117 ARG A CD  1 
ATOM   1027 C  CD  B ARG A 1 120 ? 0.601   19.540  1.100   0.50 27.57 ? 117 ARG A CD  1 
ATOM   1028 N  NE  A ARG A 1 120 ? 0.318   20.183  -1.105  0.50 34.73 ? 117 ARG A NE  1 
ATOM   1029 N  NE  B ARG A 1 120 ? 1.603   19.877  2.117   0.50 29.60 ? 117 ARG A NE  1 
ATOM   1030 C  CZ  A ARG A 1 120 ? -0.208  21.364  -1.426  0.50 36.48 ? 117 ARG A CZ  1 
ATOM   1031 C  CZ  B ARG A 1 120 ? 2.222   18.992  2.893   0.50 28.63 ? 117 ARG A CZ  1 
ATOM   1032 N  NH1 A ARG A 1 120 ? -0.359  21.695  -2.708  0.50 37.83 ? 117 ARG A NH1 1 
ATOM   1033 N  NH1 B ARG A 1 120 ? 3.100   19.403  3.780   0.50 30.10 ? 117 ARG A NH1 1 
ATOM   1034 N  NH2 A ARG A 1 120 ? -0.579  22.219  -0.472  0.50 37.23 ? 117 ARG A NH2 1 
ATOM   1035 N  NH2 B ARG A 1 120 ? 1.978   17.701  2.770   0.50 29.24 ? 117 ARG A NH2 1 
ATOM   1036 N  N   . ARG A 1 121 ? 0.737   14.260  -1.232  1.00 20.62 ? 118 ARG A N   1 
ATOM   1037 C  CA  . ARG A 1 121 ? 1.088   12.830  -1.176  1.00 20.68 ? 118 ARG A CA  1 
ATOM   1038 C  C   . ARG A 1 121 ? 1.834   12.460  -2.452  1.00 19.45 ? 118 ARG A C   1 
ATOM   1039 O  O   . ARG A 1 121 ? 2.813   11.781  -2.405  1.00 17.69 ? 118 ARG A O   1 
ATOM   1040 C  CB  . ARG A 1 121 ? -0.139  11.908  -1.084  1.00 21.54 ? 118 ARG A CB  1 
ATOM   1041 C  CG  . ARG A 1 121 ? -1.141  12.076  0.069   1.00 26.25 ? 118 ARG A CG  1 
ATOM   1042 C  CD  . ARG A 1 121 ? -0.503  12.293  1.439   1.00 33.38 ? 118 ARG A CD  1 
ATOM   1043 N  NE  . ARG A 1 121 ? -0.201  11.071  2.185   1.00 37.52 ? 118 ARG A NE  1 
ATOM   1044 C  CZ  . ARG A 1 121 ? -0.659  10.802  3.411   1.00 40.50 ? 118 ARG A CZ  1 
ATOM   1045 N  NH1 . ARG A 1 121 ? -1.447  11.667  4.045   1.00 40.82 ? 118 ARG A NH1 1 
ATOM   1046 N  NH2 . ARG A 1 121 ? -0.314  9.664   4.017   1.00 42.16 ? 118 ARG A NH2 1 
ATOM   1047 N  N   . ILE A 1 122 ? 1.344   12.927  -3.599  1.00 19.62 ? 119 ILE A N   1 
ATOM   1048 C  CA  . ILE A 1 122 ? 1.999   12.606  -4.866  1.00 19.23 ? 119 ILE A CA  1 
ATOM   1049 C  C   . ILE A 1 122 ? 3.413   13.192  -4.906  1.00 18.66 ? 119 ILE A C   1 
ATOM   1050 O  O   . ILE A 1 122 ? 4.363   12.474  -5.235  1.00 17.89 ? 119 ILE A O   1 
ATOM   1051 C  CB  . ILE A 1 122 ? 1.126   12.997  -6.075  1.00 19.80 ? 119 ILE A CB  1 
ATOM   1052 C  CG1 . ILE A 1 122 ? 0.005   11.962  -6.196  1.00 19.08 ? 119 ILE A CG1 1 
ATOM   1053 C  CG2 . ILE A 1 122 ? 1.924   12.990  -7.357  1.00 19.02 ? 119 ILE A CG2 1 
ATOM   1054 C  CD1 . ILE A 1 122 ? -1.188  12.456  -6.839  1.00 19.82 ? 119 ILE A CD1 1 
ATOM   1055 N  N   . ASN A 1 123 ? 3.577   14.466  -4.531  1.00 17.84 ? 120 ASN A N   1 
ATOM   1056 C  CA  . ASN A 1 123 ? 4.942   15.014  -4.486  1.00 18.42 ? 120 ASN A CA  1 
ATOM   1057 C  C   . ASN A 1 123 ? 5.842   14.319  -3.451  1.00 17.06 ? 120 ASN A C   1 
ATOM   1058 O  O   . ASN A 1 123 ? 7.048   14.122  -3.697  1.00 17.60 ? 120 ASN A O   1 
ATOM   1059 C  CB  . ASN A 1 123 ? 4.953   16.543  -4.325  1.00 18.37 ? 120 ASN A CB  1 
ATOM   1060 C  CG  . ASN A 1 123 ? 4.312   17.237  -5.536  1.00 20.34 ? 120 ASN A CG  1 
ATOM   1061 O  OD1 . ASN A 1 123 ? 4.701   16.991  -6.661  1.00 23.15 ? 120 ASN A OD1 1 
ATOM   1062 N  ND2 . ASN A 1 123 ? 3.339   18.079  -5.302  1.00 21.96 ? 120 ASN A ND2 1 
ATOM   1063 N  N   . PHE A 1 124 ? 5.276   13.936  -2.320  1.00 15.91 ? 121 PHE A N   1 
ATOM   1064 C  CA  . PHE A 1 124 ? 6.041   13.141  -1.387  1.00 17.28 ? 121 PHE A CA  1 
ATOM   1065 C  C   . PHE A 1 124 ? 6.559   11.846  -2.081  1.00 18.03 ? 121 PHE A C   1 
ATOM   1066 O  O   . PHE A 1 124 ? 7.750   11.556  -2.068  1.00 16.92 ? 121 PHE A O   1 
ATOM   1067 C  CB  . PHE A 1 124 ? 5.230   12.831  -0.145  1.00 16.61 ? 121 PHE A CB  1 
ATOM   1068 C  CG  . PHE A 1 124 ? 5.840   11.800  0.716   1.00 16.56 ? 121 PHE A CG  1 
ATOM   1069 C  CD1 . PHE A 1 124 ? 6.813   12.141  1.628   1.00 17.10 ? 121 PHE A CD1 1 
ATOM   1070 C  CD2 . PHE A 1 124 ? 5.453   10.476  0.609   1.00 19.67 ? 121 PHE A CD2 1 
ATOM   1071 C  CE1 . PHE A 1 124 ? 7.389   11.164  2.442   1.00 18.88 ? 121 PHE A CE1 1 
ATOM   1072 C  CE2 . PHE A 1 124 ? 6.029   9.486   1.420   1.00 21.43 ? 121 PHE A CE2 1 
ATOM   1073 C  CZ  . PHE A 1 124 ? 6.999   9.827   2.327   1.00 16.09 ? 121 PHE A CZ  1 
ATOM   1074 N  N   . TYR A 1 125 ? 5.677   11.102  -2.739  1.00 19.02 ? 122 TYR A N   1 
ATOM   1075 C  CA  . TYR A 1 125 ? 6.141   9.867   -3.357  1.00 19.54 ? 122 TYR A CA  1 
ATOM   1076 C  C   . TYR A 1 125 ? 7.123   10.101  -4.512  1.00 19.79 ? 122 TYR A C   1 
ATOM   1077 O  O   . TYR A 1 125 ? 8.072   9.308   -4.689  1.00 19.22 ? 122 TYR A O   1 
ATOM   1078 C  CB  . TYR A 1 125 ? 4.973   9.004   -3.791  1.00 20.25 ? 122 TYR A CB  1 
ATOM   1079 C  CG  . TYR A 1 125 ? 4.268   8.316   -2.633  1.00 21.23 ? 122 TYR A CG  1 
ATOM   1080 C  CD1 . TYR A 1 125 ? 4.911   7.323   -1.909  1.00 23.27 ? 122 TYR A CD1 1 
ATOM   1081 C  CD2 . TYR A 1 125 ? 2.962   8.650   -2.275  1.00 23.43 ? 122 TYR A CD2 1 
ATOM   1082 C  CE1 . TYR A 1 125 ? 4.304   6.686   -0.871  1.00 25.99 ? 122 TYR A CE1 1 
ATOM   1083 C  CE2 . TYR A 1 125 ? 2.308   7.986   -1.213  1.00 25.76 ? 122 TYR A CE2 1 
ATOM   1084 C  CZ  . TYR A 1 125 ? 2.998   7.012   -0.524  1.00 29.02 ? 122 TYR A CZ  1 
ATOM   1085 O  OH  . TYR A 1 125 ? 2.414   6.340   0.527   1.00 31.49 ? 122 TYR A OH  1 
ATOM   1086 N  N   . GLN A 1 126 ? 6.906   11.181  -5.270  1.00 19.16 ? 123 GLN A N   1 
ATOM   1087 C  CA  . GLN A 1 126 ? 7.755   11.522  -6.387  1.00 19.88 ? 123 GLN A CA  1 
ATOM   1088 C  C   . GLN A 1 126 ? 9.147   11.945  -5.907  1.00 19.59 ? 123 GLN A C   1 
ATOM   1089 O  O   . GLN A 1 126 ? 10.155  11.581  -6.526  1.00 19.18 ? 123 GLN A O   1 
ATOM   1090 C  CB  . GLN A 1 126 ? 7.142   12.660  -7.220  1.00 21.04 ? 123 GLN A CB  1 
ATOM   1091 C  CG  . GLN A 1 126 ? 6.016   12.239  -8.163  1.00 23.97 ? 123 GLN A CG  1 
ATOM   1092 C  CD  . GLN A 1 126 ? 5.536   13.419  -8.961  1.00 27.46 ? 123 GLN A CD  1 
ATOM   1093 O  OE1 . GLN A 1 126 ? 5.734   14.556  -8.554  1.00 30.96 ? 123 GLN A OE1 1 
ATOM   1094 N  NE2 . GLN A 1 126 ? 4.970   13.168  -10.127 1.00 26.64 ? 123 GLN A NE2 1 
ATOM   1095 N  N   . ARG A 1 127 ? 9.193   12.738  -4.835  1.00 18.39 ? 124 ARG A N   1 
ATOM   1096 C  CA  . ARG A 1 127 ? 10.451  13.034  -4.183  1.00 19.07 ? 124 ARG A CA  1 
ATOM   1097 C  C   . ARG A 1 127 ? 11.200  11.787  -3.797  1.00 20.07 ? 124 ARG A C   1 
ATOM   1098 O  O   . ARG A 1 127 ? 12.431  11.797  -3.766  1.00 20.95 ? 124 ARG A O   1 
ATOM   1099 C  CB  . ARG A 1 127 ? 10.248  13.876  -2.933  1.00 18.32 ? 124 ARG A CB  1 
ATOM   1100 C  CG  . ARG A 1 127 ? 10.064  15.336  -3.266  1.00 16.84 ? 124 ARG A CG  1 
ATOM   1101 C  CD  . ARG A 1 127 ? 10.248  16.220  -2.054  1.00 17.80 ? 124 ARG A CD  1 
ATOM   1102 N  NE  . ARG A 1 127 ? 9.475   15.838  -0.863  1.00 15.29 ? 124 ARG A NE  1 
ATOM   1103 C  CZ  . ARG A 1 127 ? 8.174   16.106  -0.654  1.00 17.89 ? 124 ARG A CZ  1 
ATOM   1104 N  NH1 . ARG A 1 127 ? 7.442   16.728  -1.557  1.00 17.58 ? 124 ARG A NH1 1 
ATOM   1105 N  NH2 . ARG A 1 127 ? 7.595   15.751  0.488   1.00 17.06 ? 124 ARG A NH2 1 
ATOM   1106 N  N   . HIS A 1 128 ? 10.486  10.709  -3.494  1.00 20.04 ? 125 HIS A N   1 
ATOM   1107 C  CA  . HIS A 1 128 ? 11.187  9.527   -3.056  1.00 20.72 ? 125 HIS A CA  1 
ATOM   1108 C  C   . HIS A 1 128 ? 11.212  8.439   -4.101  1.00 20.89 ? 125 HIS A C   1 
ATOM   1109 O  O   . HIS A 1 128 ? 11.265  7.250   -3.767  1.00 21.31 ? 125 HIS A O   1 
ATOM   1110 C  CB  . HIS A 1 128 ? 10.695  9.053   -1.684  1.00 20.77 ? 125 HIS A CB  1 
ATOM   1111 C  CG  . HIS A 1 128 ? 10.917  10.066  -0.603  1.00 22.74 ? 125 HIS A CG  1 
ATOM   1112 N  ND1 . HIS A 1 128 ? 9.931   10.938  -0.184  1.00 22.95 ? 125 HIS A ND1 1 
ATOM   1113 C  CD2 . HIS A 1 128 ? 12.027  10.389  0.098   1.00 25.68 ? 125 HIS A CD2 1 
ATOM   1114 C  CE1 . HIS A 1 128 ? 10.416  11.732  0.747   1.00 25.01 ? 125 HIS A CE1 1 
ATOM   1115 N  NE2 . HIS A 1 128 ? 11.686  11.423  0.938   1.00 28.13 ? 125 HIS A NE2 1 
ATOM   1116 N  N   . GLY A 1 129 ? 11.198  8.856   -5.370  1.00 20.46 ? 126 GLY A N   1 
ATOM   1117 C  CA  . GLY A 1 129 ? 11.519  7.974   -6.479  1.00 19.95 ? 126 GLY A CA  1 
ATOM   1118 C  C   . GLY A 1 129 ? 10.422  7.134   -7.091  1.00 20.66 ? 126 GLY A C   1 
ATOM   1119 O  O   . GLY A 1 129 ? 10.722  6.203   -7.839  1.00 20.68 ? 126 GLY A O   1 
ATOM   1120 N  N   . PHE A 1 130 ? 9.160   7.463   -6.793  1.00 20.03 ? 127 PHE A N   1 
ATOM   1121 C  CA  . PHE A 1 130 ? 8.027   6.884   -7.499  1.00 19.21 ? 127 PHE A CA  1 
ATOM   1122 C  C   . PHE A 1 130 ? 7.643   7.762   -8.677  1.00 19.15 ? 127 PHE A C   1 
ATOM   1123 O  O   . PHE A 1 130 ? 7.654   9.000   -8.577  1.00 18.25 ? 127 PHE A O   1 
ATOM   1124 C  CB  . PHE A 1 130 ? 6.824   6.682   -6.559  1.00 19.42 ? 127 PHE A CB  1 
ATOM   1125 C  CG  . PHE A 1 130 ? 7.027   5.587   -5.560  1.00 19.43 ? 127 PHE A CG  1 
ATOM   1126 C  CD1 . PHE A 1 130 ? 6.392   4.369   -5.729  1.00 19.59 ? 127 PHE A CD1 1 
ATOM   1127 C  CD2 . PHE A 1 130 ? 7.859   5.764   -4.452  1.00 18.80 ? 127 PHE A CD2 1 
ATOM   1128 C  CE1 . PHE A 1 130 ? 6.546   3.332   -4.801  1.00 18.83 ? 127 PHE A CE1 1 
ATOM   1129 C  CE2 . PHE A 1 130 ? 8.040   4.719   -3.519  1.00 17.76 ? 127 PHE A CE2 1 
ATOM   1130 C  CZ  . PHE A 1 130 ? 7.381   3.496   -3.703  1.00 19.71 ? 127 PHE A CZ  1 
ATOM   1131 N  N   . THR A 1 131 ? 7.298   7.107   -9.784  1.00 18.40 ? 128 THR A N   1 
ATOM   1132 C  CA  . THR A 1 131 ? 6.774   7.749   -10.972 1.00 19.47 ? 128 THR A CA  1 
ATOM   1133 C  C   . THR A 1 131 ? 5.249   7.697   -10.952 1.00 19.84 ? 128 THR A C   1 
ATOM   1134 O  O   . THR A 1 131 ? 4.661   6.617   -10.752 1.00 19.52 ? 128 THR A O   1 
ATOM   1135 C  CB  . THR A 1 131 ? 7.262   7.036   -12.254 1.00 19.06 ? 128 THR A CB  1 
ATOM   1136 O  OG1 . THR A 1 131 ? 8.695   7.056   -12.297 1.00 23.01 ? 128 THR A OG1 1 
ATOM   1137 C  CG2 . THR A 1 131 ? 6.761   7.752   -13.500 1.00 19.53 ? 128 THR A CG2 1 
ATOM   1138 N  N   . LEU A 1 132 ? 4.623   8.856   -11.176 1.00 20.52 ? 129 LEU A N   1 
ATOM   1139 C  CA  . LEU A 1 132 ? 3.168   8.922   -11.332 1.00 21.36 ? 129 LEU A CA  1 
ATOM   1140 C  C   . LEU A 1 132 ? 2.671   8.428   -12.705 1.00 22.29 ? 129 LEU A C   1 
ATOM   1141 O  O   . LEU A 1 132 ? 3.090   8.944   -13.731 1.00 21.68 ? 129 LEU A O   1 
ATOM   1142 C  CB  . LEU A 1 132 ? 2.664   10.340  -11.094 1.00 21.06 ? 129 LEU A CB  1 
ATOM   1143 C  CG  . LEU A 1 132 ? 1.140   10.478  -11.249 1.00 21.05 ? 129 LEU A CG  1 
ATOM   1144 C  CD1 . LEU A 1 132 ? 0.436   9.666   -10.177 1.00 19.58 ? 129 LEU A CD1 1 
ATOM   1145 C  CD2 . LEU A 1 132 ? 0.715   11.947  -11.196 1.00 23.36 ? 129 LEU A CD2 1 
ATOM   1146 N  N   . TRP A 1 133 ? 1.785   7.422   -12.708 1.00 23.61 ? 130 TRP A N   1 
ATOM   1147 C  CA  . TRP A 1 133 ? 1.097   6.978   -13.912 1.00 25.17 ? 130 TRP A CA  1 
ATOM   1148 C  C   . TRP A 1 133 ? -0.249  7.687   -14.063 1.00 27.15 ? 130 TRP A C   1 
ATOM   1149 O  O   . TRP A 1 133 ? -1.141  7.582   -13.188 1.00 26.42 ? 130 TRP A O   1 
ATOM   1150 C  CB  . TRP A 1 133 ? 0.920   5.465   -13.869 1.00 25.42 ? 130 TRP A CB  1 
ATOM   1151 C  CG  . TRP A 1 133 ? 2.194   4.730   -14.194 1.00 26.67 ? 130 TRP A CG  1 
ATOM   1152 C  CD1 . TRP A 1 133 ? 3.460   5.287   -14.425 1.00 28.32 ? 130 TRP A CD1 1 
ATOM   1153 C  CD2 . TRP A 1 133 ? 2.357   3.322   -14.325 1.00 26.40 ? 130 TRP A CD2 1 
ATOM   1154 N  NE1 . TRP A 1 133 ? 4.369   4.292   -14.680 1.00 24.90 ? 130 TRP A NE1 1 
ATOM   1155 C  CE2 . TRP A 1 133 ? 3.727   3.082   -14.631 1.00 26.89 ? 130 TRP A CE2 1 
ATOM   1156 C  CE3 . TRP A 1 133 ? 1.487   2.231   -14.206 1.00 25.76 ? 130 TRP A CE3 1 
ATOM   1157 C  CZ2 . TRP A 1 133 ? 4.234   1.796   -14.809 1.00 27.12 ? 130 TRP A CZ2 1 
ATOM   1158 C  CZ3 . TRP A 1 133 ? 1.999   0.957   -14.379 1.00 27.57 ? 130 TRP A CZ3 1 
ATOM   1159 C  CH2 . TRP A 1 133 ? 3.355   0.751   -14.680 1.00 27.97 ? 130 TRP A CH2 1 
ATOM   1160 N  N   . GLU A 1 134 ? -0.378  8.433   -15.160 1.00 28.73 ? 131 GLU A N   1 
ATOM   1161 C  CA  A GLU A 1 134 ? -1.579  9.203   -15.487 0.50 30.02 ? 131 GLU A CA  1 
ATOM   1162 C  CA  B GLU A 1 134 ? -1.627  9.178   -15.423 0.50 30.00 ? 131 GLU A CA  1 
ATOM   1163 C  C   . GLU A 1 134 ? -2.612  8.353   -16.224 1.00 30.17 ? 131 GLU A C   1 
ATOM   1164 O  O   . GLU A 1 134 ? -3.193  8.812   -17.210 1.00 31.93 ? 131 GLU A O   1 
ATOM   1165 C  CB  A GLU A 1 134 ? -1.201  10.370  -16.403 0.50 30.17 ? 131 GLU A CB  1 
ATOM   1166 C  CB  B GLU A 1 134 ? -1.386  10.505  -16.136 0.50 30.13 ? 131 GLU A CB  1 
ATOM   1167 C  CG  A GLU A 1 134 ? 0.184   10.951  -16.171 0.50 32.29 ? 131 GLU A CG  1 
ATOM   1168 C  CG  B GLU A 1 134 ? -1.736  11.712  -15.298 0.50 32.30 ? 131 GLU A CG  1 
ATOM   1169 C  CD  A GLU A 1 134 ? 0.126   12.227  -15.365 0.50 35.66 ? 131 GLU A CD  1 
ATOM   1170 C  CD  B GLU A 1 134 ? -0.518  12.538  -14.968 0.50 35.82 ? 131 GLU A CD  1 
ATOM   1171 O  OE1 A GLU A 1 134 ? 1.094   13.025  -15.436 0.50 36.23 ? 131 GLU A OE1 1 
ATOM   1172 O  OE1 B GLU A 1 134 ? 0.597   11.959  -14.982 0.50 38.14 ? 131 GLU A OE1 1 
ATOM   1173 O  OE2 A GLU A 1 134 ? -0.902  12.431  -14.672 0.50 36.33 ? 131 GLU A OE2 1 
ATOM   1174 O  OE2 B GLU A 1 134 ? -0.672  13.759  -14.712 0.50 36.26 ? 131 GLU A OE2 1 
ATOM   1175 N  N   . LYS A 1 135 ? -2.813  7.121   -15.798 1.00 29.11 ? 132 LYS A N   1 
ATOM   1176 C  CA  . LYS A 1 135 ? -3.728  6.261   -16.497 1.00 27.71 ? 132 LYS A CA  1 
ATOM   1177 C  C   . LYS A 1 135 ? -5.031  6.394   -15.741 1.00 26.87 ? 132 LYS A C   1 
ATOM   1178 O  O   . LYS A 1 135 ? -5.029  6.704   -14.565 1.00 26.47 ? 132 LYS A O   1 
ATOM   1179 C  CB  . LYS A 1 135 ? -3.183  4.824   -16.488 1.00 26.97 ? 132 LYS A CB  1 
ATOM   1180 C  CG  . LYS A 1 135 ? -1.855  4.704   -17.235 1.00 27.24 ? 132 LYS A CG  1 
ATOM   1181 C  CD  . LYS A 1 135 ? -2.127  4.544   -18.721 1.00 29.20 ? 132 LYS A CD  1 
ATOM   1182 C  CE  . LYS A 1 135 ? -0.967  4.945   -19.604 1.00 31.13 ? 132 LYS A CE  1 
ATOM   1183 N  NZ  . LYS A 1 135 ? -1.313  4.477   -21.018 1.00 34.18 ? 132 LYS A NZ  1 
ATOM   1184 N  N   . ASP A 1 136 ? -6.145  6.167   -16.411 1.00 25.71 ? 133 ASP A N   1 
ATOM   1185 C  CA  . ASP A 1 136 ? -7.435  6.326   -15.771 1.00 26.04 ? 133 ASP A CA  1 
ATOM   1186 C  C   . ASP A 1 136 ? -7.746  5.092   -14.876 1.00 25.27 ? 133 ASP A C   1 
ATOM   1187 O  O   . ASP A 1 136 ? -8.645  4.302   -15.176 1.00 26.59 ? 133 ASP A O   1 
ATOM   1188 C  CB  . ASP A 1 136 ? -8.522  6.516   -16.840 1.00 25.69 ? 133 ASP A CB  1 
ATOM   1189 C  CG  . ASP A 1 136 ? -9.879  6.899   -16.239 1.00 28.07 ? 133 ASP A CG  1 
ATOM   1190 O  OD1 . ASP A 1 136 ? -9.902  7.485   -15.118 1.00 29.31 ? 133 ASP A OD1 1 
ATOM   1191 O  OD2 . ASP A 1 136 ? -10.930 6.617   -16.885 1.00 29.32 ? 133 ASP A OD2 1 
ATOM   1192 N  N   . TYR A 1 137 ? -7.004  4.945   -13.783 1.00 23.12 ? 134 TYR A N   1 
ATOM   1193 C  CA  . TYR A 1 137 ? -7.171  3.831   -12.863 1.00 20.90 ? 134 TYR A CA  1 
ATOM   1194 C  C   . TYR A 1 137 ? -8.356  4.052   -11.860 1.00 20.41 ? 134 TYR A C   1 
ATOM   1195 O  O   . TYR A 1 137 ? -8.620  5.190   -11.427 1.00 18.91 ? 134 TYR A O   1 
ATOM   1196 C  CB  . TYR A 1 137 ? -5.868  3.629   -12.092 1.00 18.81 ? 134 TYR A CB  1 
ATOM   1197 C  CG  . TYR A 1 137 ? -5.968  2.460   -11.129 1.00 18.81 ? 134 TYR A CG  1 
ATOM   1198 C  CD1 . TYR A 1 137 ? -6.007  1.156   -11.602 1.00 15.79 ? 134 TYR A CD1 1 
ATOM   1199 C  CD2 . TYR A 1 137 ? -6.021  2.661   -9.763  1.00 17.53 ? 134 TYR A CD2 1 
ATOM   1200 C  CE1 . TYR A 1 137 ? -6.109  0.048   -10.732 1.00 18.35 ? 134 TYR A CE1 1 
ATOM   1201 C  CE2 . TYR A 1 137 ? -6.129  1.576   -8.878  1.00 17.69 ? 134 TYR A CE2 1 
ATOM   1202 C  CZ  . TYR A 1 137 ? -6.199  0.267   -9.376  1.00 19.20 ? 134 TYR A CZ  1 
ATOM   1203 O  OH  . TYR A 1 137 ? -6.295  -0.833  -8.507  1.00 17.10 ? 134 TYR A OH  1 
ATOM   1204 N  N   . TYR A 1 138 ? -9.021  2.953   -11.495 1.00 20.23 ? 135 TYR A N   1 
ATOM   1205 C  CA  . TYR A 1 138 ? -10.056 2.910   -10.449 1.00 20.74 ? 135 TYR A CA  1 
ATOM   1206 C  C   . TYR A 1 138 ? -9.800  1.768   -9.486  1.00 20.84 ? 135 TYR A C   1 
ATOM   1207 O  O   . TYR A 1 138 ? -9.545  0.640   -9.920  1.00 21.04 ? 135 TYR A O   1 
ATOM   1208 C  CB  . TYR A 1 138 ? -11.457 2.719   -11.074 1.00 21.49 ? 135 TYR A CB  1 
ATOM   1209 C  CG  . TYR A 1 138 ? -11.971 4.002   -11.712 1.00 23.88 ? 135 TYR A CG  1 
ATOM   1210 C  CD1 . TYR A 1 138 ? -11.636 4.326   -13.021 1.00 26.83 ? 135 TYR A CD1 1 
ATOM   1211 C  CD2 . TYR A 1 138 ? -12.752 4.908   -10.980 1.00 24.19 ? 135 TYR A CD2 1 
ATOM   1212 C  CE1 . TYR A 1 138 ? -12.058 5.517   -13.591 1.00 29.23 ? 135 TYR A CE1 1 
ATOM   1213 C  CE2 . TYR A 1 138 ? -13.195 6.088   -11.544 1.00 26.85 ? 135 TYR A CE2 1 
ATOM   1214 C  CZ  . TYR A 1 138 ? -12.835 6.383   -12.845 1.00 29.52 ? 135 TYR A CZ  1 
ATOM   1215 O  OH  . TYR A 1 138 ? -13.269 7.538   -13.425 1.00 36.06 ? 135 TYR A OH  1 
ATOM   1216 N  N   . GLN A 1 139 ? -9.855  2.045   -8.186  1.00 20.04 ? 136 GLN A N   1 
ATOM   1217 C  CA  . GLN A 1 139 ? -9.855  0.983   -7.195  1.00 20.57 ? 136 GLN A CA  1 
ATOM   1218 C  C   . GLN A 1 139 ? -11.275 0.412   -7.045  1.00 20.06 ? 136 GLN A C   1 
ATOM   1219 O  O   . GLN A 1 139 ? -12.189 1.134   -6.626  1.00 18.33 ? 136 GLN A O   1 
ATOM   1220 C  CB  . GLN A 1 139 ? -9.376  1.517   -5.848  1.00 20.89 ? 136 GLN A CB  1 
ATOM   1221 C  CG  . GLN A 1 139 ? -9.227  0.417   -4.791  1.00 24.55 ? 136 GLN A CG  1 
ATOM   1222 C  CD  . GLN A 1 139 ? -9.078  0.992   -3.403  1.00 30.51 ? 136 GLN A CD  1 
ATOM   1223 O  OE1 . GLN A 1 139 ? -9.926  0.775   -2.537  1.00 36.12 ? 136 GLN A OE1 1 
ATOM   1224 N  NE2 . GLN A 1 139 ? -8.025  1.759   -3.191  1.00 31.45 ? 136 GLN A NE2 1 
ATOM   1225 N  N   . PRO A 1 140 ? -11.456 -0.900  -7.367  1.00 19.80 ? 137 PRO A N   1 
ATOM   1226 C  CA  . PRO A 1 140 ? -12.719 -1.601  -7.130  1.00 18.81 ? 137 PRO A CA  1 
ATOM   1227 C  C   . PRO A 1 140 ? -13.033 -1.506  -5.644  1.00 18.97 ? 137 PRO A C   1 
ATOM   1228 O  O   . PRO A 1 140 ? -12.119 -1.386  -4.856  1.00 17.46 ? 137 PRO A O   1 
ATOM   1229 C  CB  . PRO A 1 140 ? -12.401 -3.079  -7.496  1.00 19.26 ? 137 PRO A CB  1 
ATOM   1230 C  CG  . PRO A 1 140 ? -11.175 -3.017  -8.354  1.00 19.87 ? 137 PRO A CG  1 
ATOM   1231 C  CD  . PRO A 1 140 ? -10.380 -1.831  -7.758  1.00 19.88 ? 137 PRO A CD  1 
ATOM   1232 N  N   . PRO A 1 141 ? -14.327 -1.558  -5.253  1.00 19.42 ? 138 PRO A N   1 
ATOM   1233 C  CA  . PRO A 1 141 ? -14.690 -1.382  -3.834  1.00 19.69 ? 138 PRO A CA  1 
ATOM   1234 C  C   . PRO A 1 141 ? -14.297 -2.581  -2.985  1.00 21.33 ? 138 PRO A C   1 
ATOM   1235 O  O   . PRO A 1 141 ? -14.370 -3.722  -3.452  1.00 20.79 ? 138 PRO A O   1 
ATOM   1236 C  CB  . PRO A 1 141 ? -16.221 -1.321  -3.868  1.00 19.44 ? 138 PRO A CB  1 
ATOM   1237 C  CG  . PRO A 1 141 ? -16.620 -2.054  -5.156  1.00 18.89 ? 138 PRO A CG  1 
ATOM   1238 C  CD  . PRO A 1 141 ? -15.510 -1.733  -6.122  1.00 18.64 ? 138 PRO A CD  1 
ATOM   1239 N  N   . TYR A 1 142 ? -13.926 -2.336  -1.733  1.00 22.46 ? 139 TYR A N   1 
ATOM   1240 C  CA  . TYR A 1 142 ? -13.793 -3.441  -0.791  1.00 23.61 ? 139 TYR A CA  1 
ATOM   1241 C  C   . TYR A 1 142 ? -15.145 -4.019  -0.409  1.00 24.97 ? 139 TYR A C   1 
ATOM   1242 O  O   . TYR A 1 142 ? -15.266 -5.225  -0.204  1.00 26.26 ? 139 TYR A O   1 
ATOM   1243 C  CB  . TYR A 1 142 ? -13.040 -3.012  0.460   1.00 23.80 ? 139 TYR A CB  1 
ATOM   1244 C  CG  . TYR A 1 142 ? -11.542 -2.925  0.263   1.00 23.68 ? 139 TYR A CG  1 
ATOM   1245 C  CD1 . TYR A 1 142 ? -10.773 -4.083  0.145   1.00 25.20 ? 139 TYR A CD1 1 
ATOM   1246 C  CD2 . TYR A 1 142 ? -10.900 -1.700  0.178   1.00 23.27 ? 139 TYR A CD2 1 
ATOM   1247 C  CE1 . TYR A 1 142 ? -9.381  -4.020  -0.044  1.00 25.67 ? 139 TYR A CE1 1 
ATOM   1248 C  CE2 . TYR A 1 142 ? -9.473  -1.625  -0.025  1.00 25.25 ? 139 TYR A CE2 1 
ATOM   1249 C  CZ  . TYR A 1 142 ? -8.741  -2.786  -0.110  1.00 23.29 ? 139 TYR A CZ  1 
ATOM   1250 O  OH  . TYR A 1 142 ? -7.368  -2.751  -0.287  1.00 25.20 ? 139 TYR A OH  1 
ATOM   1251 N  N   . LYS A 1 143 ? -16.168 -3.187  -0.259  1.00 25.43 ? 140 LYS A N   1 
ATOM   1252 C  CA  . LYS A 1 143 ? -17.471 -3.771  0.063   1.00 26.21 ? 140 LYS A CA  1 
ATOM   1253 C  C   . LYS A 1 143 ? -18.366 -3.684  -1.154  1.00 26.17 ? 140 LYS A C   1 
ATOM   1254 O  O   . LYS A 1 143 ? -18.446 -2.633  -1.781  1.00 24.60 ? 140 LYS A O   1 
ATOM   1255 C  CB  . LYS A 1 143 ? -18.128 -3.107  1.280   1.00 26.83 ? 140 LYS A CB  1 
ATOM   1256 C  CG  . LYS A 1 143 ? -17.172 -2.574  2.378   1.00 27.06 ? 140 LYS A CG  1 
ATOM   1257 C  CD  . LYS A 1 143 ? -16.156 -3.611  2.838   1.00 26.69 ? 140 LYS A CD  1 
ATOM   1258 C  CE  . LYS A 1 143 ? -15.282 -3.031  3.913   1.00 24.91 ? 140 LYS A CE  1 
ATOM   1259 N  NZ  . LYS A 1 143 ? -15.866 -3.427  5.203   1.00 26.70 ? 140 LYS A NZ  1 
ATOM   1260 N  N   . GLU A 1 144 ? -19.011 -4.799  -1.497  1.00 26.98 ? 141 GLU A N   1 
ATOM   1261 C  CA  . GLU A 1 144 ? -19.883 -4.829  -2.670  1.00 28.29 ? 141 GLU A CA  1 
ATOM   1262 C  C   . GLU A 1 144 ? -20.911 -3.699  -2.532  1.00 26.89 ? 141 GLU A C   1 
ATOM   1263 O  O   . GLU A 1 144 ? -21.551 -3.538  -1.487  1.00 27.41 ? 141 GLU A O   1 
ATOM   1264 C  CB  . GLU A 1 144 ? -20.572 -6.201  -2.842  1.00 29.15 ? 141 GLU A CB  1 
ATOM   1265 C  CG  . GLU A 1 144 ? -21.124 -6.475  -4.275  1.00 33.71 ? 141 GLU A CG  1 
ATOM   1266 C  CD  . GLU A 1 144 ? -20.192 -7.362  -5.150  1.00 39.50 ? 141 GLU A CD  1 
ATOM   1267 O  OE1 . GLU A 1 144 ? -20.703 -8.270  -5.864  1.00 43.16 ? 141 GLU A OE1 1 
ATOM   1268 O  OE2 . GLU A 1 144 ? -18.956 -7.168  -5.128  1.00 41.48 ? 141 GLU A OE2 1 
ATOM   1269 N  N   . GLY A 1 145 ? -21.014 -2.882  -3.560  1.00 25.36 ? 142 GLY A N   1 
ATOM   1270 C  CA  . GLY A 1 145 ? -21.972 -1.802  -3.530  1.00 25.13 ? 142 GLY A CA  1 
ATOM   1271 C  C   . GLY A 1 145 ? -21.406 -0.454  -3.180  1.00 24.23 ? 142 GLY A C   1 
ATOM   1272 O  O   . GLY A 1 145 ? -22.061 0.533   -3.427  1.00 23.59 ? 142 GLY A O   1 
ATOM   1273 N  N   . ASP A 1 146 ? -20.201 -0.406  -2.596  1.00 24.22 ? 143 ASP A N   1 
ATOM   1274 C  CA  . ASP A 1 146 ? -19.512 0.867   -2.370  1.00 23.87 ? 143 ASP A CA  1 
ATOM   1275 C  C   . ASP A 1 146 ? -18.960 1.246   -3.717  1.00 22.78 ? 143 ASP A C   1 
ATOM   1276 O  O   . ASP A 1 146 ? -18.969 0.419   -4.628  1.00 21.17 ? 143 ASP A O   1 
ATOM   1277 C  CB  . ASP A 1 146 ? -18.346 0.737   -1.376  1.00 24.76 ? 143 ASP A CB  1 
ATOM   1278 C  CG  . ASP A 1 146 ? -18.803 0.651   0.092   1.00 29.69 ? 143 ASP A CG  1 
ATOM   1279 O  OD1 . ASP A 1 146 ? -19.997 0.918   0.418   1.00 31.27 ? 143 ASP A OD1 1 
ATOM   1280 O  OD2 . ASP A 1 146 ? -17.934 0.295   0.934   1.00 35.81 ? 143 ASP A OD2 1 
ATOM   1281 N  N   . ASP A 1 147 ? -18.452 2.473   -3.838  1.00 21.82 ? 144 ASP A N   1 
ATOM   1282 C  CA  . ASP A 1 147 ? -17.977 2.980   -5.142  1.00 22.53 ? 144 ASP A CA  1 
ATOM   1283 C  C   . ASP A 1 147 ? -16.619 2.446   -5.646  1.00 20.01 ? 144 ASP A C   1 
ATOM   1284 O  O   . ASP A 1 147 ? -15.750 2.141   -4.864  1.00 18.77 ? 144 ASP A O   1 
ATOM   1285 C  CB  . ASP A 1 147 ? -17.898 4.514   -5.109  1.00 23.56 ? 144 ASP A CB  1 
ATOM   1286 C  CG  . ASP A 1 147 ? -19.219 5.156   -4.726  1.00 29.28 ? 144 ASP A CG  1 
ATOM   1287 O  OD1 . ASP A 1 147 ? -20.293 4.560   -5.030  1.00 33.21 ? 144 ASP A OD1 1 
ATOM   1288 O  OD2 . ASP A 1 147 ? -19.179 6.264   -4.106  1.00 34.89 ? 144 ASP A OD2 1 
ATOM   1289 N  N   . PHE A 1 148 ? -16.455 2.369   -6.968  1.00 19.33 ? 145 PHE A N   1 
ATOM   1290 C  CA  . PHE A 1 148 ? -15.112 2.297   -7.592  1.00 18.78 ? 145 PHE A CA  1 
ATOM   1291 C  C   . PHE A 1 148 ? -14.417 3.649   -7.373  1.00 18.67 ? 145 PHE A C   1 
ATOM   1292 O  O   . PHE A 1 148 ? -15.005 4.677   -7.628  1.00 18.45 ? 145 PHE A O   1 
ATOM   1293 C  CB  . PHE A 1 148 ? -15.221 2.014   -9.095  1.00 18.33 ? 145 PHE A CB  1 
ATOM   1294 C  CG  . PHE A 1 148 ? -15.348 0.547   -9.431  1.00 19.01 ? 145 PHE A CG  1 
ATOM   1295 C  CD1 . PHE A 1 148 ? -14.293 -0.134  -10.016 1.00 18.65 ? 145 PHE A CD1 1 
ATOM   1296 C  CD2 . PHE A 1 148 ? -16.521 -0.163  -9.120  1.00 18.90 ? 145 PHE A CD2 1 
ATOM   1297 C  CE1 . PHE A 1 148 ? -14.411 -1.543  -10.335 1.00 20.70 ? 145 PHE A CE1 1 
ATOM   1298 C  CE2 . PHE A 1 148 ? -16.629 -1.536  -9.434  1.00 18.89 ? 145 PHE A CE2 1 
ATOM   1299 C  CZ  . PHE A 1 148 ? -15.561 -2.210  -10.047 1.00 16.18 ? 145 PHE A CZ  1 
ATOM   1300 N  N   . LEU A 1 149 ? -13.183 3.646   -6.898  1.00 19.14 ? 146 LEU A N   1 
ATOM   1301 C  CA  . LEU A 1 149 ? -12.548 4.909   -6.498  1.00 20.61 ? 146 LEU A CA  1 
ATOM   1302 C  C   . LEU A 1 149 ? -11.508 5.387   -7.518  1.00 20.74 ? 146 LEU A C   1 
ATOM   1303 O  O   . LEU A 1 149 ? -10.577 4.663   -7.811  1.00 21.82 ? 146 LEU A O   1 
ATOM   1304 C  CB  . LEU A 1 149 ? -11.925 4.796   -5.099  1.00 20.32 ? 146 LEU A CB  1 
ATOM   1305 C  CG  . LEU A 1 149 ? -12.826 4.254   -3.982  1.00 22.65 ? 146 LEU A CG  1 
ATOM   1306 C  CD1 . LEU A 1 149 ? -11.970 3.989   -2.743  1.00 25.82 ? 146 LEU A CD1 1 
ATOM   1307 C  CD2 . LEU A 1 149 ? -14.014 5.213   -3.684  1.00 20.72 ? 146 LEU A CD2 1 
ATOM   1308 N  N   . PRO A 1 150 ? -11.682 6.605   -8.067  1.00 20.40 ? 147 PRO A N   1 
ATOM   1309 C  CA  . PRO A 1 150 ? -10.694 7.103   -9.028  1.00 20.03 ? 147 PRO A CA  1 
ATOM   1310 C  C   . PRO A 1 150 ? -9.343  7.258   -8.306  1.00 19.89 ? 147 PRO A C   1 
ATOM   1311 O  O   . PRO A 1 150 ? -9.332  7.716   -7.182  1.00 19.55 ? 147 PRO A O   1 
ATOM   1312 C  CB  . PRO A 1 150 ? -11.254 8.467   -9.450  1.00 20.42 ? 147 PRO A CB  1 
ATOM   1313 C  CG  . PRO A 1 150 ? -12.614 8.595   -8.787  1.00 21.97 ? 147 PRO A CG  1 
ATOM   1314 C  CD  . PRO A 1 150 ? -12.649 7.631   -7.645  1.00 20.00 ? 147 PRO A CD  1 
HETATM 1315 N  N   . MSE A 1 151 ? -8.248  6.794   -8.898  1.00 19.14 ? 148 MSE A N   1 
HETATM 1316 C  CA  . MSE A 1 151 ? -6.939  6.851   -8.244  1.00 19.04 ? 148 MSE A CA  1 
HETATM 1317 C  C   . MSE A 1 151 ? -5.935  6.903   -9.322  1.00 18.43 ? 148 MSE A C   1 
HETATM 1318 O  O   . MSE A 1 151 ? -6.278  6.814   -10.488 1.00 19.19 ? 148 MSE A O   1 
HETATM 1319 C  CB  . MSE A 1 151 ? -6.659  5.587   -7.447  1.00 19.76 ? 148 MSE A CB  1 
HETATM 1320 C  CG  . MSE A 1 151 ? -7.762  5.276   -6.516  1.00 25.63 ? 148 MSE A CG  1 
HETATM 1321 SE SE  . MSE A 1 151 ? -7.531  6.169   -4.801  0.50 35.35 ? 148 MSE A SE  1 
HETATM 1322 C  CE  . MSE A 1 151 ? -7.379  4.373   -4.125  1.00 28.65 ? 148 MSE A CE  1 
ATOM   1323 N  N   . TYR A 1 152 ? -4.678  7.030   -8.942  1.00 19.10 ? 149 TYR A N   1 
ATOM   1324 C  CA  . TYR A 1 152 ? -3.582  6.879   -9.898  1.00 19.72 ? 149 TYR A CA  1 
ATOM   1325 C  C   . TYR A 1 152 ? -2.689  5.833   -9.311  1.00 19.79 ? 149 TYR A C   1 
ATOM   1326 O  O   . TYR A 1 152 ? -2.587  5.689   -8.085  1.00 19.74 ? 149 TYR A O   1 
ATOM   1327 C  CB  . TYR A 1 152 ? -2.783  8.180   -10.064 1.00 19.15 ? 149 TYR A CB  1 
ATOM   1328 C  CG  . TYR A 1 152 ? -3.443  9.210   -10.951 1.00 20.30 ? 149 TYR A CG  1 
ATOM   1329 C  CD1 . TYR A 1 152 ? -4.259  8.810   -12.044 1.00 23.22 ? 149 TYR A CD1 1 
ATOM   1330 C  CD2 . TYR A 1 152 ? -3.226  10.573  -10.747 1.00 20.20 ? 149 TYR A CD2 1 
ATOM   1331 C  CE1 . TYR A 1 152 ? -4.857  9.763   -12.885 1.00 22.86 ? 149 TYR A CE1 1 
ATOM   1332 C  CE2 . TYR A 1 152 ? -3.808  11.526  -11.575 1.00 20.85 ? 149 TYR A CE2 1 
ATOM   1333 C  CZ  . TYR A 1 152 ? -4.621  11.121  -12.628 1.00 23.97 ? 149 TYR A CZ  1 
ATOM   1334 O  OH  . TYR A 1 152 ? -5.208  12.067  -13.429 1.00 27.36 ? 149 TYR A OH  1 
ATOM   1335 N  N   . LEU A 1 153 ? -1.988  5.138   -10.177 1.00 20.42 ? 150 LEU A N   1 
ATOM   1336 C  CA  . LEU A 1 153 ? -0.925  4.239   -9.706  1.00 21.00 ? 150 LEU A CA  1 
ATOM   1337 C  C   . LEU A 1 153 ? 0.380   5.020   -9.719  1.00 20.72 ? 150 LEU A C   1 
ATOM   1338 O  O   . LEU A 1 153 ? 0.569   5.938   -10.518 1.00 20.84 ? 150 LEU A O   1 
ATOM   1339 C  CB  . LEU A 1 153 ? -0.782  3.018   -10.600 1.00 20.14 ? 150 LEU A CB  1 
ATOM   1340 C  CG  . LEU A 1 153 ? -1.962  2.059   -10.750 1.00 21.85 ? 150 LEU A CG  1 
ATOM   1341 C  CD1 . LEU A 1 153 ? -1.517  0.989   -11.790 1.00 20.52 ? 150 LEU A CD1 1 
ATOM   1342 C  CD2 . LEU A 1 153 ? -2.351  1.408   -9.376  1.00 17.34 ? 150 LEU A CD2 1 
HETATM 1343 N  N   . MSE A 1 154 ? 1.274   4.630   -8.832  1.00 19.54 ? 151 MSE A N   1 
HETATM 1344 C  CA  . MSE A 1 154 ? 2.590   5.235   -8.771  1.00 19.03 ? 151 MSE A CA  1 
HETATM 1345 C  C   . MSE A 1 154 ? 3.545   4.091   -8.634  1.00 18.40 ? 151 MSE A C   1 
HETATM 1346 O  O   . MSE A 1 154 ? 3.269   3.146   -7.892  1.00 17.23 ? 151 MSE A O   1 
HETATM 1347 C  CB  . MSE A 1 154 ? 2.686   6.169   -7.577  1.00 19.84 ? 151 MSE A CB  1 
HETATM 1348 C  CG  . MSE A 1 154 ? 1.881   7.428   -7.763  1.00 20.52 ? 151 MSE A CG  1 
HETATM 1349 SE SE  . MSE A 1 154 ? 2.497   8.755   -6.551  0.50 19.61 ? 151 MSE A SE  1 
HETATM 1350 C  CE  . MSE A 1 154 ? 4.169   9.139   -7.492  1.00 20.80 ? 151 MSE A CE  1 
ATOM   1351 N  N   . VAL A 1 155 ? 4.643   4.171   -9.389  1.00 18.01 ? 152 VAL A N   1 
ATOM   1352 C  CA  . VAL A 1 155 ? 5.540   3.035   -9.533  1.00 18.60 ? 152 VAL A CA  1 
ATOM   1353 C  C   . VAL A 1 155 ? 6.988   3.380   -9.214  1.00 18.90 ? 152 VAL A C   1 
ATOM   1354 O  O   . VAL A 1 155 ? 7.503   4.419   -9.621  1.00 17.85 ? 152 VAL A O   1 
ATOM   1355 C  CB  . VAL A 1 155 ? 5.404   2.414   -10.961 1.00 18.63 ? 152 VAL A CB  1 
ATOM   1356 C  CG1 . VAL A 1 155 ? 6.222   1.131   -11.085 1.00 20.72 ? 152 VAL A CG1 1 
ATOM   1357 C  CG2 . VAL A 1 155 ? 3.940   2.114   -11.220 1.00 18.35 ? 152 VAL A CG2 1 
ATOM   1358 N  N   . HIS A 1 156 ? 7.657   2.508   -8.483  1.00 19.90 ? 153 HIS A N   1 
ATOM   1359 C  CA  . HIS A 1 156 ? 9.082   2.696   -8.264  1.00 21.08 ? 153 HIS A CA  1 
ATOM   1360 C  C   . HIS A 1 156 ? 9.731   1.501   -8.934  1.00 22.48 ? 153 HIS A C   1 
ATOM   1361 O  O   . HIS A 1 156 ? 9.354   0.362   -8.649  1.00 22.68 ? 153 HIS A O   1 
ATOM   1362 C  CB  . HIS A 1 156 ? 9.409   2.738   -6.760  1.00 21.25 ? 153 HIS A CB  1 
ATOM   1363 C  CG  . HIS A 1 156 ? 10.876  2.770   -6.467  1.00 21.92 ? 153 HIS A CG  1 
ATOM   1364 N  ND1 . HIS A 1 156 ? 11.595  3.943   -6.408  1.00 23.56 ? 153 HIS A ND1 1 
ATOM   1365 C  CD2 . HIS A 1 156 ? 11.759  1.772   -6.218  1.00 23.85 ? 153 HIS A CD2 1 
ATOM   1366 C  CE1 . HIS A 1 156 ? 12.861  3.672   -6.131  1.00 25.03 ? 153 HIS A CE1 1 
ATOM   1367 N  NE2 . HIS A 1 156 ? 12.986  2.359   -6.013  1.00 26.15 ? 153 HIS A NE2 1 
ATOM   1368 N  N   . GLY A 1 157 ? 10.658  1.751   -9.859  1.00 23.75 ? 154 GLY A N   1 
ATOM   1369 C  CA  . GLY A 1 157 ? 11.336  0.668   -10.574 1.00 25.87 ? 154 GLY A CA  1 
ATOM   1370 C  C   . GLY A 1 157 ? 11.052  0.657   -12.076 1.00 27.45 ? 154 GLY A C   1 
ATOM   1371 O  O   . GLY A 1 157 ? 10.359  1.528   -12.588 1.00 28.16 ? 154 GLY A O   1 
ATOM   1372 N  N   . ASN A 1 158 ? 11.574  -0.342  -12.777 1.00 29.01 ? 155 ASN A N   1 
ATOM   1373 C  CA  . ASN A 1 158 ? 11.535  -0.382  -14.245 1.00 30.84 ? 155 ASN A CA  1 
ATOM   1374 C  C   . ASN A 1 158 ? 10.243  -1.052  -14.700 1.00 30.89 ? 155 ASN A C   1 
ATOM   1375 O  O   . ASN A 1 158 ? 10.188  -2.274  -14.932 1.00 31.50 ? 155 ASN A O   1 
ATOM   1376 C  CB  . ASN A 1 158 ? 12.829  -1.043  -14.809 1.00 31.68 ? 155 ASN A CB  1 
ATOM   1377 C  CG  . ASN A 1 158 ? 12.735  -1.444  -16.325 1.00 33.95 ? 155 ASN A CG  1 
ATOM   1378 O  OD1 . ASN A 1 158 ? 13.119  -2.565  -16.708 1.00 33.71 ? 155 ASN A OD1 1 
ATOM   1379 N  ND2 . ASN A 1 158 ? 12.261  -0.522  -17.176 1.00 38.07 ? 155 ASN A ND2 1 
ATOM   1380 N  N   . LEU A 1 159 ? 9.179   -0.251  -14.731 1.00 30.22 ? 156 LEU A N   1 
ATOM   1381 C  CA  . LEU A 1 159 ? 7.924   -0.631  -15.396 1.00 29.80 ? 156 LEU A CA  1 
ATOM   1382 C  C   . LEU A 1 159 ? 7.511   0.587   -16.229 1.00 29.63 ? 156 LEU A C   1 
ATOM   1383 O  O   . LEU A 1 159 ? 7.625   1.709   -15.774 1.00 30.51 ? 156 LEU A O   1 
ATOM   1384 C  CB  . LEU A 1 159 ? 6.836   -1.024  -14.388 1.00 29.01 ? 156 LEU A CB  1 
ATOM   1385 C  CG  . LEU A 1 159 ? 7.002   -2.312  -13.558 1.00 29.57 ? 156 LEU A CG  1 
ATOM   1386 C  CD1 . LEU A 1 159 ? 6.074   -2.331  -12.358 1.00 29.90 ? 156 LEU A CD1 1 
ATOM   1387 C  CD2 . LEU A 1 159 ? 6.785   -3.589  -14.357 1.00 29.10 ? 156 LEU A CD2 1 
ATOM   1388 N  N   . ASP A 1 160 ? 7.100   0.379   -17.468 1.00 29.46 ? 157 ASP A N   1 
ATOM   1389 C  CA  A ASP A 1 160 ? 6.649   1.508   -18.263 0.50 29.20 ? 157 ASP A CA  1 
ATOM   1390 C  CA  B ASP A 1 160 ? 6.640   1.455   -18.349 0.50 29.09 ? 157 ASP A CA  1 
ATOM   1391 C  C   . ASP A 1 160 ? 5.116   1.460   -18.420 1.00 28.84 ? 157 ASP A C   1 
ATOM   1392 O  O   . ASP A 1 160 ? 4.502   0.418   -18.744 1.00 27.89 ? 157 ASP A O   1 
ATOM   1393 C  CB  A ASP A 1 160 ? 7.435   1.639   -19.592 0.50 29.79 ? 157 ASP A CB  1 
ATOM   1394 C  CB  B ASP A 1 160 ? 7.211   1.248   -19.754 0.50 29.52 ? 157 ASP A CB  1 
ATOM   1395 C  CG  A ASP A 1 160 ? 8.899   2.147   -19.386 0.50 30.03 ? 157 ASP A CG  1 
ATOM   1396 C  CG  B ASP A 1 160 ? 7.085   2.483   -20.624 0.50 29.22 ? 157 ASP A CG  1 
ATOM   1397 O  OD1 A ASP A 1 160 ? 9.327   2.333   -18.223 0.50 31.23 ? 157 ASP A OD1 1 
ATOM   1398 O  OD1 B ASP A 1 160 ? 8.043   3.285   -20.655 0.50 30.54 ? 157 ASP A OD1 1 
ATOM   1399 O  OD2 A ASP A 1 160 ? 9.629   2.362   -20.386 0.50 30.08 ? 157 ASP A OD2 1 
ATOM   1400 O  OD2 B ASP A 1 160 ? 6.032   2.652   -21.267 0.50 27.84 ? 157 ASP A OD2 1 
ATOM   1401 N  N   . ALA A 1 161 ? 4.507   2.604   -18.124 1.00 27.88 ? 158 ALA A N   1 
ATOM   1402 C  CA  . ALA A 1 161 ? 3.058   2.724   -18.054 1.00 27.73 ? 158 ALA A CA  1 
ATOM   1403 C  C   . ALA A 1 161 ? 2.443   2.246   -19.358 1.00 28.39 ? 158 ALA A C   1 
ATOM   1404 O  O   . ALA A 1 161 ? 1.446   1.508   -19.370 1.00 28.39 ? 158 ALA A O   1 
ATOM   1405 C  CB  . ALA A 1 161 ? 2.671   4.179   -17.786 1.00 26.85 ? 158 ALA A CB  1 
ATOM   1406 N  N   . GLU A 1 162 ? 3.076   2.648   -20.455 1.00 28.17 ? 159 GLU A N   1 
ATOM   1407 C  CA  A GLU A 1 162 ? 2.577   2.376   -21.779 0.50 28.51 ? 159 GLU A CA  1 
ATOM   1408 C  CA  B GLU A 1 162 ? 2.522   2.377   -21.758 0.50 28.51 ? 159 GLU A CA  1 
ATOM   1409 C  C   . GLU A 1 162 ? 2.452   0.866   -21.968 1.00 28.22 ? 159 GLU A C   1 
ATOM   1410 O  O   . GLU A 1 162 ? 1.414   0.367   -22.346 1.00 28.66 ? 159 GLU A O   1 
ATOM   1411 C  CB  A GLU A 1 162 ? 3.501   3.009   -22.819 0.50 28.87 ? 159 GLU A CB  1 
ATOM   1412 C  CB  B GLU A 1 162 ? 3.285   3.101   -22.868 0.50 28.83 ? 159 GLU A CB  1 
ATOM   1413 C  CG  A GLU A 1 162 ? 3.485   4.547   -22.873 0.50 30.31 ? 159 GLU A CG  1 
ATOM   1414 C  CG  B GLU A 1 162 ? 3.800   4.513   -22.505 0.50 30.36 ? 159 GLU A CG  1 
ATOM   1415 C  CD  A GLU A 1 162 ? 4.256   5.250   -21.734 0.50 32.05 ? 159 GLU A CD  1 
ATOM   1416 C  CD  B GLU A 1 162 ? 2.703   5.487   -22.021 0.50 32.17 ? 159 GLU A CD  1 
ATOM   1417 O  OE1 A GLU A 1 162 ? 4.437   4.661   -20.641 0.50 30.23 ? 159 GLU A OE1 1 
ATOM   1418 O  OE1 B GLU A 1 162 ? 1.505   5.175   -22.165 0.50 32.25 ? 159 GLU A OE1 1 
ATOM   1419 O  OE2 A GLU A 1 162 ? 4.661   6.422   -21.942 0.50 33.26 ? 159 GLU A OE2 1 
ATOM   1420 O  OE2 B GLU A 1 162 ? 3.051   6.578   -21.504 0.50 32.74 ? 159 GLU A OE2 1 
ATOM   1421 N  N   . LYS A 1 163 ? 3.512   0.136   -21.644 1.00 27.69 ? 160 LYS A N   1 
ATOM   1422 C  CA  . LYS A 1 163 ? 3.540   -1.335  -21.815 1.00 27.35 ? 160 LYS A CA  1 
ATOM   1423 C  C   . LYS A 1 163 ? 2.952   -2.197  -20.705 1.00 26.70 ? 160 LYS A C   1 
ATOM   1424 O  O   . LYS A 1 163 ? 2.454   -3.286  -20.977 1.00 26.57 ? 160 LYS A O   1 
ATOM   1425 C  CB  . LYS A 1 163 ? 4.966   -1.819  -22.058 1.00 27.33 ? 160 LYS A CB  1 
ATOM   1426 C  CG  . LYS A 1 163 ? 5.600   -1.214  -23.290 1.00 30.65 ? 160 LYS A CG  1 
ATOM   1427 C  CD  . LYS A 1 163 ? 5.867   0.266   -23.042 1.00 34.31 ? 160 LYS A CD  1 
ATOM   1428 C  CE  . LYS A 1 163 ? 6.245   1.048   -24.302 1.00 36.48 ? 160 LYS A CE  1 
ATOM   1429 N  NZ  . LYS A 1 163 ? 6.319   2.519   -23.967 1.00 37.15 ? 160 LYS A NZ  1 
ATOM   1430 N  N   . ASP A 1 164 ? 3.024   -1.742  -19.460 1.00 26.25 ? 161 ASP A N   1 
ATOM   1431 C  CA  . ASP A 1 164 ? 2.749   -2.622  -18.307 1.00 26.00 ? 161 ASP A CA  1 
ATOM   1432 C  C   . ASP A 1 164 ? 1.403   -2.375  -17.587 1.00 25.50 ? 161 ASP A C   1 
ATOM   1433 O  O   . ASP A 1 164 ? 0.863   -3.282  -16.942 1.00 25.23 ? 161 ASP A O   1 
ATOM   1434 C  CB  . ASP A 1 164 ? 3.921   -2.547  -17.300 1.00 26.01 ? 161 ASP A CB  1 
ATOM   1435 C  CG  . ASP A 1 164 ? 5.262   -2.942  -17.924 1.00 28.33 ? 161 ASP A CG  1 
ATOM   1436 O  OD1 . ASP A 1 164 ? 5.399   -4.099  -18.360 1.00 30.06 ? 161 ASP A OD1 1 
ATOM   1437 O  OD2 . ASP A 1 164 ? 6.202   -2.110  -17.974 1.00 31.58 ? 161 ASP A OD2 1 
ATOM   1438 N  N   . TYR A 1 165 ? 0.872   -1.163  -17.730 1.00 24.40 ? 162 TYR A N   1 
ATOM   1439 C  CA  . TYR A 1 165 ? -0.296  -0.718  -16.968 1.00 24.58 ? 162 TYR A CA  1 
ATOM   1440 C  C   . TYR A 1 165 ? -1.525  -1.645  -17.044 1.00 24.15 ? 162 TYR A C   1 
ATOM   1441 O  O   . TYR A 1 165 ? -2.161  -1.948  -16.023 1.00 22.37 ? 162 TYR A O   1 
ATOM   1442 C  CB  . TYR A 1 165 ? -0.711  0.694   -17.377 1.00 24.71 ? 162 TYR A CB  1 
ATOM   1443 C  CG  . TYR A 1 165 ? -2.079  1.035   -16.825 1.00 25.52 ? 162 TYR A CG  1 
ATOM   1444 C  CD1 . TYR A 1 165 ? -3.204  1.065   -17.648 1.00 26.19 ? 162 TYR A CD1 1 
ATOM   1445 C  CD2 . TYR A 1 165 ? -2.246  1.293   -15.467 1.00 25.59 ? 162 TYR A CD2 1 
ATOM   1446 C  CE1 . TYR A 1 165 ? -4.478  1.358   -17.121 1.00 28.07 ? 162 TYR A CE1 1 
ATOM   1447 C  CE2 . TYR A 1 165 ? -3.498  1.585   -14.926 1.00 27.38 ? 162 TYR A CE2 1 
ATOM   1448 C  CZ  . TYR A 1 165 ? -4.608  1.615   -15.750 1.00 28.32 ? 162 TYR A CZ  1 
ATOM   1449 O  OH  . TYR A 1 165 ? -5.836  1.899   -15.200 1.00 29.09 ? 162 TYR A OH  1 
ATOM   1450 N  N   . GLU A 1 166 ? -1.840  -2.094  -18.260 1.00 23.66 ? 163 GLU A N   1 
ATOM   1451 C  CA  . GLU A 1 166 ? -3.035  -2.891  -18.496 1.00 23.91 ? 163 GLU A CA  1 
ATOM   1452 C  C   . GLU A 1 166 ? -2.918  -4.245  -17.811 1.00 23.40 ? 163 GLU A C   1 
ATOM   1453 O  O   . GLU A 1 166 ? -3.882  -4.716  -17.182 1.00 22.34 ? 163 GLU A O   1 
ATOM   1454 C  CB  . GLU A 1 166 ? -3.304  -3.036  -20.002 1.00 24.52 ? 163 GLU A CB  1 
ATOM   1455 C  CG  . GLU A 1 166 ? -3.745  -1.728  -20.638 1.00 28.33 ? 163 GLU A CG  1 
ATOM   1456 C  CD  . GLU A 1 166 ? -5.030  -1.129  -20.015 1.00 34.58 ? 163 GLU A CD  1 
ATOM   1457 O  OE1 . GLU A 1 166 ? -5.377  0.039   -20.346 1.00 39.28 ? 163 GLU A OE1 1 
ATOM   1458 O  OE2 . GLU A 1 166 ? -5.698  -1.811  -19.200 1.00 36.29 ? 163 GLU A OE2 1 
ATOM   1459 N  N   . GLY A 1 167 ? -1.721  -4.830  -17.879 1.00 21.82 ? 164 GLY A N   1 
ATOM   1460 C  CA  . GLY A 1 167 ? -1.470  -6.099  -17.251 1.00 20.77 ? 164 GLY A CA  1 
ATOM   1461 C  C   . GLY A 1 167 ? -1.445  -5.952  -15.742 1.00 20.94 ? 164 GLY A C   1 
ATOM   1462 O  O   . GLY A 1 167 ? -1.879  -6.848  -15.030 1.00 20.47 ? 164 GLY A O   1 
ATOM   1463 N  N   . ILE A 1 168 ? -0.935  -4.835  -15.241 1.00 20.45 ? 165 ILE A N   1 
ATOM   1464 C  CA  . ILE A 1 168 ? -0.913  -4.642  -13.787 1.00 20.84 ? 165 ILE A CA  1 
ATOM   1465 C  C   . ILE A 1 168 ? -2.331  -4.387  -13.250 1.00 21.28 ? 165 ILE A C   1 
ATOM   1466 O  O   . ILE A 1 168 ? -2.740  -5.001  -12.248 1.00 21.03 ? 165 ILE A O   1 
ATOM   1467 C  CB  . ILE A 1 168 ? 0.029   -3.537  -13.382 1.00 20.76 ? 165 ILE A CB  1 
ATOM   1468 C  CG1 . ILE A 1 168 ? 1.475   -4.025  -13.583 1.00 22.31 ? 165 ILE A CG1 1 
ATOM   1469 C  CG2 . ILE A 1 168 ? -0.241  -3.101  -11.949 1.00 21.23 ? 165 ILE A CG2 1 
ATOM   1470 C  CD1 . ILE A 1 168 ? 2.460   -2.880  -13.681 1.00 21.40 ? 165 ILE A CD1 1 
ATOM   1471 N  N   . ARG A 1 169 ? -3.077  -3.516  -13.923 1.00 21.11 ? 166 ARG A N   1 
ATOM   1472 C  CA  . ARG A 1 169 ? -4.461  -3.232  -13.536 1.00 22.17 ? 166 ARG A CA  1 
ATOM   1473 C  C   . ARG A 1 169 ? -5.241  -4.507  -13.437 1.00 21.62 ? 166 ARG A C   1 
ATOM   1474 O  O   . ARG A 1 169 ? -5.970  -4.726  -12.472 1.00 21.50 ? 166 ARG A O   1 
ATOM   1475 C  CB  . ARG A 1 169 ? -5.132  -2.346  -14.581 1.00 22.88 ? 166 ARG A CB  1 
ATOM   1476 C  CG  . ARG A 1 169 ? -6.527  -1.916  -14.181 1.00 27.31 ? 166 ARG A CG  1 
ATOM   1477 C  CD  . ARG A 1 169 ? -7.139  -1.100  -15.293 1.00 32.48 ? 166 ARG A CD  1 
ATOM   1478 N  NE  . ARG A 1 169 ? -8.260  -1.774  -15.931 1.00 38.68 ? 166 ARG A NE  1 
ATOM   1479 C  CZ  . ARG A 1 169 ? -8.158  -2.699  -16.888 1.00 42.97 ? 166 ARG A CZ  1 
ATOM   1480 N  NH1 . ARG A 1 169 ? -9.263  -3.227  -17.387 1.00 43.09 ? 166 ARG A NH1 1 
ATOM   1481 N  NH2 . ARG A 1 169 ? -6.969  -3.118  -17.338 1.00 43.52 ? 166 ARG A NH2 1 
ATOM   1482 N  N   . HIS A 1 170 ? -5.086  -5.354  -14.447 1.00 21.47 ? 167 HIS A N   1 
ATOM   1483 C  CA  . HIS A 1 170 ? -5.799  -6.602  -14.484 1.00 22.64 ? 167 HIS A CA  1 
ATOM   1484 C  C   . HIS A 1 170 ? -5.428  -7.482  -13.265 1.00 21.97 ? 167 HIS A C   1 
ATOM   1485 O  O   . HIS A 1 170 ? -6.306  -7.962  -12.559 1.00 23.04 ? 167 HIS A O   1 
ATOM   1486 C  CB  . HIS A 1 170 ? -5.609  -7.334  -15.844 1.00 22.51 ? 167 HIS A CB  1 
ATOM   1487 C  CG  . HIS A 1 170 ? -6.356  -8.633  -15.919 1.00 25.07 ? 167 HIS A CG  1 
ATOM   1488 N  ND1 . HIS A 1 170 ? -7.723  -8.695  -16.104 1.00 27.86 ? 167 HIS A ND1 1 
ATOM   1489 C  CD2 . HIS A 1 170 ? -5.941  -9.914  -15.770 1.00 26.38 ? 167 HIS A CD2 1 
ATOM   1490 C  CE1 . HIS A 1 170 ? -8.114  -9.958  -16.094 1.00 26.44 ? 167 HIS A CE1 1 
ATOM   1491 N  NE2 . HIS A 1 170 ? -7.053  -10.720 -15.891 1.00 26.99 ? 167 HIS A NE2 1 
ATOM   1492 N  N   . LYS A 1 171 ? -4.142  -7.670  -13.012 1.00 21.23 ? 168 LYS A N   1 
ATOM   1493 C  CA  . LYS A 1 171 ? -3.672  -8.371  -11.810 1.00 21.62 ? 168 LYS A CA  1 
ATOM   1494 C  C   . LYS A 1 171 ? -4.243  -7.834  -10.487 1.00 20.48 ? 168 LYS A C   1 
ATOM   1495 O  O   . LYS A 1 171 ? -4.644  -8.616  -9.626  1.00 19.91 ? 168 LYS A O   1 
ATOM   1496 C  CB  . LYS A 1 171 ? -2.128  -8.345  -11.736 1.00 22.63 ? 168 LYS A CB  1 
ATOM   1497 C  CG  . LYS A 1 171 ? -1.445  -9.039  -12.907 1.00 26.19 ? 168 LYS A CG  1 
ATOM   1498 C  CD  . LYS A 1 171 ? 0.080   -9.141  -12.717 1.00 32.47 ? 168 LYS A CD  1 
ATOM   1499 C  CE  . LYS A 1 171 ? 0.822   -9.559  -14.010 1.00 34.94 ? 168 LYS A CE  1 
ATOM   1500 N  NZ  . LYS A 1 171 ? 1.247   -8.393  -14.898 1.00 37.95 ? 168 LYS A NZ  1 
ATOM   1501 N  N   . LEU A 1 172 ? -4.263  -6.506  -10.337 1.00 18.91 ? 169 LEU A N   1 
ATOM   1502 C  CA  . LEU A 1 172 ? -4.811  -5.853  -9.151  1.00 19.84 ? 169 LEU A CA  1 
ATOM   1503 C  C   . LEU A 1 172 ? -6.312  -6.108  -8.966  1.00 20.11 ? 169 LEU A C   1 
ATOM   1504 O  O   . LEU A 1 172 ? -6.765  -6.484  -7.858  1.00 20.26 ? 169 LEU A O   1 
ATOM   1505 C  CB  . LEU A 1 172 ? -4.574  -4.320  -9.203  1.00 19.03 ? 169 LEU A CB  1 
ATOM   1506 C  CG  . LEU A 1 172 ? -3.111  -3.840  -9.285  1.00 22.72 ? 169 LEU A CG  1 
ATOM   1507 C  CD1 . LEU A 1 172 ? -3.038  -2.313  -9.190  1.00 21.56 ? 169 LEU A CD1 1 
ATOM   1508 C  CD2 . LEU A 1 172 ? -2.258  -4.460  -8.216  1.00 19.54 ? 169 LEU A CD2 1 
ATOM   1509 N  N   . HIS A 1 173 ? -7.085  -5.863  -10.030 1.00 19.47 ? 170 HIS A N   1 
ATOM   1510 C  CA  . HIS A 1 173 ? -8.533  -5.988  -9.941  1.00 20.30 ? 170 HIS A CA  1 
ATOM   1511 C  C   . HIS A 1 173 ? -8.980  -7.413  -9.620  1.00 20.71 ? 170 HIS A C   1 
ATOM   1512 O  O   . HIS A 1 173 ? -9.922  -7.629  -8.873  1.00 20.43 ? 170 HIS A O   1 
ATOM   1513 C  CB  . HIS A 1 173 ? -9.171  -5.522  -11.234 1.00 19.79 ? 170 HIS A CB  1 
ATOM   1514 C  CG  . HIS A 1 173 ? -9.183  -4.038  -11.370 1.00 20.87 ? 170 HIS A CG  1 
ATOM   1515 N  ND1 . HIS A 1 173 ? -10.067 -3.373  -12.187 1.00 22.02 ? 170 HIS A ND1 1 
ATOM   1516 C  CD2 . HIS A 1 173 ? -8.444  -3.083  -10.750 1.00 23.51 ? 170 HIS A CD2 1 
ATOM   1517 C  CE1 . HIS A 1 173 ? -9.859  -2.068  -12.092 1.00 24.84 ? 170 HIS A CE1 1 
ATOM   1518 N  NE2 . HIS A 1 173 ? -8.884  -1.864  -11.219 1.00 28.17 ? 170 HIS A NE2 1 
ATOM   1519 N  N   . THR A 1 174 ? -8.307  -8.386  -10.186 1.00 20.80 ? 171 THR A N   1 
ATOM   1520 C  CA  . THR A 1 174 ? -8.808  -9.738  -10.022 1.00 21.32 ? 171 THR A CA  1 
ATOM   1521 C  C   . THR A 1 174 ? -8.309  -10.330 -8.707  1.00 22.23 ? 171 THR A C   1 
ATOM   1522 O  O   . THR A 1 174 ? -9.117  -10.871 -7.946  1.00 22.46 ? 171 THR A O   1 
ATOM   1523 C  CB  . THR A 1 174 ? -8.479  -10.618 -11.218 1.00 21.22 ? 171 THR A CB  1 
ATOM   1524 O  OG1 . THR A 1 174 ? -7.091  -10.495 -11.514 1.00 23.71 ? 171 THR A OG1 1 
ATOM   1525 C  CG2 . THR A 1 174 ? -9.241  -10.151 -12.455 1.00 22.27 ? 171 THR A CG2 1 
ATOM   1526 N  N   . ILE A 1 175 ? -7.016  -10.168 -8.411  1.00 21.94 ? 172 ILE A N   1 
ATOM   1527 C  CA  . ILE A 1 175 ? -6.399  -10.827 -7.258  1.00 22.15 ? 172 ILE A CA  1 
ATOM   1528 C  C   . ILE A 1 175 ? -6.580  -10.088 -5.953  1.00 22.68 ? 172 ILE A C   1 
ATOM   1529 O  O   . ILE A 1 175 ? -6.845  -10.701 -4.919  1.00 21.74 ? 172 ILE A O   1 
ATOM   1530 C  CB  . ILE A 1 175 ? -4.912  -11.102 -7.486  1.00 22.67 ? 172 ILE A CB  1 
ATOM   1531 C  CG1 . ILE A 1 175 ? -4.777  -12.031 -8.697  1.00 23.47 ? 172 ILE A CG1 1 
ATOM   1532 C  CG2 . ILE A 1 175 ? -4.310  -11.799 -6.234  1.00 23.85 ? 172 ILE A CG2 1 
ATOM   1533 C  CD1 . ILE A 1 175 ? -3.634  -11.723 -9.606  1.00 28.87 ? 172 ILE A CD1 1 
ATOM   1534 N  N   . VAL A 1 176 ? -6.441  -8.770  -5.982  1.00 22.67 ? 173 VAL A N   1 
ATOM   1535 C  CA  . VAL A 1 176 ? -6.525  -8.052  -4.729  1.00 23.73 ? 173 VAL A CA  1 
ATOM   1536 C  C   . VAL A 1 176 ? -7.979  -7.710  -4.375  1.00 23.46 ? 173 VAL A C   1 
ATOM   1537 O  O   . VAL A 1 176 ? -8.398  -7.782  -3.217  1.00 23.37 ? 173 VAL A O   1 
ATOM   1538 C  CB  . VAL A 1 176 ? -5.604  -6.819  -4.742  1.00 23.17 ? 173 VAL A CB  1 
ATOM   1539 C  CG1 . VAL A 1 176 ? -5.855  -5.952  -3.528  1.00 23.68 ? 173 VAL A CG1 1 
ATOM   1540 C  CG2 . VAL A 1 176 ? -4.137  -7.282  -4.804  1.00 23.78 ? 173 VAL A CG2 1 
ATOM   1541 N  N   . TYR A 1 177 ? -8.727  -7.331  -5.392  1.00 24.04 ? 174 TYR A N   1 
ATOM   1542 C  CA  . TYR A 1 177 ? -10.058 -6.758  -5.204  1.00 24.90 ? 174 TYR A CA  1 
ATOM   1543 C  C   . TYR A 1 177 ? -11.188 -7.722  -5.540  1.00 25.66 ? 174 TYR A C   1 
ATOM   1544 O  O   . TYR A 1 177 ? -12.354 -7.424  -5.255  1.00 25.45 ? 174 TYR A O   1 
ATOM   1545 C  CB  . TYR A 1 177 ? -10.164 -5.423  -5.951  1.00 24.23 ? 174 TYR A CB  1 
ATOM   1546 C  CG  . TYR A 1 177 ? -9.190  -4.428  -5.348  1.00 23.26 ? 174 TYR A CG  1 
ATOM   1547 C  CD1 . TYR A 1 177 ? -7.994  -4.148  -5.968  1.00 25.66 ? 174 TYR A CD1 1 
ATOM   1548 C  CD2 . TYR A 1 177 ? -9.470  -3.785  -4.147  1.00 21.56 ? 174 TYR A CD2 1 
ATOM   1549 C  CE1 . TYR A 1 177 ? -7.090  -3.248  -5.430  1.00 23.12 ? 174 TYR A CE1 1 
ATOM   1550 C  CE2 . TYR A 1 177 ? -8.563  -2.903  -3.570  1.00 20.93 ? 174 TYR A CE2 1 
ATOM   1551 C  CZ  . TYR A 1 177 ? -7.367  -2.640  -4.230  1.00 25.02 ? 174 TYR A CZ  1 
ATOM   1552 O  OH  . TYR A 1 177 ? -6.436  -1.757  -3.709  1.00 24.97 ? 174 TYR A OH  1 
ATOM   1553 N  N   . GLY A 1 178 ? -10.824 -8.886  -6.084  1.00 26.12 ? 175 GLY A N   1 
ATOM   1554 C  CA  . GLY A 1 178 ? -11.775 -9.964  -6.351  1.00 27.53 ? 175 GLY A CA  1 
ATOM   1555 C  C   . GLY A 1 178 ? -12.823 -9.627  -7.388  1.00 28.34 ? 175 GLY A C   1 
ATOM   1556 O  O   . GLY A 1 178 ? -13.934 -10.165 -7.345  1.00 28.32 ? 175 GLY A O   1 
ATOM   1557 N  N   . VAL A 1 179 ? -12.473 -8.750  -8.333  1.00 28.91 ? 176 VAL A N   1 
ATOM   1558 C  CA  . VAL A 1 179 ? -13.318 -8.504  -9.516  1.00 30.07 ? 176 VAL A CA  1 
ATOM   1559 C  C   . VAL A 1 179 ? -13.419 -9.748  -10.427 1.00 31.33 ? 176 VAL A C   1 
ATOM   1560 O  O   . VAL A 1 179 ? -12.428 -10.464 -10.611 1.00 31.17 ? 176 VAL A O   1 
ATOM   1561 C  CB  . VAL A 1 179 ? -12.838 -7.252  -10.323 1.00 29.98 ? 176 VAL A CB  1 
ATOM   1562 C  CG1 . VAL A 1 179 ? -13.515 -7.167  -11.706 1.00 29.59 ? 176 VAL A CG1 1 
ATOM   1563 C  CG2 . VAL A 1 179 ? -13.091 -5.992  -9.516  1.00 28.97 ? 176 VAL A CG2 1 
ATOM   1564 N  N   . LYS A 1 180 ? -14.632 -9.983  -10.943 1.00 32.52 ? 177 LYS A N   1 
ATOM   1565 C  CA  . LYS A 1 180 ? -14.973 -10.986 -11.972 1.00 34.42 ? 177 LYS A CA  1 
ATOM   1566 C  C   . LYS A 1 180 ? -14.870 -12.404 -11.441 1.00 34.85 ? 177 LYS A C   1 
ATOM   1567 O  O   . LYS A 1 180 ? -15.734 -12.838 -10.682 1.00 35.69 ? 177 LYS A O   1 
ATOM   1568 C  CB  . LYS A 1 180 ? -14.188 -10.797 -13.291 1.00 34.79 ? 177 LYS A CB  1 
ATOM   1569 C  CG  . LYS A 1 180 ? -13.007 -11.763 -13.512 1.00 35.97 ? 177 LYS A CG  1 
ATOM   1570 C  CD  . LYS A 1 180 ? -11.933 -11.124 -14.403 1.00 39.21 ? 177 LYS A CD  1 
ATOM   1571 C  CE  . LYS A 1 180 ? -11.243 -12.145 -15.323 1.00 39.91 ? 177 LYS A CE  1 
ATOM   1572 N  NZ  . LYS A 1 180 ? -10.650 -13.329 -14.616 1.00 40.50 ? 177 LYS A NZ  1 
HETATM 1573 S  S   . SO4 B 2 .   ? 10.551  14.655  2.600   1.00 50.71 ? 201 SO4 A S   1 
HETATM 1574 O  O1  . SO4 B 2 .   ? 9.123   14.528  2.927   1.00 49.93 ? 201 SO4 A O1  1 
HETATM 1575 O  O2  . SO4 B 2 .   ? 10.808  14.705  1.161   1.00 52.61 ? 201 SO4 A O2  1 
HETATM 1576 O  O3  . SO4 B 2 .   ? 11.205  13.432  3.106   1.00 54.81 ? 201 SO4 A O3  1 
HETATM 1577 O  O4  . SO4 B 2 .   ? 11.121  15.844  3.230   1.00 51.68 ? 201 SO4 A O4  1 
HETATM 1578 S  S   . SO4 C 2 .   ? 1.552   14.630  3.763   0.60 35.64 ? 202 SO4 A S   1 
HETATM 1579 O  O1  . SO4 C 2 .   ? 0.656   13.605  3.257   0.60 34.87 ? 202 SO4 A O1  1 
HETATM 1580 O  O2  . SO4 C 2 .   ? 2.901   14.501  3.201   0.60 36.53 ? 202 SO4 A O2  1 
HETATM 1581 O  O3  . SO4 C 2 .   ? 1.683   14.466  5.212   0.60 38.23 ? 202 SO4 A O3  1 
HETATM 1582 O  O4  . SO4 C 2 .   ? 0.988   15.919  3.462   0.60 33.66 ? 202 SO4 A O4  1 
HETATM 1583 O  O   . HOH D 3 .   ? 3.136   -10.064 18.644  1.00 27.59 ? 203 HOH A O   1 
HETATM 1584 O  O   . HOH D 3 .   ? -7.462  -4.471  3.049   1.00 25.81 ? 204 HOH A O   1 
HETATM 1585 O  O   . HOH D 3 .   ? 0.016   -14.571 4.308   1.00 11.74 ? 205 HOH A O   1 
HETATM 1586 O  O   . HOH D 3 .   ? -1.447  1.407   -2.556  1.00 21.41 ? 206 HOH A O   1 
HETATM 1587 O  O   . HOH D 3 .   ? -1.886  3.012   2.364   1.00 18.36 ? 207 HOH A O   1 
HETATM 1588 O  O   . HOH D 3 .   ? -3.108  9.693   -1.680  1.00 24.34 ? 208 HOH A O   1 
HETATM 1589 O  O   . HOH D 3 .   ? -2.576  5.576   -12.923 1.00 19.49 ? 209 HOH A O   1 
HETATM 1590 O  O   . HOH D 3 .   ? -15.294 1.927   -2.063  1.00 15.37 ? 210 HOH A O   1 
HETATM 1591 O  O   . HOH D 3 .   ? -15.404 -0.165  -0.302  1.00 19.27 ? 211 HOH A O   1 
HETATM 1592 O  O   . HOH D 3 .   ? -14.175 -7.278  2.312   1.00 41.35 ? 212 HOH A O   1 
HETATM 1593 O  O   . HOH D 3 .   ? -10.964 8.184   -4.626  1.00 30.84 ? 213 HOH A O   1 
HETATM 1594 O  O   . HOH D 3 .   ? -6.707  18.146  1.316   1.00 22.11 ? 214 HOH A O   1 
HETATM 1595 O  O   . HOH D 3 .   ? -7.837  21.296  -1.112  1.00 29.26 ? 215 HOH A O   1 
HETATM 1596 O  O   . HOH D 3 .   ? -9.608  1.059   -13.529 1.00 27.11 ? 216 HOH A O   1 
HETATM 1597 O  O   . HOH D 3 .   ? -10.268 6.180   10.632  1.00 26.48 ? 217 HOH A O   1 
HETATM 1598 O  O   . HOH D 3 .   ? -8.278  14.343  -4.225  1.00 40.00 ? 218 HOH A O   1 
HETATM 1599 O  O   . HOH D 3 .   ? 1.298   -12.416 5.819   1.00 44.00 ? 219 HOH A O   1 
HETATM 1600 O  O   . HOH D 3 .   ? 12.540  -8.120  -3.947  1.00 18.29 ? 220 HOH A O   1 
HETATM 1601 O  O   . HOH D 3 .   ? 13.846  -5.271  6.973   1.00 15.93 ? 221 HOH A O   1 
HETATM 1602 O  O   . HOH D 3 .   ? 17.617  -5.971  -1.091  1.00 37.55 ? 222 HOH A O   1 
HETATM 1603 O  O   . HOH D 3 .   ? -0.561  -0.727  -20.773 1.00 35.65 ? 223 HOH A O   1 
HETATM 1604 O  O   . HOH D 3 .   ? 14.105  -9.964  -5.316  1.00 25.29 ? 224 HOH A O   1 
HETATM 1605 O  O   . HOH D 3 .   ? -1.029  5.367   3.243   1.00 23.80 ? 225 HOH A O   1 
HETATM 1606 O  O   . HOH D 3 .   ? -6.114  -0.671  -1.131  1.00 30.50 ? 226 HOH A O   1 
HETATM 1607 O  O   . HOH D 3 .   ? -12.182 2.821   10.084  1.00 19.18 ? 227 HOH A O   1 
HETATM 1608 O  O   . HOH D 3 .   ? 7.687   -11.340 -0.735  1.00 30.01 ? 228 HOH A O   1 
HETATM 1609 O  O   . HOH D 3 .   ? -13.487 5.194   11.287  1.00 36.89 ? 229 HOH A O   1 
HETATM 1610 O  O   . HOH D 3 .   ? 12.653  -8.700  10.660  1.00 30.76 ? 230 HOH A O   1 
HETATM 1611 O  O   . HOH D 3 .   ? 0.130   -4.860  -19.957 1.00 29.57 ? 231 HOH A O   1 
HETATM 1612 O  O   . HOH D 3 .   ? -1.084  6.153   5.921   1.00 33.37 ? 232 HOH A O   1 
HETATM 1613 O  O   . HOH D 3 .   ? 4.744   17.007  -0.565  1.00 26.45 ? 233 HOH A O   1 
HETATM 1614 O  O   . HOH D 3 .   ? 7.121   11.670  8.131   1.00 25.52 ? 234 HOH A O   1 
HETATM 1615 O  O   . HOH D 3 .   ? 7.448   -9.882  4.026   1.00 22.88 ? 235 HOH A O   1 
HETATM 1616 O  O   . HOH D 3 .   ? 4.180   9.044   11.618  1.00 37.08 ? 236 HOH A O   1 
HETATM 1617 O  O   . HOH D 3 .   ? 5.809   11.218  -11.835 1.00 23.76 ? 237 HOH A O   1 
HETATM 1618 O  O   . HOH D 3 .   ? 4.175   3.256   17.945  1.00 26.40 ? 238 HOH A O   1 
HETATM 1619 O  O   . HOH D 3 .   ? 0.835   7.326   7.910   1.00 21.01 ? 239 HOH A O   1 
HETATM 1620 O  O   . HOH D 3 .   ? -7.250  22.100  -5.115  1.00 33.19 ? 240 HOH A O   1 
HETATM 1621 O  O   . HOH D 3 .   ? 1.857   -14.079 20.246  1.00 24.48 ? 241 HOH A O   1 
HETATM 1622 O  O   . HOH D 3 .   ? -9.461  -16.532 10.308  1.00 37.21 ? 242 HOH A O   1 
# 
